data_8JVS
# 
_entry.id   8JVS 
# 
_audit_conform.dict_name       mmcif_pdbx.dic 
_audit_conform.dict_version    5.395 
_audit_conform.dict_location   http://mmcif.pdb.org/dictionaries/ascii/mmcif_pdbx.dic 
# 
loop_
_database_2.database_id 
_database_2.database_code 
_database_2.pdbx_database_accession 
_database_2.pdbx_DOI 
PDB   8JVS         pdb_00008jvs 10.2210/pdb8jvs/pdb 
WWPDB D_1300038840 ?            ?                   
# 
loop_
_pdbx_audit_revision_history.ordinal 
_pdbx_audit_revision_history.data_content_type 
_pdbx_audit_revision_history.major_revision 
_pdbx_audit_revision_history.minor_revision 
_pdbx_audit_revision_history.revision_date 
1 'Structure model' 1 0 2024-07-03 
2 'Structure model' 1 1 2024-08-07 
# 
_pdbx_audit_revision_details.ordinal             1 
_pdbx_audit_revision_details.revision_ordinal    1 
_pdbx_audit_revision_details.data_content_type   'Structure model' 
_pdbx_audit_revision_details.provider            repository 
_pdbx_audit_revision_details.type                'Initial release' 
_pdbx_audit_revision_details.description         ? 
_pdbx_audit_revision_details.details             ? 
# 
_pdbx_audit_revision_group.ordinal             1 
_pdbx_audit_revision_group.revision_ordinal    2 
_pdbx_audit_revision_group.data_content_type   'Structure model' 
_pdbx_audit_revision_group.group               'Database references' 
# 
loop_
_pdbx_audit_revision_category.ordinal 
_pdbx_audit_revision_category.revision_ordinal 
_pdbx_audit_revision_category.data_content_type 
_pdbx_audit_revision_category.category 
1 2 'Structure model' citation        
2 2 'Structure model' citation_author 
# 
loop_
_pdbx_audit_revision_item.ordinal 
_pdbx_audit_revision_item.revision_ordinal 
_pdbx_audit_revision_item.data_content_type 
_pdbx_audit_revision_item.item 
1  2 'Structure model' '_citation.country'                 
2  2 'Structure model' '_citation.journal_abbrev'          
3  2 'Structure model' '_citation.journal_id_CSD'          
4  2 'Structure model' '_citation.journal_id_ISSN'         
5  2 'Structure model' '_citation.journal_volume'          
6  2 'Structure model' '_citation.page_first'              
7  2 'Structure model' '_citation.page_last'               
8  2 'Structure model' '_citation.pdbx_database_id_DOI'    
9  2 'Structure model' '_citation.pdbx_database_id_PubMed' 
10 2 'Structure model' '_citation.title'                   
11 2 'Structure model' '_citation.year'                    
12 2 'Structure model' '_citation_author.identifier_ORCID' 
# 
_pdbx_database_status.status_code                     REL 
_pdbx_database_status.status_code_sf                  REL 
_pdbx_database_status.status_code_mr                  ? 
_pdbx_database_status.entry_id                        8JVS 
_pdbx_database_status.recvd_initial_deposition_date   2023-06-28 
_pdbx_database_status.SG_entry                        N 
_pdbx_database_status.deposit_site                    PDBJ 
_pdbx_database_status.process_site                    PDBJ 
_pdbx_database_status.status_code_cs                  ? 
_pdbx_database_status.status_code_nmr_data            ? 
_pdbx_database_status.methods_development_category    ? 
_pdbx_database_status.pdb_format_compatible           Y 
# 
_pdbx_contact_author.id                 2 
_pdbx_contact_author.email              shunsuke.tagami@riken.jp 
_pdbx_contact_author.name_first         Shunsuke 
_pdbx_contact_author.name_last          Tagami 
_pdbx_contact_author.name_mi            ? 
_pdbx_contact_author.role               'principal investigator/group leader' 
_pdbx_contact_author.identifier_ORCID   0000-0002-1720-3627 
# 
loop_
_audit_author.name 
_audit_author.pdbx_ordinal 
_audit_author.identifier_ORCID 
'Yagi, S.'   1 ? 
'Tagami, S.' 2 ? 
# 
_citation.abstract                  ? 
_citation.abstract_id_CAS           ? 
_citation.book_id_ISBN              ? 
_citation.book_publisher            ? 
_citation.book_publisher_city       ? 
_citation.book_title                ? 
_citation.coordinate_linkage        ? 
_citation.country                   UK 
_citation.database_id_Medline       ? 
_citation.details                   ? 
_citation.id                        primary 
_citation.journal_abbrev            'Nat Commun' 
_citation.journal_id_ASTM           ? 
_citation.journal_id_CSD            ? 
_citation.journal_id_ISSN           2041-1723 
_citation.journal_full              ? 
_citation.journal_issue             ? 
_citation.journal_volume            15 
_citation.language                  ? 
_citation.page_first                5938 
_citation.page_last                 5938 
_citation.title                     
'An ancestral fold reveals the evolutionary link between RNA polymerase and ribosomal proteins.' 
_citation.year                      2024 
_citation.database_id_CSD           ? 
_citation.pdbx_database_id_DOI      10.1038/s41467-024-50013-9 
_citation.pdbx_database_id_PubMed   39025855 
_citation.pdbx_database_id_patent   ? 
_citation.unpublished_flag          ? 
# 
loop_
_citation_author.citation_id 
_citation_author.name 
_citation_author.ordinal 
_citation_author.identifier_ORCID 
primary 'Yagi, S.'   1 0000-0002-7117-3318 
primary 'Tagami, S.' 2 0000-0002-1720-3627 
# 
loop_
_entity.id 
_entity.type 
_entity.src_method 
_entity.pdbx_description 
_entity.formula_weight 
_entity.pdbx_number_of_molecules 
_entity.pdbx_ec 
_entity.pdbx_mutation 
_entity.pdbx_fragment 
_entity.details 
1 polymer man tkoL2_v1 5901.013 1  ? ? ? ? 
2 water   nat water    18.015   51 ? ? ? ? 
# 
_entity_poly.entity_id                      1 
_entity_poly.type                           'polypeptide(L)' 
_entity_poly.nstd_linkage                   no 
_entity_poly.nstd_monomer                   no 
_entity_poly.pdbx_seq_one_letter_code       GPMPGKKVVARVEEILHDPGRTAPVARVKFEDGTKKLIIAPEGVKVGDVVEVKKV 
_entity_poly.pdbx_seq_one_letter_code_can   GPMPGKKVVARVEEILHDPGRTAPVARVKFEDGTKKLIIAPEGVKVGDVVEVKKV 
_entity_poly.pdbx_strand_id                 A 
_entity_poly.pdbx_target_identifier         ? 
# 
_pdbx_entity_nonpoly.entity_id   2 
_pdbx_entity_nonpoly.name        water 
_pdbx_entity_nonpoly.comp_id     HOH 
# 
loop_
_entity_poly_seq.entity_id 
_entity_poly_seq.num 
_entity_poly_seq.mon_id 
_entity_poly_seq.hetero 
1 1  GLY n 
1 2  PRO n 
1 3  MET n 
1 4  PRO n 
1 5  GLY n 
1 6  LYS n 
1 7  LYS n 
1 8  VAL n 
1 9  VAL n 
1 10 ALA n 
1 11 ARG n 
1 12 VAL n 
1 13 GLU n 
1 14 GLU n 
1 15 ILE n 
1 16 LEU n 
1 17 HIS n 
1 18 ASP n 
1 19 PRO n 
1 20 GLY n 
1 21 ARG n 
1 22 THR n 
1 23 ALA n 
1 24 PRO n 
1 25 VAL n 
1 26 ALA n 
1 27 ARG n 
1 28 VAL n 
1 29 LYS n 
1 30 PHE n 
1 31 GLU n 
1 32 ASP n 
1 33 GLY n 
1 34 THR n 
1 35 LYS n 
1 36 LYS n 
1 37 LEU n 
1 38 ILE n 
1 39 ILE n 
1 40 ALA n 
1 41 PRO n 
1 42 GLU n 
1 43 GLY n 
1 44 VAL n 
1 45 LYS n 
1 46 VAL n 
1 47 GLY n 
1 48 ASP n 
1 49 VAL n 
1 50 VAL n 
1 51 GLU n 
1 52 VAL n 
1 53 LYS n 
1 54 LYS n 
1 55 VAL n 
# 
_entity_src_gen.entity_id                          1 
_entity_src_gen.pdbx_src_id                        1 
_entity_src_gen.pdbx_alt_source_flag               sample 
_entity_src_gen.pdbx_seq_type                      'Biological sequence' 
_entity_src_gen.pdbx_beg_seq_num                   1 
_entity_src_gen.pdbx_end_seq_num                   55 
_entity_src_gen.gene_src_common_name               ? 
_entity_src_gen.gene_src_genus                     ? 
_entity_src_gen.pdbx_gene_src_gene                 ? 
_entity_src_gen.gene_src_species                   ? 
_entity_src_gen.gene_src_strain                    ? 
_entity_src_gen.gene_src_tissue                    ? 
_entity_src_gen.gene_src_tissue_fraction           ? 
_entity_src_gen.gene_src_details                   ? 
_entity_src_gen.pdbx_gene_src_fragment             ? 
_entity_src_gen.pdbx_gene_src_scientific_name      'synthetic construct' 
_entity_src_gen.pdbx_gene_src_ncbi_taxonomy_id     32630 
_entity_src_gen.pdbx_gene_src_variant              ? 
_entity_src_gen.pdbx_gene_src_cell_line            ? 
_entity_src_gen.pdbx_gene_src_atcc                 ? 
_entity_src_gen.pdbx_gene_src_organ                ? 
_entity_src_gen.pdbx_gene_src_organelle            ? 
_entity_src_gen.pdbx_gene_src_cell                 ? 
_entity_src_gen.pdbx_gene_src_cellular_location    ? 
_entity_src_gen.host_org_common_name               ? 
_entity_src_gen.pdbx_host_org_scientific_name      'Escherichia coli BL21(DE3)' 
_entity_src_gen.pdbx_host_org_ncbi_taxonomy_id     469008 
_entity_src_gen.host_org_genus                     ? 
_entity_src_gen.pdbx_host_org_gene                 ? 
_entity_src_gen.pdbx_host_org_organ                ? 
_entity_src_gen.host_org_species                   ? 
_entity_src_gen.pdbx_host_org_tissue               ? 
_entity_src_gen.pdbx_host_org_tissue_fraction      ? 
_entity_src_gen.pdbx_host_org_strain               ? 
_entity_src_gen.pdbx_host_org_variant              ? 
_entity_src_gen.pdbx_host_org_cell_line            ? 
_entity_src_gen.pdbx_host_org_atcc                 ? 
_entity_src_gen.pdbx_host_org_culture_collection   ? 
_entity_src_gen.pdbx_host_org_cell                 ? 
_entity_src_gen.pdbx_host_org_organelle            ? 
_entity_src_gen.pdbx_host_org_cellular_location    ? 
_entity_src_gen.pdbx_host_org_vector_type          ? 
_entity_src_gen.pdbx_host_org_vector               ? 
_entity_src_gen.host_org_details                   ? 
_entity_src_gen.expression_system_id               ? 
_entity_src_gen.plasmid_name                       ? 
_entity_src_gen.plasmid_details                    ? 
_entity_src_gen.pdbx_description                   ? 
# 
loop_
_chem_comp.id 
_chem_comp.type 
_chem_comp.mon_nstd_flag 
_chem_comp.name 
_chem_comp.pdbx_synonyms 
_chem_comp.formula 
_chem_comp.formula_weight 
ALA 'L-peptide linking' y ALANINE         ? 'C3 H7 N O2'     89.093  
ARG 'L-peptide linking' y ARGININE        ? 'C6 H15 N4 O2 1' 175.209 
ASP 'L-peptide linking' y 'ASPARTIC ACID' ? 'C4 H7 N O4'     133.103 
GLU 'L-peptide linking' y 'GLUTAMIC ACID' ? 'C5 H9 N O4'     147.129 
GLY 'peptide linking'   y GLYCINE         ? 'C2 H5 N O2'     75.067  
HIS 'L-peptide linking' y HISTIDINE       ? 'C6 H10 N3 O2 1' 156.162 
HOH non-polymer         . WATER           ? 'H2 O'           18.015  
ILE 'L-peptide linking' y ISOLEUCINE      ? 'C6 H13 N O2'    131.173 
LEU 'L-peptide linking' y LEUCINE         ? 'C6 H13 N O2'    131.173 
LYS 'L-peptide linking' y LYSINE          ? 'C6 H15 N2 O2 1' 147.195 
MET 'L-peptide linking' y METHIONINE      ? 'C5 H11 N O2 S'  149.211 
PHE 'L-peptide linking' y PHENYLALANINE   ? 'C9 H11 N O2'    165.189 
PRO 'L-peptide linking' y PROLINE         ? 'C5 H9 N O2'     115.130 
THR 'L-peptide linking' y THREONINE       ? 'C4 H9 N O3'     119.119 
VAL 'L-peptide linking' y VALINE          ? 'C5 H11 N O2'    117.146 
# 
loop_
_pdbx_poly_seq_scheme.asym_id 
_pdbx_poly_seq_scheme.entity_id 
_pdbx_poly_seq_scheme.seq_id 
_pdbx_poly_seq_scheme.mon_id 
_pdbx_poly_seq_scheme.ndb_seq_num 
_pdbx_poly_seq_scheme.pdb_seq_num 
_pdbx_poly_seq_scheme.auth_seq_num 
_pdbx_poly_seq_scheme.pdb_mon_id 
_pdbx_poly_seq_scheme.auth_mon_id 
_pdbx_poly_seq_scheme.pdb_strand_id 
_pdbx_poly_seq_scheme.pdb_ins_code 
_pdbx_poly_seq_scheme.hetero 
A 1 1  GLY 1  1  ?  ?   ?   A . n 
A 1 2  PRO 2  2  ?  ?   ?   A . n 
A 1 3  MET 3  3  ?  ?   ?   A . n 
A 1 4  PRO 4  4  ?  ?   ?   A . n 
A 1 5  GLY 5  5  ?  ?   ?   A . n 
A 1 6  LYS 6  6  6  LYS LYS A . n 
A 1 7  LYS 7  7  7  LYS LYS A . n 
A 1 8  VAL 8  8  8  VAL VAL A . n 
A 1 9  VAL 9  9  9  VAL VAL A . n 
A 1 10 ALA 10 10 10 ALA ALA A . n 
A 1 11 ARG 11 11 11 ARG ARG A . n 
A 1 12 VAL 12 12 12 VAL VAL A . n 
A 1 13 GLU 13 13 13 GLU GLU A . n 
A 1 14 GLU 14 14 14 GLU GLU A . n 
A 1 15 ILE 15 15 15 ILE ILE A . n 
A 1 16 LEU 16 16 16 LEU LEU A . n 
A 1 17 HIS 17 17 17 HIS HIS A . n 
A 1 18 ASP 18 18 18 ASP ASP A . n 
A 1 19 PRO 19 19 19 PRO PRO A . n 
A 1 20 GLY 20 20 20 GLY GLY A . n 
A 1 21 ARG 21 21 21 ARG ARG A . n 
A 1 22 THR 22 22 22 THR THR A . n 
A 1 23 ALA 23 23 23 ALA ALA A . n 
A 1 24 PRO 24 24 24 PRO PRO A . n 
A 1 25 VAL 25 25 25 VAL VAL A . n 
A 1 26 ALA 26 26 26 ALA ALA A . n 
A 1 27 ARG 27 27 27 ARG ARG A . n 
A 1 28 VAL 28 28 28 VAL VAL A . n 
A 1 29 LYS 29 29 29 LYS LYS A . n 
A 1 30 PHE 30 30 30 PHE PHE A . n 
A 1 31 GLU 31 31 31 GLU GLU A . n 
A 1 32 ASP 32 32 32 ASP ASP A . n 
A 1 33 GLY 33 33 33 GLY GLY A . n 
A 1 34 THR 34 34 34 THR THR A . n 
A 1 35 LYS 35 35 35 LYS LYS A . n 
A 1 36 LYS 36 36 36 LYS LYS A . n 
A 1 37 LEU 37 37 37 LEU LEU A . n 
A 1 38 ILE 38 38 38 ILE ILE A . n 
A 1 39 ILE 39 39 39 ILE ILE A . n 
A 1 40 ALA 40 40 40 ALA ALA A . n 
A 1 41 PRO 41 41 41 PRO PRO A . n 
A 1 42 GLU 42 42 42 GLU GLU A . n 
A 1 43 GLY 43 43 43 GLY GLY A . n 
A 1 44 VAL 44 44 44 VAL VAL A . n 
A 1 45 LYS 45 45 45 LYS LYS A . n 
A 1 46 VAL 46 46 46 VAL VAL A . n 
A 1 47 GLY 47 47 47 GLY GLY A . n 
A 1 48 ASP 48 48 48 ASP ASP A . n 
A 1 49 VAL 49 49 49 VAL VAL A . n 
A 1 50 VAL 50 50 50 VAL VAL A . n 
A 1 51 GLU 51 51 51 GLU GLU A . n 
A 1 52 VAL 52 52 52 VAL VAL A . n 
A 1 53 LYS 53 53 53 LYS LYS A . n 
A 1 54 LYS 54 54 54 LYS LYS A . n 
A 1 55 VAL 55 55 55 VAL VAL A . n 
# 
loop_
_pdbx_nonpoly_scheme.asym_id 
_pdbx_nonpoly_scheme.entity_id 
_pdbx_nonpoly_scheme.mon_id 
_pdbx_nonpoly_scheme.ndb_seq_num 
_pdbx_nonpoly_scheme.pdb_seq_num 
_pdbx_nonpoly_scheme.auth_seq_num 
_pdbx_nonpoly_scheme.pdb_mon_id 
_pdbx_nonpoly_scheme.auth_mon_id 
_pdbx_nonpoly_scheme.pdb_strand_id 
_pdbx_nonpoly_scheme.pdb_ins_code 
B 2 HOH 1  101 48 HOH HOH A . 
B 2 HOH 2  102 36 HOH HOH A . 
B 2 HOH 3  103 28 HOH HOH A . 
B 2 HOH 4  104 20 HOH HOH A . 
B 2 HOH 5  105 33 HOH HOH A . 
B 2 HOH 6  106 24 HOH HOH A . 
B 2 HOH 7  107 53 HOH HOH A . 
B 2 HOH 8  108 23 HOH HOH A . 
B 2 HOH 9  109 9  HOH HOH A . 
B 2 HOH 10 110 37 HOH HOH A . 
B 2 HOH 11 111 13 HOH HOH A . 
B 2 HOH 12 112 3  HOH HOH A . 
B 2 HOH 13 113 16 HOH HOH A . 
B 2 HOH 14 114 35 HOH HOH A . 
B 2 HOH 15 115 2  HOH HOH A . 
B 2 HOH 16 116 1  HOH HOH A . 
B 2 HOH 17 117 11 HOH HOH A . 
B 2 HOH 18 118 18 HOH HOH A . 
B 2 HOH 19 119 38 HOH HOH A . 
B 2 HOH 20 120 42 HOH HOH A . 
B 2 HOH 21 121 12 HOH HOH A . 
B 2 HOH 22 122 6  HOH HOH A . 
B 2 HOH 23 123 10 HOH HOH A . 
B 2 HOH 24 124 32 HOH HOH A . 
B 2 HOH 25 125 8  HOH HOH A . 
B 2 HOH 26 126 39 HOH HOH A . 
B 2 HOH 27 127 40 HOH HOH A . 
B 2 HOH 28 128 17 HOH HOH A . 
B 2 HOH 29 129 31 HOH HOH A . 
B 2 HOH 30 130 4  HOH HOH A . 
B 2 HOH 31 131 34 HOH HOH A . 
B 2 HOH 32 132 5  HOH HOH A . 
B 2 HOH 33 133 7  HOH HOH A . 
B 2 HOH 34 134 47 HOH HOH A . 
B 2 HOH 35 135 21 HOH HOH A . 
B 2 HOH 36 136 14 HOH HOH A . 
B 2 HOH 37 137 19 HOH HOH A . 
B 2 HOH 38 138 25 HOH HOH A . 
B 2 HOH 39 139 15 HOH HOH A . 
B 2 HOH 40 140 43 HOH HOH A . 
B 2 HOH 41 141 27 HOH HOH A . 
B 2 HOH 42 142 30 HOH HOH A . 
B 2 HOH 43 143 50 HOH HOH A . 
B 2 HOH 44 144 54 HOH HOH A . 
B 2 HOH 45 145 44 HOH HOH A . 
B 2 HOH 46 146 22 HOH HOH A . 
B 2 HOH 47 147 46 HOH HOH A . 
B 2 HOH 48 148 29 HOH HOH A . 
B 2 HOH 49 149 52 HOH HOH A . 
B 2 HOH 50 150 55 HOH HOH A . 
B 2 HOH 51 151 26 HOH HOH A . 
# 
loop_
_software.citation_id 
_software.classification 
_software.compiler_name 
_software.compiler_version 
_software.contact_author 
_software.contact_author_email 
_software.date 
_software.description 
_software.dependencies 
_software.hardware 
_software.language 
_software.location 
_software.mods 
_software.name 
_software.os 
_software.os_version 
_software.type 
_software.version 
_software.pdbx_ordinal 
? refinement       ? ? ? ? ? ? ? ? ? ? ? PHENIX ? ? ? '(1.14_3260: ???)' 1 
? 'data reduction' ? ? ? ? ? ? ? ? ? ? ? XDS    ? ? ? .                  2 
? 'data scaling'   ? ? ? ? ? ? ? ? ? ? ? XDS    ? ? ? .                  3 
? phasing          ? ? ? ? ? ? ? ? ? ? ? PHENIX ? ? ? .                  4 
# 
_cell.angle_alpha                  90.00 
_cell.angle_alpha_esd              ? 
_cell.angle_beta                   90.00 
_cell.angle_beta_esd               ? 
_cell.angle_gamma                  90.00 
_cell.angle_gamma_esd              ? 
_cell.entry_id                     8JVS 
_cell.details                      ? 
_cell.formula_units_Z              ? 
_cell.length_a                     40.509 
_cell.length_a_esd                 ? 
_cell.length_b                     40.509 
_cell.length_b_esd                 ? 
_cell.length_c                     68.599 
_cell.length_c_esd                 ? 
_cell.volume                       ? 
_cell.volume_esd                   ? 
_cell.Z_PDB                        8 
_cell.reciprocal_angle_alpha       ? 
_cell.reciprocal_angle_beta        ? 
_cell.reciprocal_angle_gamma       ? 
_cell.reciprocal_angle_alpha_esd   ? 
_cell.reciprocal_angle_beta_esd    ? 
_cell.reciprocal_angle_gamma_esd   ? 
_cell.reciprocal_length_a          ? 
_cell.reciprocal_length_b          ? 
_cell.reciprocal_length_c          ? 
_cell.reciprocal_length_a_esd      ? 
_cell.reciprocal_length_b_esd      ? 
_cell.reciprocal_length_c_esd      ? 
_cell.pdbx_unique_axis             ? 
_cell.pdbx_esd_method              ? 
# 
_symmetry.entry_id                         8JVS 
_symmetry.cell_setting                     ? 
_symmetry.Int_Tables_number                92 
_symmetry.space_group_name_Hall            ? 
_symmetry.space_group_name_H-M             'P 41 21 2' 
_symmetry.pdbx_full_space_group_name_H-M   ? 
# 
_exptl.absorpt_coefficient_mu     ? 
_exptl.absorpt_correction_T_max   ? 
_exptl.absorpt_correction_T_min   ? 
_exptl.absorpt_correction_type    ? 
_exptl.absorpt_process_details    ? 
_exptl.entry_id                   8JVS 
_exptl.crystals_number            1 
_exptl.details                    ? 
_exptl.method                     'X-RAY DIFFRACTION' 
_exptl.method_details             ? 
# 
_exptl_crystal.colour                       ? 
_exptl_crystal.density_diffrn               ? 
_exptl_crystal.density_Matthews             2.38 
_exptl_crystal.density_method               ? 
_exptl_crystal.density_percent_sol          48.42 
_exptl_crystal.description                  ? 
_exptl_crystal.F_000                        ? 
_exptl_crystal.id                           1 
_exptl_crystal.preparation                  ? 
_exptl_crystal.size_max                     ? 
_exptl_crystal.size_mid                     ? 
_exptl_crystal.size_min                     ? 
_exptl_crystal.size_rad                     ? 
_exptl_crystal.colour_lustre                ? 
_exptl_crystal.colour_modifier              ? 
_exptl_crystal.colour_primary               ? 
_exptl_crystal.density_meas                 ? 
_exptl_crystal.density_meas_esd             ? 
_exptl_crystal.density_meas_gt              ? 
_exptl_crystal.density_meas_lt              ? 
_exptl_crystal.density_meas_temp            ? 
_exptl_crystal.density_meas_temp_esd        ? 
_exptl_crystal.density_meas_temp_gt         ? 
_exptl_crystal.density_meas_temp_lt         ? 
_exptl_crystal.pdbx_crystal_image_url       ? 
_exptl_crystal.pdbx_crystal_image_format    ? 
_exptl_crystal.pdbx_mosaicity               ? 
_exptl_crystal.pdbx_mosaicity_esd           ? 
_exptl_crystal.pdbx_mosaic_method           ? 
_exptl_crystal.pdbx_mosaic_block_size       ? 
_exptl_crystal.pdbx_mosaic_block_size_esd   ? 
# 
_exptl_crystal_grow.apparatus       ? 
_exptl_crystal_grow.atmosphere      ? 
_exptl_crystal_grow.crystal_id      1 
_exptl_crystal_grow.details         ? 
_exptl_crystal_grow.method          'VAPOR DIFFUSION, SITTING DROP' 
_exptl_crystal_grow.method_ref      ? 
_exptl_crystal_grow.pH              ? 
_exptl_crystal_grow.pressure        ? 
_exptl_crystal_grow.pressure_esd    ? 
_exptl_crystal_grow.seeding         ? 
_exptl_crystal_grow.seeding_ref     ? 
_exptl_crystal_grow.temp_details    ? 
_exptl_crystal_grow.temp_esd        ? 
_exptl_crystal_grow.time            ? 
_exptl_crystal_grow.pdbx_details    '2% PEG400, 100mM Tris pH8.5, 2000mM Lithium sulfate' 
_exptl_crystal_grow.pdbx_pH_range   ? 
_exptl_crystal_grow.temp            293 
# 
_diffrn.ambient_environment              ? 
_diffrn.ambient_temp                     100 
_diffrn.ambient_temp_details             ? 
_diffrn.ambient_temp_esd                 ? 
_diffrn.crystal_id                       1 
_diffrn.crystal_support                  ? 
_diffrn.crystal_treatment                ? 
_diffrn.details                          ? 
_diffrn.id                               1 
_diffrn.ambient_pressure                 ? 
_diffrn.ambient_pressure_esd             ? 
_diffrn.ambient_pressure_gt              ? 
_diffrn.ambient_pressure_lt              ? 
_diffrn.ambient_temp_gt                  ? 
_diffrn.ambient_temp_lt                  ? 
_diffrn.pdbx_serial_crystal_experiment   N 
# 
_diffrn_detector.details                      ? 
_diffrn_detector.detector                     PIXEL 
_diffrn_detector.diffrn_id                    1 
_diffrn_detector.type                         'DECTRIS EIGER X 16M' 
_diffrn_detector.area_resol_mean              ? 
_diffrn_detector.dtime                        ? 
_diffrn_detector.pdbx_frames_total            ? 
_diffrn_detector.pdbx_collection_time_total   ? 
_diffrn_detector.pdbx_collection_date         2022-07-07 
_diffrn_detector.pdbx_frequency               ? 
_diffrn_detector.id                           ? 
_diffrn_detector.number_of_axes               ? 
# 
_diffrn_radiation.collimation                      ? 
_diffrn_radiation.diffrn_id                        1 
_diffrn_radiation.filter_edge                      ? 
_diffrn_radiation.inhomogeneity                    ? 
_diffrn_radiation.monochromator                    ? 
_diffrn_radiation.polarisn_norm                    ? 
_diffrn_radiation.polarisn_ratio                   ? 
_diffrn_radiation.probe                            ? 
_diffrn_radiation.type                             ? 
_diffrn_radiation.xray_symbol                      ? 
_diffrn_radiation.wavelength_id                    1 
_diffrn_radiation.pdbx_monochromatic_or_laue_m_l   M 
_diffrn_radiation.pdbx_wavelength_list             ? 
_diffrn_radiation.pdbx_wavelength                  ? 
_diffrn_radiation.pdbx_diffrn_protocol             'SINGLE WAVELENGTH' 
_diffrn_radiation.pdbx_analyzer                    ? 
_diffrn_radiation.pdbx_scattering_type             x-ray 
# 
_diffrn_radiation_wavelength.id           1 
_diffrn_radiation_wavelength.wavelength   1 
_diffrn_radiation_wavelength.wt           1.0 
# 
_diffrn_source.current                     ? 
_diffrn_source.details                     ? 
_diffrn_source.diffrn_id                   1 
_diffrn_source.power                       ? 
_diffrn_source.size                        ? 
_diffrn_source.source                      SYNCHROTRON 
_diffrn_source.target                      ? 
_diffrn_source.type                        'PHOTON FACTORY BEAMLINE BL-17A' 
_diffrn_source.voltage                     ? 
_diffrn_source.take-off_angle              ? 
_diffrn_source.pdbx_wavelength_list        1 
_diffrn_source.pdbx_wavelength             ? 
_diffrn_source.pdbx_synchrotron_beamline   BL-17A 
_diffrn_source.pdbx_synchrotron_site       'Photon Factory' 
# 
_reflns.B_iso_Wilson_estimate                          ? 
_reflns.entry_id                                       8JVS 
_reflns.data_reduction_details                         ? 
_reflns.data_reduction_method                          ? 
_reflns.d_resolution_high                              1.5 
_reflns.d_resolution_low                               50 
_reflns.details                                        ? 
_reflns.limit_h_max                                    ? 
_reflns.limit_h_min                                    ? 
_reflns.limit_k_max                                    ? 
_reflns.limit_k_min                                    ? 
_reflns.limit_l_max                                    ? 
_reflns.limit_l_min                                    ? 
_reflns.number_all                                     ? 
_reflns.number_obs                                     17462 
_reflns.observed_criterion                             ? 
_reflns.observed_criterion_F_max                       ? 
_reflns.observed_criterion_F_min                       ? 
_reflns.observed_criterion_I_max                       ? 
_reflns.observed_criterion_I_min                       ? 
_reflns.observed_criterion_sigma_F                     ? 
_reflns.observed_criterion_sigma_I                     ? 
_reflns.percent_possible_obs                           100 
_reflns.R_free_details                                 ? 
_reflns.Rmerge_F_all                                   ? 
_reflns.Rmerge_F_obs                                   ? 
_reflns.Friedel_coverage                               ? 
_reflns.number_gt                                      ? 
_reflns.threshold_expression                           ? 
_reflns.pdbx_redundancy                                7.0 
_reflns.pdbx_netI_over_av_sigmaI                       ? 
_reflns.pdbx_netI_over_sigmaI                          13.17 
_reflns.pdbx_res_netI_over_av_sigmaI_2                 ? 
_reflns.pdbx_res_netI_over_sigmaI_2                    ? 
_reflns.pdbx_chi_squared                               ? 
_reflns.pdbx_scaling_rejects                           ? 
_reflns.pdbx_d_res_high_opt                            ? 
_reflns.pdbx_d_res_low_opt                             ? 
_reflns.pdbx_d_res_opt_method                          ? 
_reflns.phase_calculation_details                      ? 
_reflns.pdbx_Rrim_I_all                                ? 
_reflns.pdbx_Rpim_I_all                                ? 
_reflns.pdbx_d_opt                                     ? 
_reflns.pdbx_number_measured_all                       ? 
_reflns.pdbx_diffrn_id                                 1 
_reflns.pdbx_ordinal                                   1 
_reflns.pdbx_CC_half                                   0.99 
_reflns.pdbx_CC_star                                   ? 
_reflns.pdbx_R_split                                   ? 
_reflns.pdbx_Rmerge_I_obs                              ? 
_reflns.pdbx_Rmerge_I_all                              ? 
_reflns.pdbx_Rsym_value                                ? 
_reflns.pdbx_CC_split_method                           ? 
_reflns.pdbx_aniso_diffraction_limit_axis_1_ortho[1]   ? 
_reflns.pdbx_aniso_diffraction_limit_axis_1_ortho[2]   ? 
_reflns.pdbx_aniso_diffraction_limit_axis_1_ortho[3]   ? 
_reflns.pdbx_aniso_diffraction_limit_axis_2_ortho[1]   ? 
_reflns.pdbx_aniso_diffraction_limit_axis_2_ortho[2]   ? 
_reflns.pdbx_aniso_diffraction_limit_axis_2_ortho[3]   ? 
_reflns.pdbx_aniso_diffraction_limit_axis_3_ortho[1]   ? 
_reflns.pdbx_aniso_diffraction_limit_axis_3_ortho[2]   ? 
_reflns.pdbx_aniso_diffraction_limit_axis_3_ortho[3]   ? 
_reflns.pdbx_aniso_diffraction_limit_1                 ? 
_reflns.pdbx_aniso_diffraction_limit_2                 ? 
_reflns.pdbx_aniso_diffraction_limit_3                 ? 
_reflns.pdbx_aniso_B_tensor_eigenvector_1_ortho[1]     ? 
_reflns.pdbx_aniso_B_tensor_eigenvector_1_ortho[2]     ? 
_reflns.pdbx_aniso_B_tensor_eigenvector_1_ortho[3]     ? 
_reflns.pdbx_aniso_B_tensor_eigenvector_2_ortho[1]     ? 
_reflns.pdbx_aniso_B_tensor_eigenvector_2_ortho[2]     ? 
_reflns.pdbx_aniso_B_tensor_eigenvector_2_ortho[3]     ? 
_reflns.pdbx_aniso_B_tensor_eigenvector_3_ortho[1]     ? 
_reflns.pdbx_aniso_B_tensor_eigenvector_3_ortho[2]     ? 
_reflns.pdbx_aniso_B_tensor_eigenvector_3_ortho[3]     ? 
_reflns.pdbx_aniso_B_tensor_eigenvalue_1               ? 
_reflns.pdbx_aniso_B_tensor_eigenvalue_2               ? 
_reflns.pdbx_aniso_B_tensor_eigenvalue_3               ? 
_reflns.pdbx_orthogonalization_convention              ? 
_reflns.pdbx_percent_possible_ellipsoidal              ? 
_reflns.pdbx_percent_possible_spherical                ? 
_reflns.pdbx_percent_possible_ellipsoidal_anomalous    ? 
_reflns.pdbx_percent_possible_spherical_anomalous      ? 
_reflns.pdbx_redundancy_anomalous                      ? 
_reflns.pdbx_CC_half_anomalous                         ? 
_reflns.pdbx_absDiff_over_sigma_anomalous              ? 
_reflns.pdbx_percent_possible_anomalous                ? 
_reflns.pdbx_observed_signal_threshold                 ? 
_reflns.pdbx_signal_type                               ? 
_reflns.pdbx_signal_details                            ? 
_reflns.pdbx_signal_software_id                        ? 
# 
_reflns_shell.d_res_high                                    1.5 
_reflns_shell.d_res_low                                     1.59 
_reflns_shell.meanI_over_sigI_all                           ? 
_reflns_shell.meanI_over_sigI_obs                           ? 
_reflns_shell.number_measured_all                           ? 
_reflns_shell.number_measured_obs                           ? 
_reflns_shell.number_possible                               ? 
_reflns_shell.number_unique_all                             ? 
_reflns_shell.number_unique_obs                             2810 
_reflns_shell.percent_possible_obs                          ? 
_reflns_shell.Rmerge_F_all                                  ? 
_reflns_shell.Rmerge_F_obs                                  ? 
_reflns_shell.meanI_over_sigI_gt                            ? 
_reflns_shell.meanI_over_uI_all                             ? 
_reflns_shell.meanI_over_uI_gt                              ? 
_reflns_shell.number_measured_gt                            ? 
_reflns_shell.number_unique_gt                              ? 
_reflns_shell.percent_possible_gt                           ? 
_reflns_shell.Rmerge_F_gt                                   ? 
_reflns_shell.Rmerge_I_gt                                   ? 
_reflns_shell.pdbx_redundancy                               ? 
_reflns_shell.pdbx_chi_squared                              ? 
_reflns_shell.pdbx_netI_over_sigmaI_all                     ? 
_reflns_shell.pdbx_netI_over_sigmaI_obs                     ? 
_reflns_shell.pdbx_Rrim_I_all                               ? 
_reflns_shell.pdbx_Rpim_I_all                               ? 
_reflns_shell.pdbx_rejects                                  ? 
_reflns_shell.pdbx_ordinal                                  1 
_reflns_shell.pdbx_diffrn_id                                1 
_reflns_shell.pdbx_CC_half                                  0.99 
_reflns_shell.pdbx_CC_star                                  ? 
_reflns_shell.pdbx_R_split                                  ? 
_reflns_shell.percent_possible_all                          ? 
_reflns_shell.Rmerge_I_all                                  ? 
_reflns_shell.Rmerge_I_obs                                  ? 
_reflns_shell.pdbx_Rsym_value                               ? 
_reflns_shell.pdbx_percent_possible_ellipsoidal             ? 
_reflns_shell.pdbx_percent_possible_spherical               ? 
_reflns_shell.pdbx_percent_possible_ellipsoidal_anomalous   ? 
_reflns_shell.pdbx_percent_possible_spherical_anomalous     ? 
_reflns_shell.pdbx_redundancy_anomalous                     ? 
_reflns_shell.pdbx_CC_half_anomalous                        ? 
_reflns_shell.pdbx_absDiff_over_sigma_anomalous             ? 
_reflns_shell.pdbx_percent_possible_anomalous               ? 
# 
_refine.aniso_B[1][1]                            ? 
_refine.aniso_B[1][2]                            ? 
_refine.aniso_B[1][3]                            ? 
_refine.aniso_B[2][2]                            ? 
_refine.aniso_B[2][3]                            ? 
_refine.aniso_B[3][3]                            ? 
_refine.B_iso_max                                ? 
_refine.B_iso_mean                               ? 
_refine.B_iso_min                                ? 
_refine.correlation_coeff_Fo_to_Fc               ? 
_refine.correlation_coeff_Fo_to_Fc_free          ? 
_refine.details                                  ? 
_refine.diff_density_max                         ? 
_refine.diff_density_max_esd                     ? 
_refine.diff_density_min                         ? 
_refine.diff_density_min_esd                     ? 
_refine.diff_density_rms                         ? 
_refine.diff_density_rms_esd                     ? 
_refine.entry_id                                 8JVS 
_refine.pdbx_refine_id                           'X-RAY DIFFRACTION' 
_refine.ls_abs_structure_details                 ? 
_refine.ls_abs_structure_Flack                   ? 
_refine.ls_abs_structure_Flack_esd               ? 
_refine.ls_abs_structure_Rogers                  ? 
_refine.ls_abs_structure_Rogers_esd              ? 
_refine.ls_d_res_high                            1.500 
_refine.ls_d_res_low                             34.881 
_refine.ls_extinction_coef                       ? 
_refine.ls_extinction_coef_esd                   ? 
_refine.ls_extinction_expression                 ? 
_refine.ls_extinction_method                     ? 
_refine.ls_goodness_of_fit_all                   ? 
_refine.ls_goodness_of_fit_all_esd               ? 
_refine.ls_goodness_of_fit_obs                   ? 
_refine.ls_goodness_of_fit_obs_esd               ? 
_refine.ls_hydrogen_treatment                    ? 
_refine.ls_matrix_type                           ? 
_refine.ls_number_constraints                    ? 
_refine.ls_number_parameters                     ? 
_refine.ls_number_reflns_all                     ? 
_refine.ls_number_reflns_obs                     17449 
_refine.ls_number_reflns_R_free                  1759 
_refine.ls_number_reflns_R_work                  ? 
_refine.ls_number_restraints                     ? 
_refine.ls_percent_reflns_obs                    99.93 
_refine.ls_percent_reflns_R_free                 10.08 
_refine.ls_R_factor_all                          ? 
_refine.ls_R_factor_obs                          0.2010 
_refine.ls_R_factor_R_free                       0.2141 
_refine.ls_R_factor_R_free_error                 ? 
_refine.ls_R_factor_R_free_error_details         ? 
_refine.ls_R_factor_R_work                       0.1995 
_refine.ls_R_Fsqd_factor_obs                     ? 
_refine.ls_R_I_factor_obs                        ? 
_refine.ls_redundancy_reflns_all                 ? 
_refine.ls_redundancy_reflns_obs                 ? 
_refine.ls_restrained_S_all                      ? 
_refine.ls_restrained_S_obs                      ? 
_refine.ls_shift_over_esd_max                    ? 
_refine.ls_shift_over_esd_mean                   ? 
_refine.ls_structure_factor_coef                 ? 
_refine.ls_weighting_details                     ? 
_refine.ls_weighting_scheme                      ? 
_refine.ls_wR_factor_all                         ? 
_refine.ls_wR_factor_obs                         ? 
_refine.ls_wR_factor_R_free                      ? 
_refine.ls_wR_factor_R_work                      ? 
_refine.occupancy_max                            ? 
_refine.occupancy_min                            ? 
_refine.solvent_model_details                    'FLAT BULK SOLVENT MODEL' 
_refine.solvent_model_param_bsol                 ? 
_refine.solvent_model_param_ksol                 ? 
_refine.pdbx_R_complete                          ? 
_refine.ls_R_factor_gt                           ? 
_refine.ls_goodness_of_fit_gt                    ? 
_refine.ls_goodness_of_fit_ref                   ? 
_refine.ls_shift_over_su_max                     ? 
_refine.ls_shift_over_su_max_lt                  ? 
_refine.ls_shift_over_su_mean                    ? 
_refine.ls_shift_over_su_mean_lt                 ? 
_refine.pdbx_ls_sigma_I                          ? 
_refine.pdbx_ls_sigma_F                          1.38 
_refine.pdbx_ls_sigma_Fsqd                       ? 
_refine.pdbx_data_cutoff_high_absF               ? 
_refine.pdbx_data_cutoff_high_rms_absF           ? 
_refine.pdbx_data_cutoff_low_absF                ? 
_refine.pdbx_isotropic_thermal_model             ? 
_refine.pdbx_ls_cross_valid_method               'FREE R-VALUE' 
_refine.pdbx_method_to_determine_struct          'MOLECULAR REPLACEMENT' 
_refine.pdbx_starting_model                      ? 
_refine.pdbx_stereochemistry_target_values       ML 
_refine.pdbx_R_Free_selection_details            ? 
_refine.pdbx_stereochem_target_val_spec_case     ? 
_refine.pdbx_overall_ESU_R                       ? 
_refine.pdbx_overall_ESU_R_Free                  ? 
_refine.pdbx_solvent_vdw_probe_radii             1.11 
_refine.pdbx_solvent_ion_probe_radii             ? 
_refine.pdbx_solvent_shrinkage_radii             0.90 
_refine.pdbx_real_space_R                        ? 
_refine.pdbx_density_correlation                 ? 
_refine.pdbx_pd_number_of_powder_patterns        ? 
_refine.pdbx_pd_number_of_points                 ? 
_refine.pdbx_pd_meas_number_of_points            ? 
_refine.pdbx_pd_proc_ls_prof_R_factor            ? 
_refine.pdbx_pd_proc_ls_prof_wR_factor           ? 
_refine.pdbx_pd_Marquardt_correlation_coeff      ? 
_refine.pdbx_pd_Fsqrd_R_factor                   ? 
_refine.pdbx_pd_ls_matrix_band_width             ? 
_refine.pdbx_overall_phase_error                 21.44 
_refine.pdbx_overall_SU_R_free_Cruickshank_DPI   ? 
_refine.pdbx_overall_SU_R_free_Blow_DPI          ? 
_refine.pdbx_overall_SU_R_Blow_DPI               ? 
_refine.pdbx_TLS_residual_ADP_flag               ? 
_refine.pdbx_diffrn_id                           1 
_refine.overall_SU_B                             ? 
_refine.overall_SU_ML                            0.16 
_refine.overall_SU_R_Cruickshank_DPI             ? 
_refine.overall_SU_R_free                        ? 
_refine.overall_FOM_free_R_set                   ? 
_refine.overall_FOM_work_R_set                   ? 
_refine.pdbx_average_fsc_overall                 ? 
_refine.pdbx_average_fsc_work                    ? 
_refine.pdbx_average_fsc_free                    ? 
# 
_refine_hist.pdbx_refine_id                   'X-RAY DIFFRACTION' 
_refine_hist.cycle_id                         LAST 
_refine_hist.details                          ? 
_refine_hist.d_res_high                       1.500 
_refine_hist.d_res_low                        34.881 
_refine_hist.number_atoms_solvent             51 
_refine_hist.number_atoms_total               435 
_refine_hist.number_reflns_all                ? 
_refine_hist.number_reflns_obs                ? 
_refine_hist.number_reflns_R_free             ? 
_refine_hist.number_reflns_R_work             ? 
_refine_hist.R_factor_all                     ? 
_refine_hist.R_factor_obs                     ? 
_refine_hist.R_factor_R_free                  ? 
_refine_hist.R_factor_R_work                  ? 
_refine_hist.pdbx_number_residues_total       ? 
_refine_hist.pdbx_B_iso_mean_ligand           ? 
_refine_hist.pdbx_B_iso_mean_solvent          ? 
_refine_hist.pdbx_number_atoms_protein        384 
_refine_hist.pdbx_number_atoms_nucleic_acid   0 
_refine_hist.pdbx_number_atoms_ligand         0 
_refine_hist.pdbx_number_atoms_lipid          ? 
_refine_hist.pdbx_number_atoms_carb           ? 
_refine_hist.pdbx_pseudo_atom_details         ? 
# 
loop_
_refine_ls_restr.pdbx_refine_id 
_refine_ls_restr.criterion 
_refine_ls_restr.dev_ideal 
_refine_ls_restr.dev_ideal_target 
_refine_ls_restr.number 
_refine_ls_restr.rejects 
_refine_ls_restr.type 
_refine_ls_restr.weight 
_refine_ls_restr.pdbx_restraint_function 
'X-RAY DIFFRACTION' ? 0.007  ? 388 ? f_bond_d           ? ? 
'X-RAY DIFFRACTION' ? 1.130  ? 522 ? f_angle_d          ? ? 
'X-RAY DIFFRACTION' ? 24.398 ? 154 ? f_dihedral_angle_d ? ? 
'X-RAY DIFFRACTION' ? 0.640  ? 64  ? f_chiral_restr     ? ? 
'X-RAY DIFFRACTION' ? 0.005  ? 66  ? f_plane_restr      ? ? 
# 
loop_
_refine_ls_shell.pdbx_refine_id 
_refine_ls_shell.d_res_high 
_refine_ls_shell.d_res_low 
_refine_ls_shell.number_reflns_all 
_refine_ls_shell.number_reflns_obs 
_refine_ls_shell.number_reflns_R_free 
_refine_ls_shell.number_reflns_R_work 
_refine_ls_shell.percent_reflns_obs 
_refine_ls_shell.percent_reflns_R_free 
_refine_ls_shell.R_factor_all 
_refine_ls_shell.R_factor_obs 
_refine_ls_shell.R_factor_R_free_error 
_refine_ls_shell.R_factor_R_work 
_refine_ls_shell.redundancy_reflns_all 
_refine_ls_shell.redundancy_reflns_obs 
_refine_ls_shell.wR_factor_all 
_refine_ls_shell.wR_factor_obs 
_refine_ls_shell.wR_factor_R_free 
_refine_ls_shell.wR_factor_R_work 
_refine_ls_shell.pdbx_R_complete 
_refine_ls_shell.pdbx_total_number_of_bins_used 
_refine_ls_shell.pdbx_phase_error 
_refine_ls_shell.pdbx_fsc_work 
_refine_ls_shell.pdbx_fsc_free 
_refine_ls_shell.R_factor_R_free 
'X-RAY DIFFRACTION' 1.5001 1.5406 . . 131 1199 100.00 . . . . 0.2394 . . . . . . . . . . . 0.3031 
'X-RAY DIFFRACTION' 1.5406 1.5859 . . 138 1201 100.00 . . . . 0.2415 . . . . . . . . . . . 0.2672 
'X-RAY DIFFRACTION' 1.5859 1.6371 . . 140 1198 100.00 . . . . 0.2408 . . . . . . . . . . . 0.2338 
'X-RAY DIFFRACTION' 1.6371 1.6956 . . 130 1232 100.00 . . . . 0.2402 . . . . . . . . . . . 0.2832 
'X-RAY DIFFRACTION' 1.6956 1.7635 . . 135 1193 100.00 . . . . 0.2395 . . . . . . . . . . . 0.3046 
'X-RAY DIFFRACTION' 1.7635 1.8438 . . 135 1227 100.00 . . . . 0.2395 . . . . . . . . . . . 0.2955 
'X-RAY DIFFRACTION' 1.8438 1.9410 . . 132 1206 100.00 . . . . 0.2189 . . . . . . . . . . . 0.1987 
'X-RAY DIFFRACTION' 1.9410 2.0626 . . 133 1200 100.00 . . . . 0.2061 . . . . . . . . . . . 0.2152 
'X-RAY DIFFRACTION' 2.0626 2.2218 . . 139 1215 100.00 . . . . 0.1957 . . . . . . . . . . . 0.1789 
'X-RAY DIFFRACTION' 2.2218 2.4454 . . 136 1183 100.00 . . . . 0.1938 . . . . . . . . . . . 0.2022 
'X-RAY DIFFRACTION' 2.4454 2.7991 . . 140 1212 100.00 . . . . 0.2108 . . . . . . . . . . . 0.2637 
'X-RAY DIFFRACTION' 2.7991 3.5260 . . 136 1206 100.00 . . . . 0.1954 . . . . . . . . . . . 0.2001 
'X-RAY DIFFRACTION' 3.5260 34.881 . . 134 1218 100.00 . . . . 0.1795 . . . . . . . . . . . 0.1926 
# 
_struct.entry_id                     8JVS 
_struct.title                        'Crystal structure of the chimeric protein tkoL2_v1' 
_struct.pdbx_model_details           ? 
_struct.pdbx_formula_weight          ? 
_struct.pdbx_formula_weight_method   ? 
_struct.pdbx_model_type_details      ? 
_struct.pdbx_CASP_flag               N 
# 
_struct_keywords.entry_id        8JVS 
_struct_keywords.text            'OB fold, RIBOSOMAL PROTEIN' 
_struct_keywords.pdbx_keywords   'RIBOSOMAL PROTEIN' 
# 
loop_
_struct_asym.id 
_struct_asym.pdbx_blank_PDB_chainid_flag 
_struct_asym.pdbx_modified 
_struct_asym.entity_id 
_struct_asym.details 
A N N 1 ? 
B N N 2 ? 
# 
_struct_ref.id                         1 
_struct_ref.db_name                    PDB 
_struct_ref.db_code                    8JVS 
_struct_ref.pdbx_db_accession          8JVS 
_struct_ref.pdbx_db_isoform            ? 
_struct_ref.entity_id                  1 
_struct_ref.pdbx_seq_one_letter_code   ? 
_struct_ref.pdbx_align_begin           1 
# 
_struct_ref_seq.align_id                      1 
_struct_ref_seq.ref_id                        1 
_struct_ref_seq.pdbx_PDB_id_code              8JVS 
_struct_ref_seq.pdbx_strand_id                A 
_struct_ref_seq.seq_align_beg                 1 
_struct_ref_seq.pdbx_seq_align_beg_ins_code   ? 
_struct_ref_seq.seq_align_end                 55 
_struct_ref_seq.pdbx_seq_align_end_ins_code   ? 
_struct_ref_seq.pdbx_db_accession             8JVS 
_struct_ref_seq.db_align_beg                  1 
_struct_ref_seq.pdbx_db_align_beg_ins_code    ? 
_struct_ref_seq.db_align_end                  55 
_struct_ref_seq.pdbx_db_align_end_ins_code    ? 
_struct_ref_seq.pdbx_auth_seq_align_beg       1 
_struct_ref_seq.pdbx_auth_seq_align_end       55 
# 
_pdbx_struct_assembly.id                   1 
_pdbx_struct_assembly.details              author_and_software_defined_assembly 
_pdbx_struct_assembly.method_details       PISA 
_pdbx_struct_assembly.oligomeric_details   dimeric 
_pdbx_struct_assembly.oligomeric_count     2 
# 
loop_
_pdbx_struct_assembly_prop.biol_id 
_pdbx_struct_assembly_prop.type 
_pdbx_struct_assembly_prop.value 
_pdbx_struct_assembly_prop.details 
1 'ABSA (A^2)' 1900 ? 
1 MORE         -14  ? 
1 'SSA (A^2)'  5920 ? 
# 
_pdbx_struct_assembly_gen.assembly_id       1 
_pdbx_struct_assembly_gen.oper_expression   1,2 
_pdbx_struct_assembly_gen.asym_id_list      A,B 
# 
_pdbx_struct_assembly_auth_evidence.id                     1 
_pdbx_struct_assembly_auth_evidence.assembly_id            1 
_pdbx_struct_assembly_auth_evidence.experimental_support   'gel filtration' 
_pdbx_struct_assembly_auth_evidence.details                ? 
# 
loop_
_pdbx_struct_oper_list.id 
_pdbx_struct_oper_list.type 
_pdbx_struct_oper_list.name 
_pdbx_struct_oper_list.symmetry_operation 
_pdbx_struct_oper_list.matrix[1][1] 
_pdbx_struct_oper_list.matrix[1][2] 
_pdbx_struct_oper_list.matrix[1][3] 
_pdbx_struct_oper_list.vector[1] 
_pdbx_struct_oper_list.matrix[2][1] 
_pdbx_struct_oper_list.matrix[2][2] 
_pdbx_struct_oper_list.matrix[2][3] 
_pdbx_struct_oper_list.vector[2] 
_pdbx_struct_oper_list.matrix[3][1] 
_pdbx_struct_oper_list.matrix[3][2] 
_pdbx_struct_oper_list.matrix[3][3] 
_pdbx_struct_oper_list.vector[3] 
1 'identity operation'         1_555 x,y,z        1.0000000000  0.0000000000 0.0000000000  0.0000000000 0.0000000000 1.0000000000  0.0000000000  0.0000000000 0.0000000000  0.0000000000  1.0000000000  0.0000000000 
2 'crystal symmetry operation' 8_555 -y,-x,-z+1/2 -0.9244391618 0.2733704664 -0.2658586545 8.2809825351 0.2733704664 -0.0109769332 -0.9618461909 5.8754664979 -0.2658586545 -0.9618461909 -0.0645839050 8.3950511305 
# 
_struct_sheet.id               AA1 
_struct_sheet.type             ? 
_struct_sheet.number_strands   4 
_struct_sheet.details          ? 
# 
loop_
_struct_sheet_order.sheet_id 
_struct_sheet_order.range_id_1 
_struct_sheet_order.range_id_2 
_struct_sheet_order.offset 
_struct_sheet_order.sense 
AA1 1 2 ? anti-parallel 
AA1 2 3 ? anti-parallel 
AA1 3 4 ? anti-parallel 
# 
loop_
_struct_sheet_range.sheet_id 
_struct_sheet_range.id 
_struct_sheet_range.beg_label_comp_id 
_struct_sheet_range.beg_label_asym_id 
_struct_sheet_range.beg_label_seq_id 
_struct_sheet_range.pdbx_beg_PDB_ins_code 
_struct_sheet_range.end_label_comp_id 
_struct_sheet_range.end_label_asym_id 
_struct_sheet_range.end_label_seq_id 
_struct_sheet_range.pdbx_end_PDB_ins_code 
_struct_sheet_range.beg_auth_comp_id 
_struct_sheet_range.beg_auth_asym_id 
_struct_sheet_range.beg_auth_seq_id 
_struct_sheet_range.end_auth_comp_id 
_struct_sheet_range.end_auth_asym_id 
_struct_sheet_range.end_auth_seq_id 
AA1 1 LYS A 35 ? ILE A 39 ? LYS A 35 ILE A 39 
AA1 2 VAL A 25 ? PHE A 30 ? VAL A 25 PHE A 30 
AA1 3 VAL A 8  ? HIS A 17 ? VAL A 8  HIS A 17 
AA1 4 VAL A 49 ? VAL A 52 ? VAL A 49 VAL A 52 
# 
loop_
_pdbx_struct_sheet_hbond.sheet_id 
_pdbx_struct_sheet_hbond.range_id_1 
_pdbx_struct_sheet_hbond.range_id_2 
_pdbx_struct_sheet_hbond.range_1_label_atom_id 
_pdbx_struct_sheet_hbond.range_1_label_comp_id 
_pdbx_struct_sheet_hbond.range_1_label_asym_id 
_pdbx_struct_sheet_hbond.range_1_label_seq_id 
_pdbx_struct_sheet_hbond.range_1_PDB_ins_code 
_pdbx_struct_sheet_hbond.range_1_auth_atom_id 
_pdbx_struct_sheet_hbond.range_1_auth_comp_id 
_pdbx_struct_sheet_hbond.range_1_auth_asym_id 
_pdbx_struct_sheet_hbond.range_1_auth_seq_id 
_pdbx_struct_sheet_hbond.range_2_label_atom_id 
_pdbx_struct_sheet_hbond.range_2_label_comp_id 
_pdbx_struct_sheet_hbond.range_2_label_asym_id 
_pdbx_struct_sheet_hbond.range_2_label_seq_id 
_pdbx_struct_sheet_hbond.range_2_PDB_ins_code 
_pdbx_struct_sheet_hbond.range_2_auth_atom_id 
_pdbx_struct_sheet_hbond.range_2_auth_comp_id 
_pdbx_struct_sheet_hbond.range_2_auth_asym_id 
_pdbx_struct_sheet_hbond.range_2_auth_seq_id 
AA1 1 2 O ILE A 38 ? O ILE A 38 N ALA A 26 ? N ALA A 26 
AA1 2 3 O ARG A 27 ? O ARG A 27 N GLU A 13 ? N GLU A 13 
AA1 3 4 N ALA A 10 ? N ALA A 10 O VAL A 50 ? O VAL A 50 
# 
loop_
_pdbx_validate_close_contact.id 
_pdbx_validate_close_contact.PDB_model_num 
_pdbx_validate_close_contact.auth_atom_id_1 
_pdbx_validate_close_contact.auth_asym_id_1 
_pdbx_validate_close_contact.auth_comp_id_1 
_pdbx_validate_close_contact.auth_seq_id_1 
_pdbx_validate_close_contact.PDB_ins_code_1 
_pdbx_validate_close_contact.label_alt_id_1 
_pdbx_validate_close_contact.auth_atom_id_2 
_pdbx_validate_close_contact.auth_asym_id_2 
_pdbx_validate_close_contact.auth_comp_id_2 
_pdbx_validate_close_contact.auth_seq_id_2 
_pdbx_validate_close_contact.PDB_ins_code_2 
_pdbx_validate_close_contact.label_alt_id_2 
_pdbx_validate_close_contact.dist 
1 1 O  A HOH 142 ? ? O A HOH 149 ? ? 2.10 
2 1 NZ A LYS 54  ? ? O A HOH 101 ? ? 2.15 
# 
_pdbx_validate_symm_contact.id                1 
_pdbx_validate_symm_contact.PDB_model_num     1 
_pdbx_validate_symm_contact.auth_atom_id_1    O 
_pdbx_validate_symm_contact.auth_asym_id_1    A 
_pdbx_validate_symm_contact.auth_comp_id_1    HOH 
_pdbx_validate_symm_contact.auth_seq_id_1     134 
_pdbx_validate_symm_contact.PDB_ins_code_1    ? 
_pdbx_validate_symm_contact.label_alt_id_1    ? 
_pdbx_validate_symm_contact.site_symmetry_1   1_555 
_pdbx_validate_symm_contact.auth_atom_id_2    O 
_pdbx_validate_symm_contact.auth_asym_id_2    A 
_pdbx_validate_symm_contact.auth_comp_id_2    HOH 
_pdbx_validate_symm_contact.auth_seq_id_2     144 
_pdbx_validate_symm_contact.PDB_ins_code_2    ? 
_pdbx_validate_symm_contact.label_alt_id_2    ? 
_pdbx_validate_symm_contact.site_symmetry_2   5_445 
_pdbx_validate_symm_contact.dist              2.15 
# 
loop_
_pdbx_refine_tls.id 
_pdbx_refine_tls.pdbx_refine_id 
_pdbx_refine_tls.details 
_pdbx_refine_tls.method 
_pdbx_refine_tls.origin_x 
_pdbx_refine_tls.origin_y 
_pdbx_refine_tls.origin_z 
_pdbx_refine_tls.T[1][1] 
_pdbx_refine_tls.T[1][1]_esd 
_pdbx_refine_tls.T[1][2] 
_pdbx_refine_tls.T[1][2]_esd 
_pdbx_refine_tls.T[1][3] 
_pdbx_refine_tls.T[1][3]_esd 
_pdbx_refine_tls.T[2][2] 
_pdbx_refine_tls.T[2][2]_esd 
_pdbx_refine_tls.T[2][3] 
_pdbx_refine_tls.T[2][3]_esd 
_pdbx_refine_tls.T[3][3] 
_pdbx_refine_tls.T[3][3]_esd 
_pdbx_refine_tls.L[1][1] 
_pdbx_refine_tls.L[1][1]_esd 
_pdbx_refine_tls.L[1][2] 
_pdbx_refine_tls.L[1][2]_esd 
_pdbx_refine_tls.L[1][3] 
_pdbx_refine_tls.L[1][3]_esd 
_pdbx_refine_tls.L[2][2] 
_pdbx_refine_tls.L[2][2]_esd 
_pdbx_refine_tls.L[2][3] 
_pdbx_refine_tls.L[2][3]_esd 
_pdbx_refine_tls.L[3][3] 
_pdbx_refine_tls.L[3][3]_esd 
_pdbx_refine_tls.S[1][1] 
_pdbx_refine_tls.S[1][1]_esd 
_pdbx_refine_tls.S[1][2] 
_pdbx_refine_tls.S[1][2]_esd 
_pdbx_refine_tls.S[1][3] 
_pdbx_refine_tls.S[1][3]_esd 
_pdbx_refine_tls.S[2][1] 
_pdbx_refine_tls.S[2][1]_esd 
_pdbx_refine_tls.S[2][2] 
_pdbx_refine_tls.S[2][2]_esd 
_pdbx_refine_tls.S[2][3] 
_pdbx_refine_tls.S[2][3]_esd 
_pdbx_refine_tls.S[3][1] 
_pdbx_refine_tls.S[3][1]_esd 
_pdbx_refine_tls.S[3][2] 
_pdbx_refine_tls.S[3][2]_esd 
_pdbx_refine_tls.S[3][3] 
_pdbx_refine_tls.S[3][3]_esd 
1 'X-RAY DIFFRACTION' ? refined 0.5156  -1.7700 -2.2786 0.1878 ? -0.0476 ? 0.0053 ? 0.1874 ? -0.0166 ? 0.2496 ? 5.7153 ? -2.4319 ? -4.1593 ? 2.0589 ? 1.4392 ? 8.4858 ? -0.0315 ? 0.0896  ? -0.2676 ? 0.1015  ? -0.0879 ? 0.1593  ? 0.4619  ? 0.0373  ? 0.1739  ? 
2 'X-RAY DIFFRACTION' ? refined -0.9146 6.4174  -0.4670 0.1924 ? -0.0349 ? 0.0135 ? 0.2253 ? 0.0047  ? 0.2712 ? 6.2291 ? -3.6495 ? -4.2122 ? 4.1254 ? 3.4758 ? 6.7414 ? 0.3117  ? 0.0413  ? 0.3225  ? -0.2367 ? -0.2261 ? -0.0245 ? -0.4601 ? 0.0083  ? -0.1635 ? 
3 'X-RAY DIFFRACTION' ? refined 0.1318  -3.5618 4.0027  0.2255 ? -0.0358 ? 0.0094 ? 0.1725 ? 0.0332  ? 0.2368 ? 7.5665 ? 0.4867  ? 3.6402  ? 3.0595 ? 1.5563 ? 5.4272 ? 0.2175  ? -0.1344 ? -0.4817 ? 0.2981  ? -0.1021 ? 0.1160  ? 0.5189  ? -0.1999 ? -0.0832 ? 
# 
loop_
_pdbx_refine_tls_group.id 
_pdbx_refine_tls_group.pdbx_refine_id 
_pdbx_refine_tls_group.refine_tls_id 
_pdbx_refine_tls_group.beg_label_asym_id 
_pdbx_refine_tls_group.beg_label_seq_id 
_pdbx_refine_tls_group.beg_auth_asym_id 
_pdbx_refine_tls_group.beg_auth_seq_id 
_pdbx_refine_tls_group.beg_PDB_ins_code 
_pdbx_refine_tls_group.end_label_asym_id 
_pdbx_refine_tls_group.end_label_seq_id 
_pdbx_refine_tls_group.end_auth_asym_id 
_pdbx_refine_tls_group.end_auth_seq_id 
_pdbx_refine_tls_group.end_PDB_ins_code 
_pdbx_refine_tls_group.selection 
_pdbx_refine_tls_group.selection_details 
1 'X-RAY DIFFRACTION' 1 ? ? ? ? ? ? ? ? ? ? ? 
;chain 'A' and (resid 6 through 24 )
;
2 'X-RAY DIFFRACTION' 2 ? ? ? ? ? ? ? ? ? ? ? 
;chain 'A' and (resid 25 through 39 )
;
3 'X-RAY DIFFRACTION' 3 ? ? ? ? ? ? ? ? ? ? ? 
;chain 'A' and (resid 40 through 55 )
;
# 
loop_
_pdbx_unobs_or_zero_occ_residues.id 
_pdbx_unobs_or_zero_occ_residues.PDB_model_num 
_pdbx_unobs_or_zero_occ_residues.polymer_flag 
_pdbx_unobs_or_zero_occ_residues.occupancy_flag 
_pdbx_unobs_or_zero_occ_residues.auth_asym_id 
_pdbx_unobs_or_zero_occ_residues.auth_comp_id 
_pdbx_unobs_or_zero_occ_residues.auth_seq_id 
_pdbx_unobs_or_zero_occ_residues.PDB_ins_code 
_pdbx_unobs_or_zero_occ_residues.label_asym_id 
_pdbx_unobs_or_zero_occ_residues.label_comp_id 
_pdbx_unobs_or_zero_occ_residues.label_seq_id 
1 1 Y 1 A GLY 1 ? A GLY 1 
2 1 Y 1 A PRO 2 ? A PRO 2 
3 1 Y 1 A MET 3 ? A MET 3 
4 1 Y 1 A PRO 4 ? A PRO 4 
5 1 Y 1 A GLY 5 ? A GLY 5 
# 
loop_
_chem_comp_atom.comp_id 
_chem_comp_atom.atom_id 
_chem_comp_atom.type_symbol 
_chem_comp_atom.pdbx_aromatic_flag 
_chem_comp_atom.pdbx_stereo_config 
_chem_comp_atom.pdbx_ordinal 
ALA N    N N N 1   
ALA CA   C N S 2   
ALA C    C N N 3   
ALA O    O N N 4   
ALA CB   C N N 5   
ALA OXT  O N N 6   
ALA H    H N N 7   
ALA H2   H N N 8   
ALA HA   H N N 9   
ALA HB1  H N N 10  
ALA HB2  H N N 11  
ALA HB3  H N N 12  
ALA HXT  H N N 13  
ARG N    N N N 14  
ARG CA   C N S 15  
ARG C    C N N 16  
ARG O    O N N 17  
ARG CB   C N N 18  
ARG CG   C N N 19  
ARG CD   C N N 20  
ARG NE   N N N 21  
ARG CZ   C N N 22  
ARG NH1  N N N 23  
ARG NH2  N N N 24  
ARG OXT  O N N 25  
ARG H    H N N 26  
ARG H2   H N N 27  
ARG HA   H N N 28  
ARG HB2  H N N 29  
ARG HB3  H N N 30  
ARG HG2  H N N 31  
ARG HG3  H N N 32  
ARG HD2  H N N 33  
ARG HD3  H N N 34  
ARG HE   H N N 35  
ARG HH11 H N N 36  
ARG HH12 H N N 37  
ARG HH21 H N N 38  
ARG HH22 H N N 39  
ARG HXT  H N N 40  
ASP N    N N N 41  
ASP CA   C N S 42  
ASP C    C N N 43  
ASP O    O N N 44  
ASP CB   C N N 45  
ASP CG   C N N 46  
ASP OD1  O N N 47  
ASP OD2  O N N 48  
ASP OXT  O N N 49  
ASP H    H N N 50  
ASP H2   H N N 51  
ASP HA   H N N 52  
ASP HB2  H N N 53  
ASP HB3  H N N 54  
ASP HD2  H N N 55  
ASP HXT  H N N 56  
GLU N    N N N 57  
GLU CA   C N S 58  
GLU C    C N N 59  
GLU O    O N N 60  
GLU CB   C N N 61  
GLU CG   C N N 62  
GLU CD   C N N 63  
GLU OE1  O N N 64  
GLU OE2  O N N 65  
GLU OXT  O N N 66  
GLU H    H N N 67  
GLU H2   H N N 68  
GLU HA   H N N 69  
GLU HB2  H N N 70  
GLU HB3  H N N 71  
GLU HG2  H N N 72  
GLU HG3  H N N 73  
GLU HE2  H N N 74  
GLU HXT  H N N 75  
GLY N    N N N 76  
GLY CA   C N N 77  
GLY C    C N N 78  
GLY O    O N N 79  
GLY OXT  O N N 80  
GLY H    H N N 81  
GLY H2   H N N 82  
GLY HA2  H N N 83  
GLY HA3  H N N 84  
GLY HXT  H N N 85  
HIS N    N N N 86  
HIS CA   C N S 87  
HIS C    C N N 88  
HIS O    O N N 89  
HIS CB   C N N 90  
HIS CG   C Y N 91  
HIS ND1  N Y N 92  
HIS CD2  C Y N 93  
HIS CE1  C Y N 94  
HIS NE2  N Y N 95  
HIS OXT  O N N 96  
HIS H    H N N 97  
HIS H2   H N N 98  
HIS HA   H N N 99  
HIS HB2  H N N 100 
HIS HB3  H N N 101 
HIS HD1  H N N 102 
HIS HD2  H N N 103 
HIS HE1  H N N 104 
HIS HE2  H N N 105 
HIS HXT  H N N 106 
HOH O    O N N 107 
HOH H1   H N N 108 
HOH H2   H N N 109 
ILE N    N N N 110 
ILE CA   C N S 111 
ILE C    C N N 112 
ILE O    O N N 113 
ILE CB   C N S 114 
ILE CG1  C N N 115 
ILE CG2  C N N 116 
ILE CD1  C N N 117 
ILE OXT  O N N 118 
ILE H    H N N 119 
ILE H2   H N N 120 
ILE HA   H N N 121 
ILE HB   H N N 122 
ILE HG12 H N N 123 
ILE HG13 H N N 124 
ILE HG21 H N N 125 
ILE HG22 H N N 126 
ILE HG23 H N N 127 
ILE HD11 H N N 128 
ILE HD12 H N N 129 
ILE HD13 H N N 130 
ILE HXT  H N N 131 
LEU N    N N N 132 
LEU CA   C N S 133 
LEU C    C N N 134 
LEU O    O N N 135 
LEU CB   C N N 136 
LEU CG   C N N 137 
LEU CD1  C N N 138 
LEU CD2  C N N 139 
LEU OXT  O N N 140 
LEU H    H N N 141 
LEU H2   H N N 142 
LEU HA   H N N 143 
LEU HB2  H N N 144 
LEU HB3  H N N 145 
LEU HG   H N N 146 
LEU HD11 H N N 147 
LEU HD12 H N N 148 
LEU HD13 H N N 149 
LEU HD21 H N N 150 
LEU HD22 H N N 151 
LEU HD23 H N N 152 
LEU HXT  H N N 153 
LYS N    N N N 154 
LYS CA   C N S 155 
LYS C    C N N 156 
LYS O    O N N 157 
LYS CB   C N N 158 
LYS CG   C N N 159 
LYS CD   C N N 160 
LYS CE   C N N 161 
LYS NZ   N N N 162 
LYS OXT  O N N 163 
LYS H    H N N 164 
LYS H2   H N N 165 
LYS HA   H N N 166 
LYS HB2  H N N 167 
LYS HB3  H N N 168 
LYS HG2  H N N 169 
LYS HG3  H N N 170 
LYS HD2  H N N 171 
LYS HD3  H N N 172 
LYS HE2  H N N 173 
LYS HE3  H N N 174 
LYS HZ1  H N N 175 
LYS HZ2  H N N 176 
LYS HZ3  H N N 177 
LYS HXT  H N N 178 
MET N    N N N 179 
MET CA   C N S 180 
MET C    C N N 181 
MET O    O N N 182 
MET CB   C N N 183 
MET CG   C N N 184 
MET SD   S N N 185 
MET CE   C N N 186 
MET OXT  O N N 187 
MET H    H N N 188 
MET H2   H N N 189 
MET HA   H N N 190 
MET HB2  H N N 191 
MET HB3  H N N 192 
MET HG2  H N N 193 
MET HG3  H N N 194 
MET HE1  H N N 195 
MET HE2  H N N 196 
MET HE3  H N N 197 
MET HXT  H N N 198 
PHE N    N N N 199 
PHE CA   C N S 200 
PHE C    C N N 201 
PHE O    O N N 202 
PHE CB   C N N 203 
PHE CG   C Y N 204 
PHE CD1  C Y N 205 
PHE CD2  C Y N 206 
PHE CE1  C Y N 207 
PHE CE2  C Y N 208 
PHE CZ   C Y N 209 
PHE OXT  O N N 210 
PHE H    H N N 211 
PHE H2   H N N 212 
PHE HA   H N N 213 
PHE HB2  H N N 214 
PHE HB3  H N N 215 
PHE HD1  H N N 216 
PHE HD2  H N N 217 
PHE HE1  H N N 218 
PHE HE2  H N N 219 
PHE HZ   H N N 220 
PHE HXT  H N N 221 
PRO N    N N N 222 
PRO CA   C N S 223 
PRO C    C N N 224 
PRO O    O N N 225 
PRO CB   C N N 226 
PRO CG   C N N 227 
PRO CD   C N N 228 
PRO OXT  O N N 229 
PRO H    H N N 230 
PRO HA   H N N 231 
PRO HB2  H N N 232 
PRO HB3  H N N 233 
PRO HG2  H N N 234 
PRO HG3  H N N 235 
PRO HD2  H N N 236 
PRO HD3  H N N 237 
PRO HXT  H N N 238 
THR N    N N N 239 
THR CA   C N S 240 
THR C    C N N 241 
THR O    O N N 242 
THR CB   C N R 243 
THR OG1  O N N 244 
THR CG2  C N N 245 
THR OXT  O N N 246 
THR H    H N N 247 
THR H2   H N N 248 
THR HA   H N N 249 
THR HB   H N N 250 
THR HG1  H N N 251 
THR HG21 H N N 252 
THR HG22 H N N 253 
THR HG23 H N N 254 
THR HXT  H N N 255 
VAL N    N N N 256 
VAL CA   C N S 257 
VAL C    C N N 258 
VAL O    O N N 259 
VAL CB   C N N 260 
VAL CG1  C N N 261 
VAL CG2  C N N 262 
VAL OXT  O N N 263 
VAL H    H N N 264 
VAL H2   H N N 265 
VAL HA   H N N 266 
VAL HB   H N N 267 
VAL HG11 H N N 268 
VAL HG12 H N N 269 
VAL HG13 H N N 270 
VAL HG21 H N N 271 
VAL HG22 H N N 272 
VAL HG23 H N N 273 
VAL HXT  H N N 274 
# 
loop_
_chem_comp_bond.comp_id 
_chem_comp_bond.atom_id_1 
_chem_comp_bond.atom_id_2 
_chem_comp_bond.value_order 
_chem_comp_bond.pdbx_aromatic_flag 
_chem_comp_bond.pdbx_stereo_config 
_chem_comp_bond.pdbx_ordinal 
ALA N   CA   sing N N 1   
ALA N   H    sing N N 2   
ALA N   H2   sing N N 3   
ALA CA  C    sing N N 4   
ALA CA  CB   sing N N 5   
ALA CA  HA   sing N N 6   
ALA C   O    doub N N 7   
ALA C   OXT  sing N N 8   
ALA CB  HB1  sing N N 9   
ALA CB  HB2  sing N N 10  
ALA CB  HB3  sing N N 11  
ALA OXT HXT  sing N N 12  
ARG N   CA   sing N N 13  
ARG N   H    sing N N 14  
ARG N   H2   sing N N 15  
ARG CA  C    sing N N 16  
ARG CA  CB   sing N N 17  
ARG CA  HA   sing N N 18  
ARG C   O    doub N N 19  
ARG C   OXT  sing N N 20  
ARG CB  CG   sing N N 21  
ARG CB  HB2  sing N N 22  
ARG CB  HB3  sing N N 23  
ARG CG  CD   sing N N 24  
ARG CG  HG2  sing N N 25  
ARG CG  HG3  sing N N 26  
ARG CD  NE   sing N N 27  
ARG CD  HD2  sing N N 28  
ARG CD  HD3  sing N N 29  
ARG NE  CZ   sing N N 30  
ARG NE  HE   sing N N 31  
ARG CZ  NH1  sing N N 32  
ARG CZ  NH2  doub N N 33  
ARG NH1 HH11 sing N N 34  
ARG NH1 HH12 sing N N 35  
ARG NH2 HH21 sing N N 36  
ARG NH2 HH22 sing N N 37  
ARG OXT HXT  sing N N 38  
ASP N   CA   sing N N 39  
ASP N   H    sing N N 40  
ASP N   H2   sing N N 41  
ASP CA  C    sing N N 42  
ASP CA  CB   sing N N 43  
ASP CA  HA   sing N N 44  
ASP C   O    doub N N 45  
ASP C   OXT  sing N N 46  
ASP CB  CG   sing N N 47  
ASP CB  HB2  sing N N 48  
ASP CB  HB3  sing N N 49  
ASP CG  OD1  doub N N 50  
ASP CG  OD2  sing N N 51  
ASP OD2 HD2  sing N N 52  
ASP OXT HXT  sing N N 53  
GLU N   CA   sing N N 54  
GLU N   H    sing N N 55  
GLU N   H2   sing N N 56  
GLU CA  C    sing N N 57  
GLU CA  CB   sing N N 58  
GLU CA  HA   sing N N 59  
GLU C   O    doub N N 60  
GLU C   OXT  sing N N 61  
GLU CB  CG   sing N N 62  
GLU CB  HB2  sing N N 63  
GLU CB  HB3  sing N N 64  
GLU CG  CD   sing N N 65  
GLU CG  HG2  sing N N 66  
GLU CG  HG3  sing N N 67  
GLU CD  OE1  doub N N 68  
GLU CD  OE2  sing N N 69  
GLU OE2 HE2  sing N N 70  
GLU OXT HXT  sing N N 71  
GLY N   CA   sing N N 72  
GLY N   H    sing N N 73  
GLY N   H2   sing N N 74  
GLY CA  C    sing N N 75  
GLY CA  HA2  sing N N 76  
GLY CA  HA3  sing N N 77  
GLY C   O    doub N N 78  
GLY C   OXT  sing N N 79  
GLY OXT HXT  sing N N 80  
HIS N   CA   sing N N 81  
HIS N   H    sing N N 82  
HIS N   H2   sing N N 83  
HIS CA  C    sing N N 84  
HIS CA  CB   sing N N 85  
HIS CA  HA   sing N N 86  
HIS C   O    doub N N 87  
HIS C   OXT  sing N N 88  
HIS CB  CG   sing N N 89  
HIS CB  HB2  sing N N 90  
HIS CB  HB3  sing N N 91  
HIS CG  ND1  sing Y N 92  
HIS CG  CD2  doub Y N 93  
HIS ND1 CE1  doub Y N 94  
HIS ND1 HD1  sing N N 95  
HIS CD2 NE2  sing Y N 96  
HIS CD2 HD2  sing N N 97  
HIS CE1 NE2  sing Y N 98  
HIS CE1 HE1  sing N N 99  
HIS NE2 HE2  sing N N 100 
HIS OXT HXT  sing N N 101 
HOH O   H1   sing N N 102 
HOH O   H2   sing N N 103 
ILE N   CA   sing N N 104 
ILE N   H    sing N N 105 
ILE N   H2   sing N N 106 
ILE CA  C    sing N N 107 
ILE CA  CB   sing N N 108 
ILE CA  HA   sing N N 109 
ILE C   O    doub N N 110 
ILE C   OXT  sing N N 111 
ILE CB  CG1  sing N N 112 
ILE CB  CG2  sing N N 113 
ILE CB  HB   sing N N 114 
ILE CG1 CD1  sing N N 115 
ILE CG1 HG12 sing N N 116 
ILE CG1 HG13 sing N N 117 
ILE CG2 HG21 sing N N 118 
ILE CG2 HG22 sing N N 119 
ILE CG2 HG23 sing N N 120 
ILE CD1 HD11 sing N N 121 
ILE CD1 HD12 sing N N 122 
ILE CD1 HD13 sing N N 123 
ILE OXT HXT  sing N N 124 
LEU N   CA   sing N N 125 
LEU N   H    sing N N 126 
LEU N   H2   sing N N 127 
LEU CA  C    sing N N 128 
LEU CA  CB   sing N N 129 
LEU CA  HA   sing N N 130 
LEU C   O    doub N N 131 
LEU C   OXT  sing N N 132 
LEU CB  CG   sing N N 133 
LEU CB  HB2  sing N N 134 
LEU CB  HB3  sing N N 135 
LEU CG  CD1  sing N N 136 
LEU CG  CD2  sing N N 137 
LEU CG  HG   sing N N 138 
LEU CD1 HD11 sing N N 139 
LEU CD1 HD12 sing N N 140 
LEU CD1 HD13 sing N N 141 
LEU CD2 HD21 sing N N 142 
LEU CD2 HD22 sing N N 143 
LEU CD2 HD23 sing N N 144 
LEU OXT HXT  sing N N 145 
LYS N   CA   sing N N 146 
LYS N   H    sing N N 147 
LYS N   H2   sing N N 148 
LYS CA  C    sing N N 149 
LYS CA  CB   sing N N 150 
LYS CA  HA   sing N N 151 
LYS C   O    doub N N 152 
LYS C   OXT  sing N N 153 
LYS CB  CG   sing N N 154 
LYS CB  HB2  sing N N 155 
LYS CB  HB3  sing N N 156 
LYS CG  CD   sing N N 157 
LYS CG  HG2  sing N N 158 
LYS CG  HG3  sing N N 159 
LYS CD  CE   sing N N 160 
LYS CD  HD2  sing N N 161 
LYS CD  HD3  sing N N 162 
LYS CE  NZ   sing N N 163 
LYS CE  HE2  sing N N 164 
LYS CE  HE3  sing N N 165 
LYS NZ  HZ1  sing N N 166 
LYS NZ  HZ2  sing N N 167 
LYS NZ  HZ3  sing N N 168 
LYS OXT HXT  sing N N 169 
MET N   CA   sing N N 170 
MET N   H    sing N N 171 
MET N   H2   sing N N 172 
MET CA  C    sing N N 173 
MET CA  CB   sing N N 174 
MET CA  HA   sing N N 175 
MET C   O    doub N N 176 
MET C   OXT  sing N N 177 
MET CB  CG   sing N N 178 
MET CB  HB2  sing N N 179 
MET CB  HB3  sing N N 180 
MET CG  SD   sing N N 181 
MET CG  HG2  sing N N 182 
MET CG  HG3  sing N N 183 
MET SD  CE   sing N N 184 
MET CE  HE1  sing N N 185 
MET CE  HE2  sing N N 186 
MET CE  HE3  sing N N 187 
MET OXT HXT  sing N N 188 
PHE N   CA   sing N N 189 
PHE N   H    sing N N 190 
PHE N   H2   sing N N 191 
PHE CA  C    sing N N 192 
PHE CA  CB   sing N N 193 
PHE CA  HA   sing N N 194 
PHE C   O    doub N N 195 
PHE C   OXT  sing N N 196 
PHE CB  CG   sing N N 197 
PHE CB  HB2  sing N N 198 
PHE CB  HB3  sing N N 199 
PHE CG  CD1  doub Y N 200 
PHE CG  CD2  sing Y N 201 
PHE CD1 CE1  sing Y N 202 
PHE CD1 HD1  sing N N 203 
PHE CD2 CE2  doub Y N 204 
PHE CD2 HD2  sing N N 205 
PHE CE1 CZ   doub Y N 206 
PHE CE1 HE1  sing N N 207 
PHE CE2 CZ   sing Y N 208 
PHE CE2 HE2  sing N N 209 
PHE CZ  HZ   sing N N 210 
PHE OXT HXT  sing N N 211 
PRO N   CA   sing N N 212 
PRO N   CD   sing N N 213 
PRO N   H    sing N N 214 
PRO CA  C    sing N N 215 
PRO CA  CB   sing N N 216 
PRO CA  HA   sing N N 217 
PRO C   O    doub N N 218 
PRO C   OXT  sing N N 219 
PRO CB  CG   sing N N 220 
PRO CB  HB2  sing N N 221 
PRO CB  HB3  sing N N 222 
PRO CG  CD   sing N N 223 
PRO CG  HG2  sing N N 224 
PRO CG  HG3  sing N N 225 
PRO CD  HD2  sing N N 226 
PRO CD  HD3  sing N N 227 
PRO OXT HXT  sing N N 228 
THR N   CA   sing N N 229 
THR N   H    sing N N 230 
THR N   H2   sing N N 231 
THR CA  C    sing N N 232 
THR CA  CB   sing N N 233 
THR CA  HA   sing N N 234 
THR C   O    doub N N 235 
THR C   OXT  sing N N 236 
THR CB  OG1  sing N N 237 
THR CB  CG2  sing N N 238 
THR CB  HB   sing N N 239 
THR OG1 HG1  sing N N 240 
THR CG2 HG21 sing N N 241 
THR CG2 HG22 sing N N 242 
THR CG2 HG23 sing N N 243 
THR OXT HXT  sing N N 244 
VAL N   CA   sing N N 245 
VAL N   H    sing N N 246 
VAL N   H2   sing N N 247 
VAL CA  C    sing N N 248 
VAL CA  CB   sing N N 249 
VAL CA  HA   sing N N 250 
VAL C   O    doub N N 251 
VAL C   OXT  sing N N 252 
VAL CB  CG1  sing N N 253 
VAL CB  CG2  sing N N 254 
VAL CB  HB   sing N N 255 
VAL CG1 HG11 sing N N 256 
VAL CG1 HG12 sing N N 257 
VAL CG1 HG13 sing N N 258 
VAL CG2 HG21 sing N N 259 
VAL CG2 HG22 sing N N 260 
VAL CG2 HG23 sing N N 261 
VAL OXT HXT  sing N N 262 
# 
loop_
_pdbx_audit_support.funding_organization 
_pdbx_audit_support.country 
_pdbx_audit_support.grant_number 
_pdbx_audit_support.ordinal 
'Japan Society for the Promotion of Science (JSPS)' Japan 18H01328 1 
'Japan Society for the Promotion of Science (JSPS)' Japan 20K15854 2 
'Japan Society for the Promotion of Science (JSPS)' Japan 22H01346 3 
# 
_pdbx_initial_refinement_model.id               1 
_pdbx_initial_refinement_model.entity_id_list   ? 
_pdbx_initial_refinement_model.type             'in silico model' 
_pdbx_initial_refinement_model.source_name      AlphaFold 
_pdbx_initial_refinement_model.accession_code   ? 
_pdbx_initial_refinement_model.details          ? 
# 
_atom_sites.entry_id                    8JVS 
_atom_sites.Cartn_transf_matrix[1][1]   ? 
_atom_sites.Cartn_transf_matrix[1][2]   ? 
_atom_sites.Cartn_transf_matrix[1][3]   ? 
_atom_sites.Cartn_transf_matrix[2][1]   ? 
_atom_sites.Cartn_transf_matrix[2][2]   ? 
_atom_sites.Cartn_transf_matrix[2][3]   ? 
_atom_sites.Cartn_transf_matrix[3][1]   ? 
_atom_sites.Cartn_transf_matrix[3][2]   ? 
_atom_sites.Cartn_transf_matrix[3][3]   ? 
_atom_sites.Cartn_transf_vector[1]      ? 
_atom_sites.Cartn_transf_vector[2]      ? 
_atom_sites.Cartn_transf_vector[3]      ? 
_atom_sites.fract_transf_matrix[1][1]   0.01273231 
_atom_sites.fract_transf_matrix[1][2]   -0.01865884 
_atom_sites.fract_transf_matrix[1][3]   0.00995664 
_atom_sites.fract_transf_matrix[2][1]   0.01951808 
_atom_sites.fract_transf_matrix[2][2]   0.00589130 
_atom_sites.fract_transf_matrix[2][3]   -0.01391890 
_atom_sites.fract_transf_matrix[3][1]   0.00480925 
_atom_sites.fract_transf_matrix[3][2]   0.00888769 
_atom_sites.fract_transf_matrix[3][3]   0.01050567 
_atom_sites.fract_transf_vector[1]      -0.196899 
_atom_sites.fract_transf_vector[2]      0.117506 
_atom_sites.fract_transf_vector[3]      0.159872 
_atom_sites.solution_primary            ? 
_atom_sites.solution_secondary          ? 
_atom_sites.solution_hydrogens          ? 
_atom_sites.special_details             ? 
# 
loop_
_atom_type.symbol 
C 
N 
O 
# 
loop_
_atom_site.group_PDB 
_atom_site.id 
_atom_site.type_symbol 
_atom_site.label_atom_id 
_atom_site.label_alt_id 
_atom_site.label_comp_id 
_atom_site.label_asym_id 
_atom_site.label_entity_id 
_atom_site.label_seq_id 
_atom_site.pdbx_PDB_ins_code 
_atom_site.Cartn_x 
_atom_site.Cartn_y 
_atom_site.Cartn_z 
_atom_site.occupancy 
_atom_site.B_iso_or_equiv 
_atom_site.pdbx_formal_charge 
_atom_site.auth_seq_id 
_atom_site.auth_comp_id 
_atom_site.auth_asym_id 
_atom_site.auth_atom_id 
_atom_site.pdbx_PDB_model_num 
ATOM   1   N N   . LYS A 1 6  ? -2.524  6.687   17.300  1.00 64.59 ? 6   LYS A N   1 
ATOM   2   C CA  . LYS A 1 6  ? -3.543  5.897   16.621  1.00 57.33 ? 6   LYS A CA  1 
ATOM   3   C C   . LYS A 1 6  ? -2.939  5.122   15.456  1.00 49.08 ? 6   LYS A C   1 
ATOM   4   O O   . LYS A 1 6  ? -1.810  5.384   15.066  1.00 46.45 ? 6   LYS A O   1 
ATOM   5   C CB  . LYS A 1 6  ? -4.687  6.806   16.151  1.00 63.04 ? 6   LYS A CB  1 
ATOM   6   C CG  . LYS A 1 6  ? -6.062  6.141   16.168  1.00 69.04 ? 6   LYS A CG  1 
ATOM   7   C CD  . LYS A 1 6  ? -6.357  5.351   17.456  1.00 69.82 ? 6   LYS A CD  1 
ATOM   8   C CE  . LYS A 1 6  ? -6.111  6.140   18.734  1.00 67.94 ? 6   LYS A CE  1 
ATOM   9   N NZ  . LYS A 1 6  ? -6.646  5.403   19.922  1.00 64.15 ? 6   LYS A NZ  1 
ATOM   10  N N   . LYS A 1 7  ? -3.693  4.178   14.893  1.00 44.98 ? 7   LYS A N   1 
ATOM   11  C CA  . LYS A 1 7  ? -3.156  3.356   13.816  1.00 47.07 ? 7   LYS A CA  1 
ATOM   12  C C   . LYS A 1 7  ? -3.070  4.159   12.526  1.00 35.17 ? 7   LYS A C   1 
ATOM   13  O O   . LYS A 1 7  ? -3.932  4.992   12.236  1.00 40.16 ? 7   LYS A O   1 
ATOM   14  C CB  . LYS A 1 7  ? -4.021  2.113   13.616  1.00 50.88 ? 7   LYS A CB  1 
ATOM   15  C CG  . LYS A 1 7  ? -3.383  0.852   14.167  1.00 66.60 ? 7   LYS A CG  1 
ATOM   16  C CD  . LYS A 1 7  ? -4.233  -0.373  13.883  1.00 71.29 ? 7   LYS A CD  1 
ATOM   17  C CE  . LYS A 1 7  ? -4.636  -1.079  15.171  1.00 80.16 ? 7   LYS A CE  1 
ATOM   18  N NZ  . LYS A 1 7  ? -4.928  -2.526  14.949  1.00 85.29 ? 7   LYS A NZ  1 
ATOM   19  N N   . VAL A 1 8  ? -2.002  3.935   11.766  1.00 26.78 ? 8   VAL A N   1 
ATOM   20  C CA  . VAL A 1 8  ? -1.794  4.567   10.470  1.00 23.35 ? 8   VAL A CA  1 
ATOM   21  C C   . VAL A 1 8  ? -2.084  3.523   9.408   1.00 23.06 ? 8   VAL A C   1 
ATOM   22  O O   . VAL A 1 8  ? -1.346  2.537   9.288   1.00 22.39 ? 8   VAL A O   1 
ATOM   23  C CB  . VAL A 1 8  ? -0.370  5.113   10.316  1.00 24.43 ? 8   VAL A CB  1 
ATOM   24  C CG1 . VAL A 1 8  ? -0.175  5.650   8.913   1.00 25.22 ? 8   VAL A CG1 1 
ATOM   25  C CG2 . VAL A 1 8  ? -0.100  6.211   11.368  1.00 28.47 ? 8   VAL A CG2 1 
ATOM   26  N N   . VAL A 1 9  ? -3.167  3.723   8.657   1.00 20.71 ? 9   VAL A N   1 
ATOM   27  C CA  . VAL A 1 9  ? -3.586  2.781   7.621   1.00 19.79 ? 9   VAL A CA  1 
ATOM   28  C C   . VAL A 1 9  ? -3.819  3.513   6.305   1.00 21.31 ? 9   VAL A C   1 
ATOM   29  O O   . VAL A 1 9  ? -4.140  4.705   6.265   1.00 20.96 ? 9   VAL A O   1 
ATOM   30  C CB  . VAL A 1 9  ? -4.854  1.985   8.015   1.00 20.38 ? 9   VAL A CB  1 
ATOM   31  C CG1 . VAL A 1 9  ? -4.546  0.991   9.134   1.00 25.22 ? 9   VAL A CG1 1 
ATOM   32  C CG2 . VAL A 1 9  ? -5.983  2.938   8.384   1.00 22.43 ? 9   VAL A CG2 1 
ATOM   33  N N   . ALA A 1 10 ? -3.647  2.783   5.210   1.00 21.73 ? 10  ALA A N   1 
ATOM   34  C CA  . ALA A 1 10 ? -3.829  3.362   3.893   1.00 18.74 ? 10  ALA A CA  1 
ATOM   35  C C   . ALA A 1 10 ? -4.454  2.307   2.998   1.00 21.33 ? 10  ALA A C   1 
ATOM   36  O O   . ALA A 1 10 ? -4.151  1.119   3.133   1.00 20.87 ? 10  ALA A O   1 
ATOM   37  C CB  . ALA A 1 10 ? -2.503  3.854   3.283   1.00 20.43 ? 10  ALA A CB  1 
ATOM   38  N N   . ARG A 1 11 ? -5.324  2.746   2.099   1.00 18.74 ? 11  ARG A N   1 
ATOM   39  C CA  . ARG A 1 11 ? -6.018  1.849   1.183   1.00 19.74 ? 11  ARG A CA  1 
ATOM   40  C C   . ARG A 1 11 ? -5.259  1.768   -0.135  1.00 19.18 ? 11  ARG A C   1 
ATOM   41  O O   . ARG A 1 11 ? -4.823  2.790   -0.674  1.00 20.38 ? 11  ARG A O   1 
ATOM   42  C CB  . ARG A 1 11 ? -7.439  2.353   0.944   1.00 20.60 ? 11  ARG A CB  1 
ATOM   43  C CG  . ARG A 1 11 ? -8.242  1.504   -0.027  1.00 23.14 ? 11  ARG A CG  1 
ATOM   44  C CD  . ARG A 1 11 ? -9.685  1.940   0.014   1.00 29.92 ? 11  ARG A CD  1 
ATOM   45  N NE  . ARG A 1 11 ? -10.417 1.404   -1.126  1.00 39.76 ? 11  ARG A NE  1 
ATOM   46  C CZ  . ARG A 1 11 ? -11.632 1.795   -1.497  1.00 63.63 ? 11  ARG A CZ  1 
ATOM   47  N NH1 . ARG A 1 11 ? -12.278 2.727   -0.811  1.00 64.61 ? 11  ARG A NH1 1 
ATOM   48  N NH2 . ARG A 1 11 ? -12.203 1.237   -2.552  1.00 77.75 ? 11  ARG A NH2 1 
ATOM   49  N N   . VAL A 1 12 ? -5.114  0.560   -0.671  1.00 18.77 ? 12  VAL A N   1 
ATOM   50  C CA  . VAL A 1 12 ? -4.377  0.388   -1.919  1.00 18.73 ? 12  VAL A CA  1 
ATOM   51  C C   . VAL A 1 12 ? -5.269  0.848   -3.071  1.00 19.94 ? 12  VAL A C   1 
ATOM   52  O O   . VAL A 1 12 ? -6.305  0.235   -3.347  1.00 23.14 ? 12  VAL A O   1 
ATOM   53  C CB  . VAL A 1 12 ? -3.925  -1.062  -2.113  1.00 22.25 ? 12  VAL A CB  1 
ATOM   54  C CG1 . VAL A 1 12 ? -3.229  -1.209  -3.460  1.00 22.06 ? 12  VAL A CG1 1 
ATOM   55  C CG2 . VAL A 1 12 ? -3.011  -1.493  -0.985  1.00 21.61 ? 12  VAL A CG2 1 
ATOM   56  N N   . GLU A 1 13 ? -4.856  1.911   -3.762  1.00 21.43 ? 13  GLU A N   1 
ATOM   57  C CA  . GLU A 1 13 ? -5.627  2.473   -4.870  1.00 21.68 ? 13  GLU A CA  1 
ATOM   58  C C   . GLU A 1 13 ? -5.209  1.906   -6.214  1.00 25.56 ? 13  GLU A C   1 
ATOM   59  O O   . GLU A 1 13 ? -6.046  1.772   -7.119  1.00 26.58 ? 13  GLU A O   1 
ATOM   60  C CB  . GLU A 1 13 ? -5.465  3.993   -4.920  1.00 27.12 ? 13  GLU A CB  1 
ATOM   61  C CG  . GLU A 1 13 ? -5.751  4.687   -3.613  1.00 33.62 ? 13  GLU A CG  1 
ATOM   62  C CD  . GLU A 1 13 ? -7.214  4.983   -3.417  1.00 43.38 ? 13  GLU A CD  1 
ATOM   63  O OE1 . GLU A 1 13 ? -7.858  4.277   -2.609  1.00 47.23 ? 13  GLU A OE1 1 
ATOM   64  O OE2 . GLU A 1 13 ? -7.708  5.935   -4.057  1.00 49.93 ? 13  GLU A OE2 1 
ATOM   65  N N   . GLU A 1 14 ? -3.919  1.634   -6.340  1.00 21.52 ? 14  GLU A N   1 
ATOM   66  C CA  . GLU A 1 14 ? -3.412  1.088   -7.611  1.00 22.34 ? 14  GLU A CA  1 
ATOM   67  C C   . GLU A 1 14 ? -2.135  0.305   -7.343  1.00 22.67 ? 14  GLU A C   1 
ATOM   68  O O   . GLU A 1 14 ? -1.381  0.666   -6.449  1.00 23.37 ? 14  GLU A O   1 
ATOM   69  C CB  . GLU A 1 14 ? -2.922  2.187   -8.553  1.00 32.08 ? 14  GLU A CB  1 
ATOM   70  C CG  . GLU A 1 14 ? -3.884  3.320   -8.819  1.00 49.47 ? 14  GLU A CG  1 
ATOM   71  C CD  . GLU A 1 14 ? -3.185  4.420   -9.599  1.00 58.11 ? 14  GLU A CD  1 
ATOM   72  O OE1 . GLU A 1 14 ? -2.798  4.162   -10.749 1.00 53.38 ? 14  GLU A OE1 1 
ATOM   73  O OE2 . GLU A 1 14 ? -2.996  5.505   -9.039  1.00 52.23 ? 14  GLU A OE2 1 
ATOM   74  N N   . ILE A 1 15 ? -1.961  -0.780  -8.094  1.00 22.78 ? 15  ILE A N   1 
ATOM   75  C CA  . ILE A 1 15 ? -0.688  -1.552  -8.100  1.00 20.88 ? 15  ILE A CA  1 
ATOM   76  C C   . ILE A 1 15 ? -0.001  -1.072  -9.379  1.00 21.27 ? 15  ILE A C   1 
ATOM   77  O O   . ILE A 1 15 ? -0.559  -1.288  -10.450 1.00 24.28 ? 15  ILE A O   1 
ATOM   78  C CB  . ILE A 1 15 ? -0.919  -3.071  -8.108  1.00 24.28 ? 15  ILE A CB  1 
ATOM   79  C CG1 . ILE A 1 15 ? -1.697  -3.554  -6.881  1.00 31.73 ? 15  ILE A CG1 1 
ATOM   80  C CG2 . ILE A 1 15 ? 0.404   -3.796  -8.262  1.00 24.87 ? 15  ILE A CG2 1 
ATOM   81  C CD1 . ILE A 1 15 ? -0.998  -3.311  -5.572  1.00 33.86 ? 15  ILE A CD1 1 
ATOM   82  N N   . LEU A 1 16 ? 1.141   -0.408  -9.252  1.00 20.48 ? 16  LEU A N   1 
ATOM   83  C CA  . LEU A 1 16 ? 1.807   0.199   -10.398 1.00 21.76 ? 16  LEU A CA  1 
ATOM   84  C C   . LEU A 1 16 ? 2.809   -0.743  -11.052 1.00 20.84 ? 16  LEU A C   1 
ATOM   85  O O   . LEU A 1 16 ? 3.018   -0.667  -12.267 1.00 23.49 ? 16  LEU A O   1 
ATOM   86  C CB  . LEU A 1 16 ? 2.536   1.476   -9.977  1.00 20.66 ? 16  LEU A CB  1 
ATOM   87  C CG  . LEU A 1 16 ? 1.747   2.714   -9.533  1.00 27.99 ? 16  LEU A CG  1 
ATOM   88  C CD1 . LEU A 1 16 ? 2.631   3.950   -9.626  1.00 33.26 ? 16  LEU A CD1 1 
ATOM   89  C CD2 . LEU A 1 16 ? 0.522   2.905   -10.372 1.00 33.30 ? 16  LEU A CD2 1 
ATOM   90  N N   . HIS A 1 17 ? 3.433   -1.624  -10.279 1.00 20.35 ? 17  HIS A N   1 
ATOM   91  C CA  . HIS A 1 17 ? 4.547   -2.428  -10.783 1.00 20.04 ? 17  HIS A CA  1 
ATOM   92  C C   . HIS A 1 17 ? 4.717   -3.607  -9.840  1.00 22.10 ? 17  HIS A C   1 
ATOM   93  O O   . HIS A 1 17 ? 4.920   -3.402  -8.640  1.00 24.61 ? 17  HIS A O   1 
ATOM   94  C CB  . HIS A 1 17 ? 5.813   -1.541  -10.846 1.00 19.71 ? 17  HIS A CB  1 
ATOM   95  C CG  . HIS A 1 17 ? 7.052   -2.235  -11.322 1.00 20.50 ? 17  HIS A CG  1 
ATOM   96  N ND1 . HIS A 1 17 ? 7.902   -2.902  -10.469 1.00 22.20 ? 17  HIS A ND1 1 
ATOM   97  C CD2 . HIS A 1 17 ? 7.617   -2.309  -12.552 1.00 21.63 ? 17  HIS A CD2 1 
ATOM   98  C CE1 . HIS A 1 17 ? 8.917   -3.396  -11.159 1.00 24.61 ? 17  HIS A CE1 1 
ATOM   99  N NE2 . HIS A 1 17 ? 8.771   -3.047  -12.424 1.00 24.00 ? 17  HIS A NE2 1 
ATOM   100 N N   . ASP A 1 18 ? 4.597   -4.834  -10.346 1.00 22.63 ? 18  ASP A N   1 
ATOM   101 C CA  . ASP A 1 18 ? 4.608   -6.011  -9.479  1.00 26.29 ? 18  ASP A CA  1 
ATOM   102 C C   . ASP A 1 18 ? 5.269   -7.188  -10.185 1.00 29.10 ? 18  ASP A C   1 
ATOM   103 O O   . ASP A 1 18 ? 4.595   -8.051  -10.768 1.00 30.72 ? 18  ASP A O   1 
ATOM   104 C CB  . ASP A 1 18 ? 3.199   -6.381  -9.017  1.00 26.45 ? 18  ASP A CB  1 
ATOM   105 C CG  . ASP A 1 18 ? 3.199   -7.402  -7.881  1.00 31.02 ? 18  ASP A CG  1 
ATOM   106 O OD1 . ASP A 1 18 ? 4.283   -7.816  -7.420  1.00 29.85 ? 18  ASP A OD1 1 
ATOM   107 O OD2 . ASP A 1 18 ? 2.101   -7.783  -7.429  1.00 34.26 ? 18  ASP A OD2 1 
ATOM   108 N N   . PRO A 1 19 ? 6.596   -7.269  -10.124 1.00 25.58 ? 19  PRO A N   1 
ATOM   109 C CA  . PRO A 1 19 ? 7.289   -8.474  -10.589 1.00 28.95 ? 19  PRO A CA  1 
ATOM   110 C C   . PRO A 1 19 ? 6.950   -9.659  -9.700  1.00 32.67 ? 19  PRO A C   1 
ATOM   111 O O   . PRO A 1 19 ? 6.605   -9.518  -8.524  1.00 31.75 ? 19  PRO A O   1 
ATOM   112 C CB  . PRO A 1 19 ? 8.778   -8.109  -10.475 1.00 33.22 ? 19  PRO A CB  1 
ATOM   113 C CG  . PRO A 1 19 ? 8.827   -6.623  -10.218 1.00 27.01 ? 19  PRO A CG  1 
ATOM   114 C CD  . PRO A 1 19 ? 7.523   -6.270  -9.569  1.00 25.32 ? 19  PRO A CD  1 
ATOM   115 N N   . GLY A 1 20 ? 7.040   -10.850 -10.280 1.00 36.61 ? 20  GLY A N   1 
ATOM   116 C CA  . GLY A 1 20 ? 6.892   -12.043 -9.471  1.00 42.69 ? 20  GLY A CA  1 
ATOM   117 C C   . GLY A 1 20 ? 7.958   -12.091 -8.388  1.00 44.19 ? 20  GLY A C   1 
ATOM   118 O O   . GLY A 1 20 ? 9.097   -11.667 -8.594  1.00 43.24 ? 20  GLY A O   1 
ATOM   119 N N   . ARG A 1 21 ? 7.565   -12.579 -7.211  1.00 44.97 ? 21  ARG A N   1 
ATOM   120 C CA  . ARG A 1 21 ? 8.480   -12.754 -6.080  1.00 55.26 ? 21  ARG A CA  1 
ATOM   121 C C   . ARG A 1 21 ? 9.164   -11.443 -5.692  1.00 49.58 ? 21  ARG A C   1 
ATOM   122 O O   . ARG A 1 21 ? 10.293  -11.442 -5.192  1.00 54.63 ? 21  ARG A O   1 
ATOM   123 C CB  . ARG A 1 21 ? 9.519   -13.839 -6.372  1.00 71.14 ? 21  ARG A CB  1 
ATOM   124 C CG  . ARG A 1 21 ? 8.914   -15.182 -6.767  1.00 85.12 ? 21  ARG A CG  1 
ATOM   125 C CD  . ARG A 1 21 ? 9.413   -15.671 -8.129  1.00 95.76 ? 21  ARG A CD  1 
ATOM   126 N NE  . ARG A 1 21 ? 8.856   -14.948 -9.278  1.00 97.61 ? 21  ARG A NE  1 
ATOM   127 C CZ  . ARG A 1 21 ? 7.838   -15.385 -10.017 1.00 97.00 ? 21  ARG A CZ  1 
ATOM   128 N NH1 . ARG A 1 21 ? 7.253   -16.536 -9.719  1.00 99.35 ? 21  ARG A NH1 1 
ATOM   129 N NH2 . ARG A 1 21 ? 7.405   -14.674 -11.053 1.00 92.43 ? 21  ARG A NH2 1 
ATOM   130 N N   . THR A 1 22 ? 8.487   -10.319 -5.920  1.00 37.18 ? 22  THR A N   1 
ATOM   131 C CA  . THR A 1 22 ? 9.008   -9.000  -5.600  1.00 39.31 ? 22  THR A CA  1 
ATOM   132 C C   . THR A 1 22 ? 7.862   -8.153  -5.077  1.00 40.43 ? 22  THR A C   1 
ATOM   133 O O   . THR A 1 22 ? 6.753   -8.211  -5.610  1.00 34.42 ? 22  THR A O   1 
ATOM   134 C CB  . THR A 1 22 ? 9.641   -8.324  -6.826  1.00 37.83 ? 22  THR A CB  1 
ATOM   135 O OG1 . THR A 1 22 ? 10.653  -9.177  -7.374  1.00 42.57 ? 22  THR A OG1 1 
ATOM   136 C CG2 . THR A 1 22 ? 10.250  -6.991  -6.467  1.00 41.02 ? 22  THR A CG2 1 
ATOM   137 N N   . ALA A 1 23 ? 8.125   -7.374  -4.036  1.00 37.49 ? 23  ALA A N   1 
ATOM   138 C CA  . ALA A 1 23 ? 7.072   -6.551  -3.460  1.00 26.89 ? 23  ALA A CA  1 
ATOM   139 C C   . ALA A 1 23 ? 6.663   -5.470  -4.456  1.00 26.59 ? 23  ALA A C   1 
ATOM   140 O O   . ALA A 1 23 ? 7.529   -4.842  -5.071  1.00 26.88 ? 23  ALA A O   1 
ATOM   141 C CB  . ALA A 1 23 ? 7.536   -5.916  -2.149  1.00 24.33 ? 23  ALA A CB  1 
ATOM   142 N N   . PRO A 1 24 ? 5.367   -5.231  -4.641  1.00 23.91 ? 24  PRO A N   1 
ATOM   143 C CA  . PRO A 1 24 ? 4.921   -4.239  -5.620  1.00 22.28 ? 24  PRO A CA  1 
ATOM   144 C C   . PRO A 1 24 ? 5.107   -2.804  -5.165  1.00 20.49 ? 24  PRO A C   1 
ATOM   145 O O   . PRO A 1 24 ? 5.156   -2.494  -3.967  1.00 22.57 ? 24  PRO A O   1 
ATOM   146 C CB  . PRO A 1 24 ? 3.425   -4.550  -5.769  1.00 26.35 ? 24  PRO A CB  1 
ATOM   147 C CG  . PRO A 1 24 ? 3.050   -5.154  -4.439  1.00 23.55 ? 24  PRO A CG  1 
ATOM   148 C CD  . PRO A 1 24 ? 4.239   -5.982  -4.060  1.00 25.09 ? 24  PRO A CD  1 
ATOM   149 N N   . VAL A 1 25 ? 5.206   -1.923  -6.155  1.00 22.16 ? 25  VAL A N   1 
ATOM   150 C CA  . VAL A 1 25 ? 4.983   -0.497  -5.960  1.00 21.20 ? 25  VAL A CA  1 
ATOM   151 C C   . VAL A 1 25 ? 3.484   -0.248  -6.028  1.00 21.78 ? 25  VAL A C   1 
ATOM   152 O O   . VAL A 1 25 ? 2.810   -0.672  -6.977  1.00 21.15 ? 25  VAL A O   1 
ATOM   153 C CB  . VAL A 1 25 ? 5.730   0.336   -7.014  1.00 25.91 ? 25  VAL A CB  1 
ATOM   154 C CG1 . VAL A 1 25 ? 5.452   1.807   -6.804  1.00 24.16 ? 25  VAL A CG1 1 
ATOM   155 C CG2 . VAL A 1 25 ? 7.241   0.050   -6.976  1.00 30.53 ? 25  VAL A CG2 1 
ATOM   156 N N   . ALA A 1 26 ? 2.947   0.419   -5.014  1.00 20.17 ? 26  ALA A N   1 
ATOM   157 C CA  . ALA A 1 26 ? 1.521   0.711   -4.960  1.00 19.39 ? 26  ALA A CA  1 
ATOM   158 C C   . ALA A 1 26 ? 1.311   2.186   -4.672  1.00 20.35 ? 26  ALA A C   1 
ATOM   159 O O   . ALA A 1 26 ? 2.143   2.837   -4.041  1.00 23.70 ? 26  ALA A O   1 
ATOM   160 C CB  . ALA A 1 26 ? 0.814   -0.128  -3.886  1.00 21.51 ? 26  ALA A CB  1 
ATOM   161 N N   . ARG A 1 27 ? 0.192   2.721   -5.148  1.00 19.68 ? 27  ARG A N   1 
ATOM   162 C CA  . ARG A 1 27 ? -0.248  4.032   -4.707  1.00 20.63 ? 27  ARG A CA  1 
ATOM   163 C C   . ARG A 1 27 ? -1.331  3.804   -3.667  1.00 20.75 ? 27  ARG A C   1 
ATOM   164 O O   . ARG A 1 27 ? -2.259  3.022   -3.904  1.00 19.02 ? 27  ARG A O   1 
ATOM   165 C CB  . ARG A 1 27 ? -0.761  4.882   -5.873  1.00 24.43 ? 27  ARG A CB  1 
ATOM   166 C CG  . ARG A 1 27 ? -1.199  6.267   -5.419  1.00 23.23 ? 27  ARG A CG  1 
ATOM   167 C CD  . ARG A 1 27 ? -1.255  7.261   -6.581  1.00 30.62 ? 27  ARG A CD  1 
ATOM   168 N NE  . ARG A 1 27 ? 0.075   7.570   -7.122  1.00 36.17 ? 27  ARG A NE  1 
ATOM   169 C CZ  . ARG A 1 27 ? 0.483   7.273   -8.357  1.00 40.86 ? 27  ARG A CZ  1 
ATOM   170 N NH1 . ARG A 1 27 ? -0.319  6.640   -9.192  1.00 35.61 ? 27  ARG A NH1 1 
ATOM   171 N NH2 . ARG A 1 27 ? 1.703   7.612   -8.757  1.00 37.85 ? 27  ARG A NH2 1 
ATOM   172 N N   . VAL A 1 28 ? -1.168  4.416   -2.491  1.00 20.13 ? 28  VAL A N   1 
ATOM   173 C CA  . VAL A 1 28 ? -2.081  4.207   -1.379  1.00 18.83 ? 28  VAL A CA  1 
ATOM   174 C C   . VAL A 1 28 ? -2.666  5.543   -0.948  1.00 19.96 ? 28  VAL A C   1 
ATOM   175 O O   . VAL A 1 28 ? -2.099  6.606   -1.190  1.00 21.51 ? 28  VAL A O   1 
ATOM   176 C CB  . VAL A 1 28 ? -1.407  3.489   -0.190  1.00 17.54 ? 28  VAL A CB  1 
ATOM   177 C CG1 . VAL A 1 28 ? -0.901  2.118   -0.623  1.00 20.60 ? 28  VAL A CG1 1 
ATOM   178 C CG2 . VAL A 1 28 ? -0.277  4.341   0.413   1.00 21.28 ? 28  VAL A CG2 1 
ATOM   179 N N   . LYS A 1 29 ? -3.818  5.475   -0.286  1.00 19.76 ? 29  LYS A N   1 
ATOM   180 C CA  . LYS A 1 29 ? -4.510  6.664   0.194   1.00 19.69 ? 29  LYS A CA  1 
ATOM   181 C C   . LYS A 1 29 ? -4.656  6.552   1.701   1.00 21.58 ? 29  LYS A C   1 
ATOM   182 O O   . LYS A 1 29 ? -5.315  5.632   2.198   1.00 21.09 ? 29  LYS A O   1 
ATOM   183 C CB  . LYS A 1 29 ? -5.885  6.809   -0.466  1.00 22.73 ? 29  LYS A CB  1 
ATOM   184 C CG  . LYS A 1 29 ? -6.679  8.022   -0.002  1.00 24.50 ? 29  LYS A CG  1 
ATOM   185 C CD  . LYS A 1 29 ? -8.138  7.908   -0.469  1.00 39.31 ? 29  LYS A CD  1 
ATOM   186 C CE  . LYS A 1 29 ? -8.769  6.640   0.102   1.00 56.77 ? 29  LYS A CE  1 
ATOM   187 N NZ  . LYS A 1 29 ? -10.267 6.582   0.018   1.00 59.50 ? 29  LYS A NZ  1 
ATOM   188 N N   . PHE A 1 30 ? -4.022  7.471   2.423   1.00 21.22 ? 30  PHE A N   1 
ATOM   189 C CA  . PHE A 1 30 ? -4.130  7.476   3.871   1.00 20.03 ? 30  PHE A CA  1 
ATOM   190 C C   . PHE A 1 30 ? -5.518  7.978   4.282   1.00 23.39 ? 30  PHE A C   1 
ATOM   191 O O   . PHE A 1 30 ? -6.286  8.491   3.466   1.00 24.64 ? 30  PHE A O   1 
ATOM   192 C CB  . PHE A 1 30 ? -2.994  8.318   4.469   1.00 22.59 ? 30  PHE A CB  1 
ATOM   193 C CG  . PHE A 1 30 ? -1.641  7.682   4.300   1.00 20.45 ? 30  PHE A CG  1 
ATOM   194 C CD1 . PHE A 1 30 ? -1.146  6.827   5.266   1.00 21.58 ? 30  PHE A CD1 1 
ATOM   195 C CD2 . PHE A 1 30 ? -0.886  7.904   3.154   1.00 22.92 ? 30  PHE A CD2 1 
ATOM   196 C CE1 . PHE A 1 30 ? 0.090   6.216   5.114   1.00 22.39 ? 30  PHE A CE1 1 
ATOM   197 C CE2 . PHE A 1 30 ? 0.352   7.296   2.994   1.00 26.01 ? 30  PHE A CE2 1 
ATOM   198 C CZ  . PHE A 1 30 ? 0.836   6.445   3.971   1.00 25.57 ? 30  PHE A CZ  1 
ATOM   199 N N   . GLU A 1 31 ? -5.853  7.797   5.561   1.00 24.51 ? 31  GLU A N   1 
ATOM   200 C CA  . GLU A 1 31 ? -7.195  8.161   6.017   1.00 25.17 ? 31  GLU A CA  1 
ATOM   201 C C   . GLU A 1 31 ? -7.461  9.660   5.940   1.00 25.97 ? 31  GLU A C   1 
ATOM   202 O O   . GLU A 1 31 ? -8.626  10.071  5.885   1.00 34.14 ? 31  GLU A O   1 
ATOM   203 C CB  . GLU A 1 31 ? -7.424  7.660   7.437   1.00 26.16 ? 31  GLU A CB  1 
ATOM   204 C CG  . GLU A 1 31 ? -7.612  6.161   7.513   1.00 27.16 ? 31  GLU A CG  1 
ATOM   205 C CD  . GLU A 1 31 ? -8.133  5.710   8.865   1.00 26.85 ? 31  GLU A CD  1 
ATOM   206 O OE1 . GLU A 1 31 ? -9.207  5.078   8.927   1.00 26.42 ? 31  GLU A OE1 1 
ATOM   207 O OE2 . GLU A 1 31 ? -7.473  6.004   9.888   1.00 28.79 ? 31  GLU A OE2 1 
ATOM   208 N N   . ASP A 1 32 ? -6.419  10.485  5.909   1.00 28.68 ? 32  ASP A N   1 
ATOM   209 C CA  . ASP A 1 32 ? -6.619  11.912  5.705   1.00 31.67 ? 32  ASP A CA  1 
ATOM   210 C C   . ASP A 1 32 ? -6.821  12.275  4.238   1.00 33.78 ? 32  ASP A C   1 
ATOM   211 O O   . ASP A 1 32 ? -6.983  13.461  3.924   1.00 35.84 ? 32  ASP A O   1 
ATOM   212 C CB  . ASP A 1 32 ? -5.443  12.692  6.312   1.00 32.59 ? 32  ASP A CB  1 
ATOM   213 C CG  . ASP A 1 32 ? -4.103  12.343  5.680   1.00 42.65 ? 32  ASP A CG  1 
ATOM   214 O OD1 . ASP A 1 32 ? -3.076  12.884  6.146   1.00 44.39 ? 32  ASP A OD1 1 
ATOM   215 O OD2 . ASP A 1 32 ? -4.061  11.548  4.720   1.00 38.86 ? 32  ASP A OD2 1 
ATOM   216 N N   . GLY A 1 33 ? -6.841  11.292  3.341   1.00 28.75 ? 33  GLY A N   1 
ATOM   217 C CA  . GLY A 1 33 ? -7.031  11.538  1.930   1.00 27.95 ? 33  GLY A CA  1 
ATOM   218 C C   . GLY A 1 33 ? -5.754  11.707  1.132   1.00 30.33 ? 33  GLY A C   1 
ATOM   219 O O   . GLY A 1 33 ? -5.826  11.761  -0.103  1.00 29.02 ? 33  GLY A O   1 
ATOM   220 N N   . THR A 1 34 ? -4.604  11.790  1.793   1.00 28.14 ? 34  THR A N   1 
ATOM   221 C CA  . THR A 1 34 ? -3.331  11.949  1.095   1.00 27.86 ? 34  THR A CA  1 
ATOM   222 C C   . THR A 1 34 ? -2.956  10.673  0.347   1.00 26.21 ? 34  THR A C   1 
ATOM   223 O O   . THR A 1 34 ? -3.069  9.571   0.885   1.00 26.21 ? 34  THR A O   1 
ATOM   224 C CB  . THR A 1 34 ? -2.223  12.291  2.089   1.00 27.56 ? 34  THR A CB  1 
ATOM   225 O OG1 . THR A 1 34 ? -2.607  13.442  2.846   1.00 42.70 ? 34  THR A OG1 1 
ATOM   226 C CG2 . THR A 1 34 ? -0.907  12.574  1.351   1.00 38.24 ? 34  THR A CG2 1 
ATOM   227 N N   . LYS A 1 35 ? -2.495  10.833  -0.890  1.00 25.74 ? 35  LYS A N   1 
ATOM   228 C CA  . LYS A 1 35 ? -2.091  9.668   -1.713  1.00 23.63 ? 35  LYS A CA  1 
ATOM   229 C C   . LYS A 1 35 ? -0.570  9.667   -1.881  1.00 26.51 ? 35  LYS A C   1 
ATOM   230 O O   . LYS A 1 35 ? -0.004  10.735  -2.122  1.00 29.69 ? 35  LYS A O   1 
ATOM   231 C CB  . LYS A 1 35 ? -2.830  9.672   -3.052  1.00 29.89 ? 35  LYS A CB  1 
ATOM   232 C CG  . LYS A 1 35 ? -4.327  9.430   -2.938  1.00 33.93 ? 35  LYS A CG  1 
ATOM   233 C CD  . LYS A 1 35 ? -5.078  9.474   -4.247  1.00 54.73 ? 35  LYS A CD  1 
ATOM   234 C CE  . LYS A 1 35 ? -6.551  9.762   -4.042  1.00 69.89 ? 35  LYS A CE  1 
ATOM   235 N NZ  . LYS A 1 35 ? -7.368  9.423   -5.230  1.00 77.76 ? 35  LYS A NZ  1 
ATOM   236 N N   . LYS A 1 36 ? 0.050   8.497   -1.753  1.00 23.72 ? 36  LYS A N   1 
ATOM   237 C CA  . LYS A 1 36 ? 1.523   8.415   -1.883  1.00 27.82 ? 36  LYS A CA  1 
ATOM   238 C C   . LYS A 1 36 ? 1.923   7.071   -2.483  1.00 25.68 ? 36  LYS A C   1 
ATOM   239 O O   . LYS A 1 36 ? 1.198   6.093   -2.294  1.00 22.12 ? 36  LYS A O   1 
ATOM   240 C CB  . LYS A 1 36 ? 2.182   8.497   -0.505  1.00 33.15 ? 36  LYS A CB  1 
ATOM   241 C CG  . LYS A 1 36 ? 2.156   9.862   0.169   1.00 46.17 ? 36  LYS A CG  1 
ATOM   242 C CD  . LYS A 1 36 ? 3.094   10.885  -0.450  1.00 55.60 ? 36  LYS A CD  1 
ATOM   243 C CE  . LYS A 1 36 ? 4.393   10.306  -0.970  1.00 58.89 ? 36  LYS A CE  1 
ATOM   244 N NZ  . LYS A 1 36 ? 5.260   11.352  -1.566  1.00 59.58 ? 36  LYS A NZ  1 
ATOM   245 N N   . LEU A 1 37 ? 3.054   7.054   -3.183  1.00 24.68 ? 37  LEU A N   1 
ATOM   246 C CA  . LEU A 1 37 ? 3.615   5.786   -3.687  1.00 22.85 ? 37  LEU A CA  1 
ATOM   247 C C   . LEU A 1 37 ? 4.353   5.160   -2.501  1.00 23.84 ? 37  LEU A C   1 
ATOM   248 O O   . LEU A 1 37 ? 4.957   5.912   -1.732  1.00 31.43 ? 37  LEU A O   1 
ATOM   249 C CB  . LEU A 1 37 ? 4.622   6.085   -4.804  1.00 28.05 ? 37  LEU A CB  1 
ATOM   250 C CG  . LEU A 1 37 ? 4.064   6.261   -6.212  1.00 37.02 ? 37  LEU A CG  1 
ATOM   251 C CD1 . LEU A 1 37 ? 5.168   6.122   -7.247  1.00 45.10 ? 37  LEU A CD1 1 
ATOM   252 C CD2 . LEU A 1 37 ? 2.947   5.282   -6.492  1.00 41.21 ? 37  LEU A CD2 1 
ATOM   253 N N   . ILE A 1 38 ? 4.231   3.849   -2.336  1.00 19.62 ? 38  ILE A N   1 
ATOM   254 C CA  . ILE A 1 38 ? 4.958   3.090   -1.327  1.00 22.70 ? 38  ILE A CA  1 
ATOM   255 C C   . ILE A 1 38 ? 5.274   1.711   -1.892  1.00 22.75 ? 38  ILE A C   1 
ATOM   256 O O   . ILE A 1 38 ? 4.772   1.314   -2.947  1.00 22.99 ? 38  ILE A O   1 
ATOM   257 C CB  . ILE A 1 38 ? 4.172   2.915   -0.010  1.00 28.66 ? 38  ILE A CB  1 
ATOM   258 C CG1 . ILE A 1 38 ? 2.908   2.090   -0.266  1.00 28.75 ? 38  ILE A CG1 1 
ATOM   259 C CG2 . ILE A 1 38 ? 3.910   4.257   0.695   1.00 35.16 ? 38  ILE A CG2 1 
ATOM   260 C CD1 . ILE A 1 38 ? 2.289   1.548   1.016   1.00 35.84 ? 38  ILE A CD1 1 
ATOM   261 N N   . ILE A 1 39 ? 6.101   0.959   -1.173  1.00 21.26 ? 39  ILE A N   1 
ATOM   262 C CA  . ILE A 1 39 ? 6.274   -0.470  -1.416  1.00 21.52 ? 39  ILE A CA  1 
ATOM   263 C C   . ILE A 1 39 ? 5.360   -1.205  -0.447  1.00 20.84 ? 39  ILE A C   1 
ATOM   264 O O   . ILE A 1 39 ? 5.286   -0.853  0.737   1.00 21.81 ? 39  ILE A O   1 
ATOM   265 C CB  . ILE A 1 39 ? 7.743   -0.892  -1.246  1.00 24.11 ? 39  ILE A CB  1 
ATOM   266 C CG1 . ILE A 1 39 ? 8.614   -0.131  -2.244  1.00 30.84 ? 39  ILE A CG1 1 
ATOM   267 C CG2 . ILE A 1 39 ? 7.891   -2.401  -1.408  1.00 28.30 ? 39  ILE A CG2 1 
ATOM   268 C CD1 . ILE A 1 39 ? 10.096  -0.319  -2.060  1.00 38.54 ? 39  ILE A CD1 1 
ATOM   269 N N   . ALA A 1 40 ? 4.607   -2.173  -0.958  1.00 25.90 ? 40  ALA A N   1 
ATOM   270 C CA  . ALA A 1 40 ? 3.641   -2.933  -0.185  1.00 23.39 ? 40  ALA A CA  1 
ATOM   271 C C   . ALA A 1 40 ? 3.949   -4.424  -0.291  1.00 23.96 ? 40  ALA A C   1 
ATOM   272 O O   . ALA A 1 40 ? 4.628   -4.850  -1.229  1.00 23.13 ? 40  ALA A O   1 
ATOM   273 C CB  . ALA A 1 40 ? 2.215   -2.644  -0.687  1.00 27.10 ? 40  ALA A CB  1 
ATOM   274 N N   . PRO A 1 41 ? 3.493   -5.244  0.660   1.00 27.85 ? 41  PRO A N   1 
ATOM   275 C CA  . PRO A 1 41 ? 3.843   -6.670  0.608   1.00 27.41 ? 41  PRO A CA  1 
ATOM   276 C C   . PRO A 1 41 ? 3.284   -7.349  -0.633  1.00 24.08 ? 41  PRO A C   1 
ATOM   277 O O   . PRO A 1 41 ? 2.226   -6.983  -1.150  1.00 27.23 ? 41  PRO A O   1 
ATOM   278 C CB  . PRO A 1 41 ? 3.209   -7.251  1.877   1.00 40.16 ? 41  PRO A CB  1 
ATOM   279 C CG  . PRO A 1 41 ? 2.904   -6.088  2.739   1.00 29.68 ? 41  PRO A CG  1 
ATOM   280 C CD  . PRO A 1 41 ? 2.641   -4.937  1.826   1.00 29.05 ? 41  PRO A CD  1 
ATOM   281 N N   . GLU A 1 42 ? 4.018   -8.358  -1.099  1.00 27.16 ? 42  GLU A N   1 
ATOM   282 C CA  . GLU A 1 42 ? 3.505   -9.251  -2.130  1.00 27.09 ? 42  GLU A CA  1 
ATOM   283 C C   . GLU A 1 42 ? 2.113   -9.746  -1.770  1.00 32.80 ? 42  GLU A C   1 
ATOM   284 O O   . GLU A 1 42 ? 1.828   -10.062 -0.612  1.00 39.45 ? 42  GLU A O   1 
ATOM   285 C CB  . GLU A 1 42 ? 4.434   -10.452 -2.298  1.00 34.64 ? 42  GLU A CB  1 
ATOM   286 C CG  . GLU A 1 42 ? 5.655   -10.203 -3.146  1.00 51.57 ? 42  GLU A CG  1 
ATOM   287 C CD  . GLU A 1 42 ? 6.295   -11.501 -3.596  1.00 68.87 ? 42  GLU A CD  1 
ATOM   288 O OE1 . GLU A 1 42 ? 7.390   -11.824 -3.091  1.00 71.36 ? 42  GLU A OE1 1 
ATOM   289 O OE2 . GLU A 1 42 ? 5.695   -12.200 -4.442  1.00 75.54 ? 42  GLU A OE2 1 
ATOM   290 N N   . GLY A 1 43 ? 1.252   -9.843  -2.778  1.00 32.92 ? 43  GLY A N   1 
ATOM   291 C CA  . GLY A 1 43 ? -0.097  -10.328 -2.584  1.00 37.06 ? 43  GLY A CA  1 
ATOM   292 C C   . GLY A 1 43 ? -1.132  -9.250  -2.375  1.00 33.41 ? 43  GLY A C   1 
ATOM   293 O O   . GLY A 1 43 ? -2.329  -9.531  -2.496  1.00 33.70 ? 43  GLY A O   1 
ATOM   294 N N   . VAL A 1 44 ? -0.697  -8.030  -2.067  1.00 31.16 ? 44  VAL A N   1 
ATOM   295 C CA  . VAL A 1 44 ? -1.698  -6.943  -1.883  1.00 25.59 ? 44  VAL A CA  1 
ATOM   296 C C   . VAL A 1 44 ? -2.346  -6.642  -3.233  1.00 29.72 ? 44  VAL A C   1 
ATOM   297 O O   . VAL A 1 44 ? -1.684  -6.766  -4.263  1.00 34.79 ? 44  VAL A O   1 
ATOM   298 C CB  . VAL A 1 44 ? -1.117  -5.661  -1.254  1.00 24.94 ? 44  VAL A CB  1 
ATOM   299 C CG1 . VAL A 1 44 ? -0.443  -5.934  0.073   1.00 37.07 ? 44  VAL A CG1 1 
ATOM   300 C CG2 . VAL A 1 44 ? -0.201  -4.923  -2.213  1.00 31.80 ? 44  VAL A CG2 1 
ATOM   301 N N   . LYS A 1 45 ? -3.627  -6.287  -3.192  1.00 27.34 ? 45  LYS A N   1 
ATOM   302 C CA  . LYS A 1 45 ? -4.378  -5.942  -4.419  1.00 26.46 ? 45  LYS A CA  1 
ATOM   303 C C   . LYS A 1 45 ? -5.164  -4.656  -4.168  1.00 28.96 ? 45  LYS A C   1 
ATOM   304 O O   . LYS A 1 45 ? -5.283  -4.244  -3.014  1.00 26.20 ? 45  LYS A O   1 
ATOM   305 C CB  . LYS A 1 45 ? -5.324  -7.079  -4.809  1.00 34.44 ? 45  LYS A CB  1 
ATOM   306 C CG  . LYS A 1 45 ? -6.379  -7.418  -3.773  1.00 46.48 ? 45  LYS A CG  1 
ATOM   307 C CD  . LYS A 1 45 ? -6.861  -8.850  -3.859  1.00 61.72 ? 45  LYS A CD  1 
ATOM   308 C CE  . LYS A 1 45 ? -7.869  -9.193  -2.784  1.00 67.67 ? 45  LYS A CE  1 
ATOM   309 N NZ  . LYS A 1 45 ? -7.218  -9.551  -1.501  1.00 69.42 ? 45  LYS A NZ  1 
ATOM   310 N N   . VAL A 1 46 ? -5.652  -4.049  -5.241  1.00 25.23 ? 46  VAL A N   1 
ATOM   311 C CA  . VAL A 1 46 ? -6.439  -2.827  -5.140  1.00 24.80 ? 46  VAL A CA  1 
ATOM   312 C C   . VAL A 1 46 ? -7.604  -3.059  -4.191  1.00 25.93 ? 46  VAL A C   1 
ATOM   313 O O   . VAL A 1 46 ? -8.331  -4.055  -4.298  1.00 28.01 ? 46  VAL A O   1 
ATOM   314 C CB  . VAL A 1 46 ? -6.918  -2.371  -6.529  1.00 25.21 ? 46  VAL A CB  1 
ATOM   315 C CG1 . VAL A 1 46 ? -7.939  -1.255  -6.398  1.00 27.55 ? 46  VAL A CG1 1 
ATOM   316 C CG2 . VAL A 1 46 ? -5.731  -1.909  -7.384  1.00 28.55 ? 46  VAL A CG2 1 
ATOM   317 N N   . GLY A 1 47 ? -7.777  -2.145  -3.245  1.00 22.55 ? 47  GLY A N   1 
ATOM   318 C CA  . GLY A 1 47 ? -8.827  -2.240  -2.259  1.00 26.18 ? 47  GLY A CA  1 
ATOM   319 C C   . GLY A 1 47 ? -8.396  -2.839  -0.938  1.00 25.33 ? 47  GLY A C   1 
ATOM   320 O O   . GLY A 1 47 ? -9.122  -2.705  0.061   1.00 24.92 ? 47  GLY A O   1 
ATOM   321 N N   . ASP A 1 48 ? -7.252  -3.514  -0.901  1.00 23.39 ? 48  ASP A N   1 
ATOM   322 C CA  . ASP A 1 48 ? -6.702  -3.933  0.373   1.00 24.55 ? 48  ASP A CA  1 
ATOM   323 C C   . ASP A 1 48 ? -6.297  -2.706  1.184   1.00 23.13 ? 48  ASP A C   1 
ATOM   324 O O   . ASP A 1 48 ? -6.226  -1.582  0.673   1.00 22.01 ? 48  ASP A O   1 
ATOM   325 C CB  . ASP A 1 48 ? -5.493  -4.843  0.183   1.00 22.82 ? 48  ASP A CB  1 
ATOM   326 C CG  . ASP A 1 48 ? -5.871  -6.229  -0.269  1.00 28.87 ? 48  ASP A CG  1 
ATOM   327 O OD1 . ASP A 1 48 ? -4.978  -6.920  -0.786  1.00 29.56 ? 48  ASP A OD1 1 
ATOM   328 O OD2 . ASP A 1 48 ? -7.050  -6.610  -0.118  1.00 31.48 ? 48  ASP A OD2 1 
ATOM   329 N N   . VAL A 1 49 ? -6.063  -2.933  2.470   1.00 20.82 ? 49  VAL A N   1 
ATOM   330 C CA  . VAL A 1 49 ? -5.599  -1.900  3.389   1.00 19.05 ? 49  VAL A CA  1 
ATOM   331 C C   . VAL A 1 49 ? -4.293  -2.368  4.010   1.00 20.56 ? 49  VAL A C   1 
ATOM   332 O O   . VAL A 1 49 ? -4.164  -3.536  4.398   1.00 22.95 ? 49  VAL A O   1 
ATOM   333 C CB  . VAL A 1 49 ? -6.644  -1.614  4.483   1.00 20.88 ? 49  VAL A CB  1 
ATOM   334 C CG1 . VAL A 1 49 ? -6.124  -0.590  5.496   1.00 21.38 ? 49  VAL A CG1 1 
ATOM   335 C CG2 . VAL A 1 49 ? -7.944  -1.133  3.862   1.00 22.21 ? 49  VAL A CG2 1 
ATOM   336 N N   . VAL A 1 50 ? -3.324  -1.464  4.091   1.00 20.60 ? 50  VAL A N   1 
ATOM   337 C CA  . VAL A 1 50 ? -2.069  -1.742  4.772   1.00 20.58 ? 50  VAL A CA  1 
ATOM   338 C C   . VAL A 1 50 ? -1.939  -0.823  5.975   1.00 20.67 ? 50  VAL A C   1 
ATOM   339 O O   . VAL A 1 50 ? -2.515  0.270   6.023   1.00 22.42 ? 50  VAL A O   1 
ATOM   340 C CB  . VAL A 1 50 ? -0.861  -1.573  3.831   1.00 21.09 ? 50  VAL A CB  1 
ATOM   341 C CG1 . VAL A 1 50 ? -0.935  -2.607  2.729   1.00 23.80 ? 50  VAL A CG1 1 
ATOM   342 C CG2 . VAL A 1 50 ? -0.798  -0.145  3.280   1.00 21.95 ? 50  VAL A CG2 1 
ATOM   343 N N   . GLU A 1 51 ? -1.181  -1.281  6.954   1.00 20.66 ? 51  GLU A N   1 
ATOM   344 C CA  . GLU A 1 51 ? -0.858  -0.490  8.123   1.00 21.67 ? 51  GLU A CA  1 
ATOM   345 C C   . GLU A 1 51 ? 0.633   -0.197  8.117   1.00 22.39 ? 51  GLU A C   1 
ATOM   346 O O   . GLU A 1 51 ? 1.433   -1.050  7.724   1.00 23.37 ? 51  GLU A O   1 
ATOM   347 C CB  . GLU A 1 51 ? -1.236  -1.230  9.407   1.00 24.95 ? 51  GLU A CB  1 
ATOM   348 C CG  . GLU A 1 51 ? -0.930  -0.450  10.670  1.00 25.60 ? 51  GLU A CG  1 
ATOM   349 C CD  . GLU A 1 51 ? -1.172  -1.263  11.934  1.00 36.58 ? 51  GLU A CD  1 
ATOM   350 O OE1 . GLU A 1 51 ? -1.561  -2.448  11.833  1.00 36.33 ? 51  GLU A OE1 1 
ATOM   351 O OE2 . GLU A 1 51 ? -0.953  -0.712  13.031  1.00 36.40 ? 51  GLU A OE2 1 
ATOM   352 N N   . VAL A 1 52 ? 0.996   1.017   8.535   1.00 21.58 ? 52  VAL A N   1 
ATOM   353 C CA  . VAL A 1 52 ? 2.380   1.401   8.801   1.00 21.98 ? 52  VAL A CA  1 
ATOM   354 C C   . VAL A 1 52 ? 2.563   1.336   10.306  1.00 22.71 ? 52  VAL A C   1 
ATOM   355 O O   . VAL A 1 52 ? 1.897   2.070   11.042  1.00 23.66 ? 52  VAL A O   1 
ATOM   356 C CB  . VAL A 1 52 ? 2.692   2.810   8.281   1.00 19.03 ? 52  VAL A CB  1 
ATOM   357 C CG1 . VAL A 1 52 ? 4.152   3.157   8.540   1.00 23.14 ? 52  VAL A CG1 1 
ATOM   358 C CG2 . VAL A 1 52 ? 2.375   2.914   6.804   1.00 21.02 ? 52  VAL A CG2 1 
ATOM   359 N N   . LYS A 1 53 ? 3.432   0.444   10.768  1.00 21.72 ? 53  LYS A N   1 
ATOM   360 C CA  . LYS A 1 53 ? 3.555   0.164   12.193  1.00 22.46 ? 53  LYS A CA  1 
ATOM   361 C C   . LYS A 1 53 ? 5.019   0.119   12.580  1.00 24.47 ? 53  LYS A C   1 
ATOM   362 O O   . LYS A 1 53 ? 5.847   -0.424  11.846  1.00 25.63 ? 53  LYS A O   1 
ATOM   363 C CB  . LYS A 1 53 ? 2.887   -1.169  12.550  1.00 27.97 ? 53  LYS A CB  1 
ATOM   364 C CG  . LYS A 1 53 ? 2.689   -1.399  14.038  1.00 46.01 ? 53  LYS A CG  1 
ATOM   365 C CD  . LYS A 1 53 ? 1.973   -2.726  14.262  1.00 59.35 ? 53  LYS A CD  1 
ATOM   366 C CE  . LYS A 1 53 ? 1.832   -3.047  15.742  1.00 75.53 ? 53  LYS A CE  1 
ATOM   367 N NZ  . LYS A 1 53 ? 0.458   -2.757  16.235  1.00 82.31 ? 53  LYS A NZ  1 
ATOM   368 N N   . LYS A 1 54 ? 5.347   0.686   13.742  1.00 23.77 ? 54  LYS A N   1 
ATOM   369 C CA  . LYS A 1 54 ? 6.750   0.668   14.231  1.00 23.48 ? 54  LYS A CA  1 
ATOM   370 C C   . LYS A 1 54 ? 7.108   -0.766  14.627  1.00 31.45 ? 54  LYS A C   1 
ATOM   371 O O   . LYS A 1 54 ? 6.244   -1.441  15.185  1.00 33.81 ? 54  LYS A O   1 
ATOM   372 C CB  . LYS A 1 54 ? 6.905   1.603   15.432  1.00 25.63 ? 54  LYS A CB  1 
ATOM   373 C CG  . LYS A 1 54 ? 8.328   1.805   15.931  1.00 29.02 ? 54  LYS A CG  1 
ATOM   374 C CD  . LYS A 1 54 ? 8.424   2.852   17.016  1.00 38.28 ? 54  LYS A CD  1 
ATOM   375 C CE  . LYS A 1 54 ? 9.114   2.364   18.271  1.00 63.02 ? 54  LYS A CE  1 
ATOM   376 N NZ  . LYS A 1 54 ? 10.293  1.533   17.946  1.00 80.85 ? 54  LYS A NZ  1 
ATOM   377 N N   . VAL A 1 55 ? 8.335   -1.202  14.341  1.00 27.90 ? 55  VAL A N   1 
ATOM   378 C CA  . VAL A 1 55 ? 8.760   -2.587  14.708  1.00 29.49 ? 55  VAL A CA  1 
ATOM   379 C C   . VAL A 1 55 ? 9.929   -2.529  15.700  1.00 35.51 ? 55  VAL A C   1 
ATOM   380 O O   . VAL A 1 55 ? 10.413  -1.455  16.010  1.00 33.20 ? 55  VAL A O   1 
ATOM   381 C CB  . VAL A 1 55 ? 9.103   -3.434  13.468  1.00 41.41 ? 55  VAL A CB  1 
ATOM   382 C CG1 . VAL A 1 55 ? 7.895   -3.620  12.567  1.00 36.00 ? 55  VAL A CG1 1 
ATOM   383 C CG2 . VAL A 1 55 ? 10.265  -2.856  12.688  1.00 41.06 ? 55  VAL A CG2 1 
ATOM   384 O OXT . VAL A 1 55 ? 10.330  -3.606  16.148  1.00 42.87 ? 55  VAL A OXT 1 
HETATM 385 O O   . HOH B 2 .  ? 12.412  1.907   17.893  1.00 59.51 ? 101 HOH A O   1 
HETATM 386 O O   . HOH B 2 .  ? -1.021  -1.181  15.663  1.00 54.37 ? 102 HOH A O   1 
HETATM 387 O O   . HOH B 2 .  ? -10.201 5.168   -1.883  1.00 46.54 ? 103 HOH A O   1 
HETATM 388 O O   . HOH B 2 .  ? -0.408  7.348   15.343  1.00 42.15 ? 104 HOH A O   1 
HETATM 389 O O   . HOH B 2 .  ? 5.074   -10.497 -6.114  1.00 37.62 ? 105 HOH A O   1 
HETATM 390 O O   . HOH B 2 .  ? -4.582  -9.417  -0.917  1.00 38.37 ? 106 HOH A O   1 
HETATM 391 O O   . HOH B 2 .  ? -10.426 11.916  5.649   1.00 67.62 ? 107 HOH A O   1 
HETATM 392 O O   . HOH B 2 .  ? 1.624   12.267  -3.473  1.00 39.87 ? 108 HOH A O   1 
HETATM 393 O O   . HOH B 2 .  ? 2.532   -9.553  -5.532  1.00 40.03 ? 109 HOH A O   1 
HETATM 394 O O   . HOH B 2 .  ? -0.136  -4.477  10.847  1.00 61.01 ? 110 HOH A O   1 
HETATM 395 O O   . HOH B 2 .  ? -9.199  1.075   -3.478  1.00 49.06 ? 111 HOH A O   1 
HETATM 396 O O   . HOH B 2 .  ? -4.773  6.045   9.926   1.00 25.79 ? 112 HOH A O   1 
HETATM 397 O O   . HOH B 2 .  ? -1.601  5.583   -12.677 1.00 46.54 ? 113 HOH A O   1 
HETATM 398 O O   . HOH B 2 .  ? -0.198  -9.585  1.077   1.00 61.14 ? 114 HOH A O   1 
HETATM 399 O O   . HOH B 2 .  ? -0.088  1.960   12.846  1.00 27.25 ? 115 HOH A O   1 
HETATM 400 O O   . HOH B 2 .  ? 11.722  0.826   15.394  1.00 27.31 ? 116 HOH A O   1 
HETATM 401 O O   . HOH B 2 .  ? -6.511  1.007   -9.705  1.00 39.95 ? 117 HOH A O   1 
HETATM 402 O O   . HOH B 2 .  ? -8.781  -5.937  -6.235  1.00 34.86 ? 118 HOH A O   1 
HETATM 403 O O   . HOH B 2 .  ? 0.662   -7.913  -5.103  1.00 59.07 ? 119 HOH A O   1 
HETATM 404 O O   . HOH B 2 .  ? 4.349   -9.454  -13.126 1.00 54.05 ? 120 HOH A O   1 
HETATM 405 O O   . HOH B 2 .  ? -8.669  2.622   -6.957  1.00 44.72 ? 121 HOH A O   1 
HETATM 406 O O   . HOH B 2 .  ? -3.906  7.095   7.633   1.00 30.34 ? 122 HOH A O   1 
HETATM 407 O O   . HOH B 2 .  ? -2.469  13.302  -2.149  1.00 45.51 ? 123 HOH A O   1 
HETATM 408 O O   . HOH B 2 .  ? -7.095  4.137   11.923  1.00 52.45 ? 124 HOH A O   1 
HETATM 409 O O   . HOH B 2 .  ? 10.147  -4.076  -4.446  1.00 37.10 ? 125 HOH A O   1 
HETATM 410 O O   . HOH B 2 .  ? -3.254  -4.603  15.807  1.00 55.29 ? 126 HOH A O   1 
HETATM 411 O O   . HOH B 2 .  ? 3.335   -11.284 1.479   1.00 50.88 ? 127 HOH A O   1 
HETATM 412 O O   . HOH B 2 .  ? -0.444  -7.473  -8.689  1.00 42.81 ? 128 HOH A O   1 
HETATM 413 O O   . HOH B 2 .  ? 5.470   -4.172  14.751  1.00 51.97 ? 129 HOH A O   1 
HETATM 414 O O   . HOH B 2 .  ? 3.424   1.522   15.715  1.00 30.57 ? 130 HOH A O   1 
HETATM 415 O O   . HOH B 2 .  ? 0.584   -0.062  -13.766 1.00 36.84 ? 131 HOH A O   1 
HETATM 416 O O   . HOH B 2 .  ? 8.450   -3.457  -7.635  1.00 26.42 ? 132 HOH A O   1 
HETATM 417 O O   . HOH B 2 .  ? -3.816  -1.484  -10.275 1.00 29.46 ? 133 HOH A O   1 
HETATM 418 O O   . HOH B 2 .  ? -9.964  2.998   10.883  1.00 53.56 ? 134 HOH A O   1 
HETATM 419 O O   . HOH B 2 .  ? 3.198   -10.529 -9.956  1.00 44.71 ? 135 HOH A O   1 
HETATM 420 O O   . HOH B 2 .  ? 10.730  -7.247  -2.605  1.00 40.34 ? 136 HOH A O   1 
HETATM 421 O O   . HOH B 2 .  ? -2.343  -0.173  -12.579 1.00 47.03 ? 137 HOH A O   1 
HETATM 422 O O   . HOH B 2 .  ? -5.071  -5.341  -7.887  1.00 34.56 ? 138 HOH A O   1 
HETATM 423 O O   . HOH B 2 .  ? -9.404  -6.086  -1.947  1.00 47.21 ? 139 HOH A O   1 
HETATM 424 O O   . HOH B 2 .  ? 9.116   -9.808  -1.629  1.00 50.33 ? 140 HOH A O   1 
HETATM 425 O O   . HOH B 2 .  ? -2.377  -7.463  -7.369  1.00 45.73 ? 141 HOH A O   1 
HETATM 426 O O   . HOH B 2 .  ? -4.109  9.625   8.057   1.00 52.76 ? 142 HOH A O   1 
HETATM 427 O O   . HOH B 2 .  ? -2.385  -11.660 0.323   1.00 49.49 ? 143 HOH A O   1 
HETATM 428 O O   . HOH B 2 .  ? 0.517   -2.933  -14.126 1.00 59.76 ? 144 HOH A O   1 
HETATM 429 O O   . HOH B 2 .  ? -6.601  -2.543  11.436  1.00 54.97 ? 145 HOH A O   1 
HETATM 430 O O   . HOH B 2 .  ? 0.774   2.058   15.294  1.00 34.37 ? 146 HOH A O   1 
HETATM 431 O O   . HOH B 2 .  ? -6.599  3.139   -11.814 1.00 53.21 ? 147 HOH A O   1 
HETATM 432 O O   . HOH B 2 .  ? 0.671   -10.245 3.332   1.00 42.91 ? 148 HOH A O   1 
HETATM 433 O O   . HOH B 2 .  ? -3.108  10.576  9.639   1.00 56.22 ? 149 HOH A O   1 
HETATM 434 O O   . HOH B 2 .  ? 7.337   2.153   21.412  1.00 61.09 ? 150 HOH A O   1 
HETATM 435 O O   . HOH B 2 .  ? -4.539  -4.050  -10.133 1.00 41.45 ? 151 HOH A O   1 
# 
loop_
_atom_site_anisotrop.id 
_atom_site_anisotrop.type_symbol 
_atom_site_anisotrop.pdbx_label_atom_id 
_atom_site_anisotrop.pdbx_label_alt_id 
_atom_site_anisotrop.pdbx_label_comp_id 
_atom_site_anisotrop.pdbx_label_asym_id 
_atom_site_anisotrop.pdbx_label_seq_id 
_atom_site_anisotrop.pdbx_PDB_ins_code 
_atom_site_anisotrop.U[1][1] 
_atom_site_anisotrop.U[2][2] 
_atom_site_anisotrop.U[3][3] 
_atom_site_anisotrop.U[1][2] 
_atom_site_anisotrop.U[1][3] 
_atom_site_anisotrop.U[2][3] 
_atom_site_anisotrop.pdbx_auth_seq_id 
_atom_site_anisotrop.pdbx_auth_comp_id 
_atom_site_anisotrop.pdbx_auth_asym_id 
_atom_site_anisotrop.pdbx_auth_atom_id 
1   N N   . LYS A 6  ? 0.7676 1.0429 0.6437 0.0169  0.0233  -0.1382 6  LYS A N   
2   C CA  . LYS A 6  ? 0.6890 0.9164 0.5729 0.0232  0.0335  -0.0948 6  LYS A CA  
3   C C   . LYS A 6  ? 0.5830 0.7944 0.4876 0.0146  0.0283  -0.0781 6  LYS A C   
4   O O   . LYS A 6  ? 0.5392 0.7706 0.4549 0.0021  0.0180  -0.0996 6  LYS A O   
5   C CB  . LYS A 6  ? 0.7752 0.9517 0.6682 0.0115  0.0463  -0.0972 6  LYS A CB  
6   C CG  . LYS A 6  ? 0.8564 1.0175 0.7492 0.0247  0.0585  -0.0617 6  LYS A CG  
7   C CD  . LYS A 6  ? 0.8634 1.0591 0.7304 0.0500  0.0638  -0.0435 6  LYS A CD  
8   C CE  . LYS A 6  ? 0.8365 1.0693 0.6755 0.0636  0.0607  -0.0713 6  LYS A CE  
9   N NZ  . LYS A 6  ? 0.7879 1.0507 0.5987 0.0936  0.0705  -0.0467 6  LYS A NZ  
10  N N   . LYS A 7  ? 0.5397 0.7182 0.4509 0.0189  0.0370  -0.0434 7  LYS A N   
11  C CA  . LYS A 7  ? 0.5669 0.7281 0.4936 0.0127  0.0337  -0.0290 7  LYS A CA  
12  C C   . LYS A 7  ? 0.4169 0.5492 0.3701 -0.0126 0.0305  -0.0441 7  LYS A C   
13  O O   . LYS A 7  ? 0.4861 0.5938 0.4460 -0.0208 0.0375  -0.0496 7  LYS A O   
14  C CB  . LYS A 7  ? 0.6254 0.7568 0.5509 0.0191  0.0484  0.0057  7  LYS A CB  
15  C CG  . LYS A 7  ? 0.8302 0.9699 0.7306 0.0449  0.0544  0.0290  7  LYS A CG  
16  C CD  . LYS A 7  ? 0.9051 0.9984 0.8052 0.0433  0.0775  0.0595  7  LYS A CD  
17  C CE  . LYS A 7  ? 1.0287 1.1229 0.8942 0.0704  0.0989  0.0854  7  LYS A CE  
18  N NZ  . LYS A 7  ? 1.1150 1.1551 0.9703 0.0732  0.1280  0.1165  7  LYS A NZ  
19  N N   . VAL A 8  ? 0.3052 0.4426 0.2697 -0.0197 0.0220  -0.0491 8  VAL A N   
20  C CA  . VAL A 8  ? 0.2637 0.3734 0.2501 -0.0400 0.0219  -0.0584 8  VAL A CA  
21  C C   . VAL A 8  ? 0.2641 0.3507 0.2611 -0.0387 0.0228  -0.0343 8  VAL A C   
22  O O   . VAL A 8  ? 0.2533 0.3503 0.2470 -0.0302 0.0184  -0.0245 8  VAL A O   
23  C CB  . VAL A 8  ? 0.2657 0.4023 0.2603 -0.0532 0.0146  -0.0847 8  VAL A CB  
24  C CG1 . VAL A 8  ? 0.2812 0.3822 0.2950 -0.0712 0.0199  -0.0872 8  VAL A CG1 
25  C CG2 . VAL A 8  ? 0.3113 0.4729 0.2977 -0.0622 0.0162  -0.1189 8  VAL A CG2 
26  N N   . VAL A 9  ? 0.2396 0.2998 0.2474 -0.0442 0.0295  -0.0269 9  VAL A N   
27  C CA  . VAL A 9  ? 0.2286 0.2747 0.2486 -0.0471 0.0308  -0.0122 9  VAL A CA  
28  C C   . VAL A 9  ? 0.2475 0.2810 0.2814 -0.0534 0.0306  -0.0171 9  VAL A C   
29  O O   . VAL A 9  ? 0.2468 0.2718 0.2779 -0.0517 0.0360  -0.0247 9  VAL A O   
30  C CB  . VAL A 9  ? 0.2363 0.2812 0.2567 -0.0459 0.0411  0.0017  9  VAL A CB  
31  C CG1 . VAL A 9  ? 0.3038 0.3497 0.3046 -0.0347 0.0478  0.0150  9  VAL A CG1 
32  C CG2 . VAL A 9  ? 0.2588 0.3130 0.2804 -0.0435 0.0467  -0.0026 9  VAL A CG2 
33  N N   . ALA A 10 ? 0.2506 0.2799 0.2952 -0.0569 0.0273  -0.0120 10 ALA A N   
34  C CA  . ALA A 10 ? 0.2115 0.2359 0.2649 -0.0565 0.0273  -0.0139 10 ALA A CA  
35  C C   . ALA A 10 ? 0.2370 0.2712 0.3023 -0.0598 0.0253  -0.0104 10 ALA A C   
36  O O   . ALA A 10 ? 0.2333 0.2609 0.2989 -0.0659 0.0252  -0.0078 10 ALA A O   
37  C CB  . ALA A 10 ? 0.2361 0.2507 0.2895 -0.0596 0.0252  -0.0195 10 ALA A CB  
38  N N   . ARG A 11 ? 0.1962 0.2471 0.2686 -0.0538 0.0261  -0.0119 11 ARG A N   
39  C CA  . ARG A 11 ? 0.1955 0.2718 0.2826 -0.0597 0.0234  -0.0175 11 ARG A CA  
40  C C   . ARG A 11 ? 0.1893 0.2632 0.2762 -0.0551 0.0173  -0.0196 11 ARG A C   
41  O O   . ARG A 11 ? 0.2100 0.2766 0.2878 -0.0407 0.0186  -0.0142 11 ARG A O   
42  C CB  . ARG A 11 ? 0.1894 0.3087 0.2846 -0.0505 0.0257  -0.0207 11 ARG A CB  
43  C CG  . ARG A 11 ? 0.1993 0.3655 0.3144 -0.0599 0.0219  -0.0354 11 ARG A CG  
44  C CD  . ARG A 11 ? 0.2613 0.4882 0.3876 -0.0506 0.0242  -0.0406 11 ARG A CD  
45  N NE  . ARG A 11 ? 0.3572 0.6503 0.5032 -0.0549 0.0179  -0.0605 11 ARG A NE  
46  C CZ  . ARG A 11 ? 0.6292 1.0019 0.7864 -0.0399 0.0160  -0.0693 11 ARG A CZ  
47  N NH1 . ARG A 11 ? 0.6398 1.0266 0.7886 -0.0170 0.0220  -0.0564 11 ARG A NH1 
48  N NH2 . ARG A 11 ? 0.7786 1.2214 0.9540 -0.0460 0.0083  -0.0934 11 ARG A NH2 
49  N N   . VAL A 12 ? 0.1813 0.2563 0.2757 -0.0672 0.0146  -0.0275 12 VAL A N   
50  C CA  . VAL A 12 ? 0.1814 0.2565 0.2738 -0.0613 0.0088  -0.0308 12 VAL A CA  
51  C C   . VAL A 12 ? 0.1795 0.3011 0.2769 -0.0483 0.0049  -0.0378 12 VAL A C   
52  O O   . VAL A 12 ? 0.2018 0.3636 0.3138 -0.0581 0.0033  -0.0540 12 VAL A O   
53  C CB  . VAL A 12 ? 0.2320 0.2875 0.3258 -0.0751 0.0101  -0.0388 12 VAL A CB  
54  C CG1 . VAL A 12 ? 0.2289 0.2901 0.3194 -0.0664 0.0038  -0.0439 12 VAL A CG1 
55  C CG2 . VAL A 12 ? 0.2408 0.2579 0.3223 -0.0756 0.0153  -0.0270 12 VAL A CG2 
56  N N   . GLU A 13 ? 0.2029 0.3237 0.2876 -0.0256 0.0061  -0.0266 13 GLU A N   
57  C CA  . GLU A 13 ? 0.1920 0.3596 0.2720 -0.0003 0.0049  -0.0268 13 GLU A CA  
58  C C   . GLU A 13 ? 0.2345 0.4237 0.3130 0.0056  -0.0022 -0.0354 13 GLU A C   
59  O O   . GLU A 13 ? 0.2261 0.4769 0.3071 0.0192  -0.0086 -0.0476 13 GLU A O   
60  C CB  . GLU A 13 ? 0.2763 0.4201 0.3341 0.0279  0.0185  -0.0053 13 GLU A CB  
61  C CG  . GLU A 13 ? 0.3693 0.4843 0.4237 0.0239  0.0277  0.0009  13 GLU A CG  
62  C CD  . GLU A 13 ? 0.4768 0.6389 0.5326 0.0411  0.0283  -0.0003 13 GLU A CD  
63  O OE1 . GLU A 13 ? 0.5119 0.6964 0.5861 0.0205  0.0223  -0.0122 13 GLU A OE1 
64  O OE2 . GLU A 13 ? 0.5614 0.7382 0.5974 0.0783  0.0379  0.0125  13 GLU A OE2 
65  N N   . GLU A 14 ? 0.1989 0.3465 0.2723 -0.0015 -0.0011 -0.0302 14 GLU A N   
66  C CA  . GLU A 14 ? 0.2052 0.3693 0.2741 0.0060  -0.0066 -0.0377 14 GLU A CA  
67  C C   . GLU A 14 ? 0.2235 0.3446 0.2933 -0.0102 -0.0067 -0.0380 14 GLU A C   
68  O O   . GLU A 14 ? 0.2444 0.3303 0.3133 -0.0168 -0.0013 -0.0260 14 GLU A O   
69  C CB  . GLU A 14 ? 0.3355 0.4993 0.3842 0.0375  0.0021  -0.0178 14 GLU A CB  
70  C CG  . GLU A 14 ? 0.5518 0.7420 0.5859 0.0692  0.0102  -0.0046 14 GLU A CG  
71  C CD  . GLU A 14 ? 0.6790 0.8421 0.6868 0.0992  0.0292  0.0215  14 GLU A CD  
72  O OE1 . GLU A 14 ? 0.6149 0.8003 0.6130 0.1154  0.0272  0.0222  14 GLU A OE1 
73  O OE2 . GLU A 14 ? 0.6247 0.7394 0.6205 0.1041  0.0491  0.0398  14 GLU A OE2 
74  N N   . ILE A 15 ? 0.2214 0.3520 0.2921 -0.0151 -0.0123 -0.0549 15 ILE A N   
75  C CA  . ILE A 15 ? 0.2111 0.3058 0.2764 -0.0194 -0.0107 -0.0534 15 ILE A CA  
76  C C   . ILE A 15 ? 0.2138 0.3265 0.2679 0.0031  -0.0110 -0.0464 15 ILE A C   
77  O O   . ILE A 15 ? 0.2408 0.3912 0.2906 0.0136  -0.0164 -0.0602 15 ILE A O   
78  C CB  . ILE A 15 ? 0.2586 0.3381 0.3259 -0.0370 -0.0100 -0.0760 15 ILE A CB  
79  C CG1 . ILE A 15 ? 0.3568 0.4155 0.4332 -0.0593 -0.0030 -0.0804 15 ILE A CG1 
80  C CG2 . ILE A 15 ? 0.2819 0.3265 0.3363 -0.0298 -0.0063 -0.0711 15 ILE A CG2 
81  C CD1 . ILE A 15 ? 0.3976 0.4206 0.4684 -0.0573 0.0020  -0.0580 15 ILE A CD1 
82  N N   . LEU A 16 ? 0.2116 0.3049 0.2616 0.0095  -0.0040 -0.0276 16 LEU A N   
83  C CA  . LEU A 16 ? 0.2271 0.3332 0.2663 0.0300  0.0023  -0.0163 16 LEU A CA  
84  C C   . LEU A 16 ? 0.2172 0.3233 0.2515 0.0345  -0.0006 -0.0227 16 LEU A C   
85  O O   . LEU A 16 ? 0.2471 0.3753 0.2699 0.0538  0.0008  -0.0214 16 LEU A O   
86  C CB  . LEU A 16 ? 0.2200 0.3048 0.2599 0.0288  0.0181  0.0040  16 LEU A CB  
87  C CG  . LEU A 16 ? 0.3183 0.3909 0.3542 0.0320  0.0296  0.0151  16 LEU A CG  
88  C CD1 . LEU A 16 ? 0.3961 0.4405 0.4271 0.0318  0.0540  0.0321  16 LEU A CD1 
89  C CD2 . LEU A 16 ? 0.3797 0.4835 0.4018 0.0577  0.0271  0.0161  16 LEU A CD2 
90  N N   . HIS A 17 ? 0.2170 0.3004 0.2558 0.0226  -0.0029 -0.0276 17 HIS A N   
91  C CA  . HIS A 17 ? 0.2164 0.2972 0.2476 0.0329  -0.0023 -0.0294 17 HIS A CA  
92  C C   . HIS A 17 ? 0.2540 0.3037 0.2822 0.0258  -0.0028 -0.0362 17 HIS A C   
93  O O   . HIS A 17 ? 0.2870 0.3269 0.3214 0.0182  -0.0014 -0.0272 17 HIS A O   
94  C CB  . HIS A 17 ? 0.2062 0.2997 0.2429 0.0382  0.0065  -0.0116 17 HIS A CB  
95  C CG  . HIS A 17 ? 0.2147 0.3183 0.2460 0.0521  0.0080  -0.0110 17 HIS A CG  
96  N ND1 . HIS A 17 ? 0.2365 0.3373 0.2695 0.0536  0.0070  -0.0103 17 HIS A ND1 
97  C CD2 . HIS A 17 ? 0.2260 0.3482 0.2479 0.0699  0.0119  -0.0090 17 HIS A CD2 
98  C CE1 . HIS A 17 ? 0.2640 0.3814 0.2896 0.0722  0.0097  -0.0086 17 HIS A CE1 
99  N NE2 . HIS A 17 ? 0.2543 0.3832 0.2741 0.0803  0.0128  -0.0085 17 HIS A NE2 
100 N N   . ASP A 18 ? 0.2715 0.3020 0.2863 0.0298  -0.0016 -0.0523 18 ASP A N   
101 C CA  . ASP A 18 ? 0.3368 0.3209 0.3410 0.0260  0.0065  -0.0562 18 ASP A CA  
102 C C   . ASP A 18 ? 0.3885 0.3465 0.3706 0.0428  0.0142  -0.0657 18 ASP A C   
103 O O   . ASP A 18 ? 0.4202 0.3536 0.3934 0.0332  0.0198  -0.0908 18 ASP A O   
104 C CB  . ASP A 18 ? 0.3435 0.3074 0.3539 0.0011  0.0097  -0.0722 18 ASP A CB  
105 C CG  . ASP A 18 ? 0.4250 0.3317 0.4219 -0.0026 0.0255  -0.0677 18 ASP A CG  
106 O OD1 . ASP A 18 ? 0.4227 0.3093 0.4023 0.0202  0.0320  -0.0505 18 ASP A OD1 
107 O OD2 . ASP A 18 ? 0.4712 0.3567 0.4738 -0.0260 0.0337  -0.0799 18 ASP A OD2 
108 N N   . PRO A 19 ? 0.3446 0.3099 0.3173 0.0674  0.0163  -0.0492 19 PRO A N   
109 C CA  . PRO A 19 ? 0.4074 0.3395 0.3530 0.0905  0.0275  -0.0544 19 PRO A CA  
110 C C   . PRO A 19 ? 0.4858 0.3463 0.4092 0.0907  0.0460  -0.0557 19 PRO A C   
111 O O   . PRO A 19 ? 0.4769 0.3249 0.4048 0.0824  0.0491  -0.0434 19 PRO A O   
112 C CB  . PRO A 19 ? 0.4475 0.4212 0.3935 0.1183  0.0251  -0.0327 19 PRO A CB  
113 C CG  . PRO A 19 ? 0.3403 0.3688 0.3172 0.1017  0.0140  -0.0227 19 PRO A CG  
114 C CD  . PRO A 19 ? 0.3220 0.3303 0.3097 0.0742  0.0110  -0.0283 19 PRO A CD  
115 N N   . GLY A 20 ? 0.5627 0.3698 0.4584 0.1011  0.0626  -0.0708 20 GLY A N   
116 C CA  . GLY A 20 ? 0.6779 0.4004 0.5436 0.1075  0.0901  -0.0672 20 GLY A CA  
117 C C   . GLY A 20 ? 0.7014 0.4281 0.5495 0.1470  0.0952  -0.0308 20 GLY A C   
118 O O   . GLY A 20 ? 0.6692 0.4540 0.5197 0.1758  0.0830  -0.0165 20 GLY A O   
119 N N   . ARG A 21 ? 0.7340 0.4087 0.5657 0.1484  0.1140  -0.0167 21 ARG A N   
120 C CA  . ARG A 21 ? 0.8702 0.5517 0.6776 0.1926  0.1214  0.0177  21 ARG A CA  
121 C C   . ARG A 21 ? 0.7509 0.5416 0.5913 0.1968  0.0904  0.0293  21 ARG A C   
122 O O   . ARG A 21 ? 0.8036 0.6405 0.6318 0.2373  0.0880  0.0491  21 ARG A O   
123 C CB  . ARG A 21 ? 1.0994 0.7423 0.8614 0.2434  0.1425  0.0301  21 ARG A CB  
124 C CG  . ARG A 21 ? 1.3180 0.8638 1.0523 0.2249  0.1725  0.0164  21 ARG A CG  
125 C CD  . ARG A 21 ? 1.4580 0.9971 1.1832 0.2323  0.1727  -0.0029 21 ARG A CD  
126 N NE  . ARG A 21 ? 1.4609 1.0297 1.2181 0.2015  0.1537  -0.0390 21 ARG A NE  
127 C CZ  . ARG A 21 ? 1.4640 0.9927 1.2288 0.1599  0.1614  -0.0763 21 ARG A CZ  
128 N NH1 . ARG A 21 ? 1.5237 0.9783 1.2727 0.1402  0.1887  -0.0822 21 ARG A NH1 
129 N NH2 . ARG A 21 ? 1.3820 0.9584 1.1716 0.1371  0.1410  -0.1073 21 ARG A NH2 
130 N N   . THR A 22 ? 0.5656 0.4002 0.4471 0.1551  0.0693  0.0149  22 THR A N   
131 C CA  . THR A 22 ? 0.5523 0.4751 0.4661 0.1488  0.0464  0.0201  22 THR A CA  
132 C C   . THR A 22 ? 0.5571 0.4831 0.4963 0.1102  0.0382  0.0133  22 THR A C   
133 O O   . THR A 22 ? 0.4895 0.3824 0.4361 0.0826  0.0402  -0.0023 22 THR A O   
134 C CB  . THR A 22 ? 0.5087 0.4849 0.4437 0.1450  0.0332  0.0107  22 THR A CB  
135 O OG1 . THR A 22 ? 0.5781 0.5513 0.4882 0.1827  0.0420  0.0158  22 THR A OG1 
136 C CG2 . THR A 22 ? 0.5113 0.5681 0.4791 0.1338  0.0184  0.0138  22 THR A CG2 
137 N N   . ALA A 23 ? 0.5002 0.4724 0.4519 0.1096  0.0292  0.0222  23 ALA A N   
138 C CA  . ALA A 23 ? 0.3587 0.3323 0.3306 0.0778  0.0233  0.0169  23 ALA A CA  
139 C C   . ALA A 23 ? 0.3374 0.3352 0.3378 0.0503  0.0121  0.0030  23 ALA A C   
140 O O   . ALA A 23 ? 0.3227 0.3630 0.3356 0.0536  0.0059  0.0019  23 ALA A O   
141 C CB  . ALA A 23 ? 0.3087 0.3304 0.2852 0.0845  0.0166  0.0249  23 ALA A CB  
142 N N   . PRO A 24 ? 0.3079 0.2835 0.3172 0.0263  0.0121  -0.0062 24 PRO A N   
143 C CA  . PRO A 24 ? 0.2730 0.2724 0.3011 0.0111  0.0044  -0.0151 24 PRO A CA  
144 C C   . PRO A 24 ? 0.2334 0.2658 0.2791 0.0010  0.0000  -0.0104 24 PRO A C   
145 O O   . PRO A 24 ? 0.2567 0.2957 0.3051 -0.0032 -0.0005 -0.0069 24 PRO A O   
146 C CB  . PRO A 24 ? 0.3316 0.3077 0.3619 -0.0066 0.0068  -0.0274 24 PRO A CB  
147 C CG  . PRO A 24 ? 0.3092 0.2543 0.3311 -0.0104 0.0158  -0.0212 24 PRO A CG  
148 C CD  . PRO A 24 ? 0.3414 0.2704 0.3415 0.0152  0.0229  -0.0090 24 PRO A CD  
149 N N   . VAL A 25 ? 0.2311 0.3351 0.2757 0.0186  -0.0021 0.0126  25 VAL A N   
150 C CA  . VAL A 25 ? 0.2173 0.3240 0.2640 0.0087  -0.0015 0.0175  25 VAL A CA  
151 C C   . VAL A 25 ? 0.2279 0.3222 0.2775 0.0075  -0.0066 0.0108  25 VAL A C   
152 O O   . VAL A 25 ? 0.2192 0.3176 0.2667 0.0169  -0.0124 -0.0003 25 VAL A O   
153 C CB  . VAL A 25 ? 0.2776 0.3916 0.3153 0.0110  0.0060  0.0241  25 VAL A CB  
154 C CG1 . VAL A 25 ? 0.2598 0.3606 0.2975 0.0014  0.0157  0.0302  25 VAL A CG1 
155 C CG2 . VAL A 25 ? 0.3258 0.4637 0.3703 0.0101  0.0122  0.0242  25 VAL A CG2 
156 N N   . ALA A 26 ? 0.2073 0.2950 0.2641 -0.0021 -0.0054 0.0124  26 ALA A N   
157 C CA  . ALA A 26 ? 0.1966 0.2799 0.2603 -0.0024 -0.0097 0.0040  26 ALA A CA  
158 C C   . ALA A 26 ? 0.2131 0.2888 0.2714 -0.0047 -0.0064 0.0118  26 ALA A C   
159 O O   . ALA A 26 ? 0.2562 0.3286 0.3155 -0.0148 0.0013  0.0183  26 ALA A O   
160 C CB  . ALA A 26 ? 0.2211 0.2958 0.3005 -0.0111 -0.0055 -0.0038 26 ALA A CB  
161 N N   . ARG A 27 ? 0.2055 0.2820 0.2601 0.0067  -0.0111 0.0071  27 ARG A N   
162 C CA  . ARG A 27 ? 0.2245 0.2859 0.2736 0.0073  -0.0052 0.0139  27 ARG A CA  
163 C C   . ARG A 27 ? 0.2168 0.2850 0.2866 -0.0010 -0.0099 0.0016  27 ARG A C   
164 O O   . ARG A 27 ? 0.1833 0.2711 0.2683 0.0027  -0.0177 -0.0151 27 ARG A O   
165 C CB  . ARG A 27 ? 0.2835 0.3388 0.3058 0.0353  -0.0041 0.0209  27 ARG A CB  
166 C CG  . ARG A 27 ? 0.2810 0.3086 0.2932 0.0398  0.0079  0.0304  27 ARG A CG  
167 C CD  . ARG A 27 ? 0.3972 0.3988 0.3674 0.0733  0.0214  0.0491  27 ARG A CD  
168 N NE  . ARG A 27 ? 0.4821 0.4551 0.4369 0.0665  0.0448  0.0661  27 ARG A NE  
169 C CZ  . ARG A 27 ? 0.5496 0.5262 0.4766 0.0887  0.0477  0.0758  27 ARG A CZ  
170 N NH1 . ARG A 27 ? 0.4764 0.4889 0.3879 0.1205  0.0249  0.0664  27 ARG A NH1 
171 N NH2 . ARG A 27 ? 0.5235 0.4731 0.4413 0.0786  0.0749  0.0902  27 ARG A NH2 
172 N N   . VAL A 28 ? 0.2114 0.2677 0.2857 -0.0143 -0.0028 0.0054  28 VAL A N   
173 C CA  . VAL A 28 ? 0.1884 0.2489 0.2782 -0.0219 -0.0029 -0.0034 28 VAL A CA  
174 C C   . VAL A 28 ? 0.2078 0.2567 0.2942 -0.0189 0.0010  -0.0026 28 VAL A C   
175 O O   . VAL A 28 ? 0.2383 0.2676 0.3116 -0.0173 0.0091  0.0057  28 VAL A O   
176 C CB  . VAL A 28 ? 0.1717 0.2315 0.2633 -0.0334 0.0026  -0.0010 28 VAL A CB  
177 C CG1 . VAL A 28 ? 0.2100 0.2718 0.3009 -0.0311 0.0032  0.0001  28 VAL A CG1 
178 C CG2 . VAL A 28 ? 0.2209 0.2819 0.3056 -0.0397 0.0055  0.0023  28 VAL A CG2 
179 N N   . LYS A 29 ? 0.1973 0.2554 0.2980 -0.0194 -0.0001 -0.0127 29 LYS A N   
180 C CA  . LYS A 29 ? 0.2004 0.2490 0.2987 -0.0137 0.0036  -0.0139 29 LYS A CA  
181 C C   . LYS A 29 ? 0.2211 0.2703 0.3285 -0.0284 0.0098  -0.0187 29 LYS A C   
182 O O   . LYS A 29 ? 0.2056 0.2680 0.3277 -0.0334 0.0124  -0.0256 29 LYS A O   
183 C CB  . LYS A 29 ? 0.2293 0.2992 0.3352 0.0071  -0.0045 -0.0250 29 LYS A CB  
184 C CG  . LYS A 29 ? 0.2566 0.3167 0.3575 0.0196  -0.0002 -0.0257 29 LYS A CG  
185 C CD  . LYS A 29 ? 0.4249 0.5267 0.5421 0.0418  -0.0114 -0.0446 29 LYS A CD  
186 C CE  . LYS A 29 ? 0.6205 0.7573 0.7792 0.0194  -0.0113 -0.0670 29 LYS A CE  
187 N NZ  . LYS A 29 ? 0.6271 0.8148 0.8187 0.0312  -0.0173 -0.0959 29 LYS A NZ  
188 N N   . PHE A 30 ? 0.2242 0.2590 0.3232 -0.0352 0.0160  -0.0173 30 PHE A N   
189 C CA  . PHE A 30 ? 0.2061 0.2477 0.3071 -0.0428 0.0202  -0.0241 30 PHE A CA  
190 C C   . PHE A 30 ? 0.2459 0.2877 0.3550 -0.0362 0.0233  -0.0310 30 PHE A C   
191 O O   . PHE A 30 ? 0.2617 0.3006 0.3740 -0.0233 0.0207  -0.0319 30 PHE A O   
192 C CB  . PHE A 30 ? 0.2410 0.2803 0.3372 -0.0525 0.0240  -0.0314 30 PHE A CB  
193 C CG  . PHE A 30 ? 0.2090 0.2650 0.3030 -0.0575 0.0200  -0.0304 30 PHE A CG  
194 C CD1 . PHE A 30 ? 0.2177 0.2992 0.3028 -0.0528 0.0159  -0.0323 30 PHE A CD1 
195 C CD2 . PHE A 30 ? 0.2428 0.2891 0.3390 -0.0612 0.0225  -0.0258 30 PHE A CD2 
196 C CE1 . PHE A 30 ? 0.2219 0.3254 0.3034 -0.0504 0.0108  -0.0324 30 PHE A CE1 
197 C CE2 . PHE A 30 ? 0.2741 0.3423 0.3718 -0.0648 0.0191  -0.0272 30 PHE A CE2 
198 C CZ  . PHE A 30 ? 0.2600 0.3598 0.3519 -0.0586 0.0113  -0.0317 30 PHE A CZ  
199 N N   . GLU A 31 ? 0.2574 0.3069 0.3667 -0.0401 0.0295  -0.0360 31 GLU A N   
200 C CA  . GLU A 31 ? 0.2602 0.3152 0.3809 -0.0347 0.0347  -0.0442 31 GLU A CA  
201 C C   . GLU A 31 ? 0.2770 0.3160 0.3936 -0.0265 0.0350  -0.0496 31 GLU A C   
202 O O   . GLU A 31 ? 0.3752 0.4208 0.5012 -0.0145 0.0361  -0.0559 31 GLU A O   
203 C CB  . GLU A 31 ? 0.2724 0.3344 0.3873 -0.0379 0.0465  -0.0455 31 GLU A CB  
204 C CG  . GLU A 31 ? 0.2829 0.3468 0.4022 -0.0419 0.0584  -0.0382 31 GLU A CG  
205 C CD  . GLU A 31 ? 0.2832 0.3447 0.3922 -0.0395 0.0798  -0.0352 31 GLU A CD  
206 O OE1 . GLU A 31 ? 0.2698 0.3323 0.4017 -0.0459 0.0987  -0.0399 31 GLU A OE1 
207 O OE2 . GLU A 31 ? 0.3177 0.3799 0.3962 -0.0303 0.0799  -0.0313 31 GLU A OE2 
208 N N   . ASP A 32 ? 0.3222 0.3399 0.4274 -0.0323 0.0376  -0.0499 32 ASP A N   
209 C CA  . ASP A 32 ? 0.3727 0.3585 0.4722 -0.0248 0.0472  -0.0534 32 ASP A CA  
210 C C   . ASP A 32 ? 0.4104 0.3738 0.4991 -0.0053 0.0485  -0.0391 32 ASP A C   
211 O O   . ASP A 32 ? 0.4544 0.3782 0.5292 0.0083  0.0629  -0.0356 32 ASP A O   
212 C CB  . ASP A 32 ? 0.3895 0.3599 0.4889 -0.0435 0.0575  -0.0672 32 ASP A CB  
213 C CG  . ASP A 32 ? 0.5157 0.4875 0.6171 -0.0569 0.0573  -0.0640 32 ASP A CG  
214 O OD1 . ASP A 32 ? 0.5337 0.5072 0.6455 -0.0755 0.0656  -0.0833 32 ASP A OD1 
215 O OD2 . ASP A 32 ? 0.4676 0.4445 0.5644 -0.0496 0.0495  -0.0473 32 ASP A OD2 
216 N N   . GLY A 33 ? 0.3390 0.3238 0.4294 0.0006  0.0366  -0.0311 33 GLY A N   
217 C CA  . GLY A 33 ? 0.3383 0.3120 0.4118 0.0263  0.0352  -0.0189 33 GLY A CA  
218 C C   . GLY A 33 ? 0.3839 0.3275 0.4409 0.0204  0.0451  -0.0053 33 GLY A C   
219 O O   . GLY A 33 ? 0.3769 0.3128 0.4129 0.0454  0.0449  0.0078  33 GLY A O   
220 N N   . THR A 34 ? 0.3563 0.2901 0.4228 -0.0089 0.0543  -0.0110 34 THR A N   
221 C CA  . THR A 34 ? 0.3619 0.2744 0.4222 -0.0194 0.0675  -0.0035 34 THR A CA  
222 C C   . THR A 34 ? 0.3306 0.2745 0.3911 -0.0173 0.0510  0.0034  34 THR A C   
223 O O   . THR A 34 ? 0.3134 0.2942 0.3883 -0.0254 0.0343  -0.0041 34 THR A O   
224 C CB  . THR A 34 ? 0.3502 0.2653 0.4318 -0.0520 0.0779  -0.0232 34 THR A CB  
225 O OG1 . THR A 34 ? 0.5498 0.4374 0.6350 -0.0562 0.0938  -0.0360 34 THR A OG1 
226 C CG2 . THR A 34 ? 0.4905 0.3871 0.5754 -0.0667 0.0977  -0.0214 34 THR A CG2 
227 N N   . LYS A 35 ? 0.3380 0.2610 0.3790 -0.0045 0.0604  0.0186  35 LYS A N   
228 C CA  . LYS A 35 ? 0.3025 0.2538 0.3417 -0.0006 0.0460  0.0232  35 LYS A CA  
229 C C   . LYS A 35 ? 0.3394 0.2834 0.3844 -0.0219 0.0602  0.0245  35 LYS A C   
230 O O   . LYS A 35 ? 0.3949 0.2994 0.4337 -0.0276 0.0881  0.0293  35 LYS A O   
231 C CB  . LYS A 35 ? 0.3915 0.3416 0.4025 0.0370  0.0410  0.0354  35 LYS A CB  
232 C CG  . LYS A 35 ? 0.4299 0.4123 0.4471 0.0579  0.0217  0.0236  35 LYS A CG  
233 C CD  . LYS A 35 ? 0.6967 0.6962 0.6865 0.1025  0.0120  0.0272  35 LYS A CD  
234 C CE  . LYS A 35 ? 0.8766 0.9062 0.8729 0.1279  -0.0006 0.0128  35 LYS A CE  
235 N NZ  . LYS A 35 ? 0.9641 1.0439 0.9467 0.1716  -0.0207 0.0014  35 LYS A NZ  
236 N N   . LYS A 36 ? 0.2874 0.2677 0.3459 -0.0324 0.0453  0.0186  36 LYS A N   
237 C CA  . LYS A 36 ? 0.3333 0.3213 0.4024 -0.0502 0.0559  0.0149  36 LYS A CA  
238 C C   . LYS A 36 ? 0.2977 0.3140 0.3640 -0.0428 0.0404  0.0189  36 LYS A C   
239 O O   . LYS A 36 ? 0.2470 0.2801 0.3133 -0.0342 0.0225  0.0172  36 LYS A O   
240 C CB  . LYS A 36 ? 0.3827 0.3984 0.4784 -0.0732 0.0541  -0.0072 36 LYS A CB  
241 C CG  . LYS A 36 ? 0.5510 0.5440 0.6593 -0.0889 0.0736  -0.0216 36 LYS A CG  
242 C CD  . LYS A 36 ? 0.6771 0.6396 0.7960 -0.1061 0.1079  -0.0260 36 LYS A CD  
243 C CE  . LYS A 36 ? 0.7032 0.6973 0.8371 -0.1166 0.1107  -0.0313 36 LYS A CE  
244 N NZ  . LYS A 36 ? 0.7180 0.6779 0.8678 -0.1377 0.1534  -0.0376 36 LYS A NZ  
245 N N   . LEU A 37 ? 0.2842 0.3026 0.3509 -0.0476 0.0520  0.0219  37 LEU A N   
246 C CA  . LEU A 37 ? 0.2524 0.2981 0.3176 -0.0409 0.0391  0.0233  37 LEU A CA  
247 C C   . LEU A 37 ? 0.2458 0.3285 0.3316 -0.0526 0.0294  0.0085  37 LEU A C   
248 O O   . LEU A 37 ? 0.3311 0.4270 0.4360 -0.0691 0.0378  -0.0064 37 LEU A O   
249 C CB  . LEU A 37 ? 0.3232 0.3609 0.3817 -0.0407 0.0583  0.0311  37 LEU A CB  
250 C CG  . LEU A 37 ? 0.4576 0.4681 0.4807 -0.0144 0.0647  0.0500  37 LEU A CG  
251 C CD1 . LEU A 37 ? 0.5627 0.5740 0.5771 -0.0117 0.0813  0.0578  37 LEU A CD1 
252 C CD2 . LEU A 37 ? 0.5085 0.5363 0.5211 0.0065  0.0372  0.0471  37 LEU A CD2 
253 N N   . ILE A 38 ? 0.1891 0.2871 0.2692 -0.0411 0.0144  0.0104  38 ILE A N   
254 C CA  . ILE A 38 ? 0.2159 0.3456 0.3010 -0.0379 0.0069  0.0028  38 ILE A CA  
255 C C   . ILE A 38 ? 0.2194 0.3520 0.2932 -0.0221 0.0019  0.0103  38 ILE A C   
256 O O   . ILE A 38 ? 0.2312 0.3445 0.2979 -0.0173 0.0019  0.0164  38 ILE A O   
257 C CB  . ILE A 38 ? 0.2936 0.4214 0.3739 -0.0343 0.0018  0.0009  38 ILE A CB  
258 C CG1 . ILE A 38 ? 0.3077 0.4060 0.3788 -0.0269 0.0013  0.0106  38 ILE A CG1 
259 C CG2 . ILE A 38 ? 0.3718 0.5001 0.4639 -0.0489 0.0063  -0.0109 38 ILE A CG2 
260 C CD1 . ILE A 38 ? 0.4024 0.4943 0.4650 -0.0206 0.0044  0.0127  38 ILE A CD1 
261 N N   . ILE A 39 ? 0.1930 0.3522 0.2628 -0.0095 -0.0022 0.0077  39 ILE A N   
262 C CA  . ILE A 39 ? 0.2048 0.3548 0.2582 0.0105  -0.0025 0.0167  39 ILE A CA  
263 C C   . ILE A 39 ? 0.2110 0.3324 0.2484 0.0208  0.0027  0.0248  39 ILE A C   
264 O O   . ILE A 39 ? 0.2215 0.3547 0.2526 0.0252  0.0018  0.0237  39 ILE A O   
265 C CB  . ILE A 39 ? 0.2235 0.4169 0.2756 0.0270  -0.0061 0.0117  39 ILE A CB  
266 C CG1 . ILE A 39 ? 0.2926 0.5122 0.3668 0.0114  -0.0034 0.0017  39 ILE A CG1 
267 C CG2 . ILE A 39 ? 0.2912 0.4642 0.3199 0.0533  -0.0021 0.0239  39 ILE A CG2 
268 C CD1 . ILE A 39 ? 0.3663 0.6454 0.4526 0.0224  -0.0066 -0.0124 39 ILE A CD1 
269 N N   . ALA A 40 ? 0.2925 0.3633 0.3281 0.0056  0.0059  -0.0014 40 ALA A N   
270 C CA  . ALA A 40 ? 0.2755 0.3035 0.3098 0.0056  0.0014  -0.0027 40 ALA A CA  
271 C C   . ALA A 40 ? 0.2848 0.2986 0.3271 0.0186  -0.0089 -0.0219 40 ALA A C   
272 O O   . ALA A 40 ? 0.2613 0.3061 0.3115 0.0313  -0.0115 -0.0422 40 ALA A O   
273 C CB  . ALA A 40 ? 0.3240 0.3499 0.3557 -0.0028 0.0039  -0.0001 40 ALA A CB  
274 N N   . PRO A 41 ? 0.3493 0.3183 0.3904 0.0156  -0.0174 -0.0166 41 PRO A N   
275 C CA  . PRO A 41 ? 0.3490 0.2912 0.4012 0.0282  -0.0355 -0.0327 41 PRO A CA  
276 C C   . PRO A 41 ? 0.3001 0.2517 0.3634 0.0337  -0.0410 -0.0568 41 PRO A C   
277 O O   . PRO A 41 ? 0.3376 0.2998 0.3971 0.0219  -0.0329 -0.0541 41 PRO A O   
278 C CB  . PRO A 41 ? 0.5306 0.4211 0.5741 0.0137  -0.0435 -0.0112 41 PRO A CB  
279 C CG  . PRO A 41 ? 0.3991 0.3021 0.4265 -0.0001 -0.0275 0.0100  41 PRO A CG  
280 C CD  . PRO A 41 ? 0.3767 0.3205 0.4067 -0.0004 -0.0130 0.0041  41 PRO A CD  
281 N N   . GLU A 42 ? 0.3345 0.2835 0.4139 0.0548  -0.0580 -0.0848 42 GLU A N   
282 C CA  . GLU A 42 ? 0.3294 0.2778 0.4223 0.0632  -0.0704 -0.1145 42 GLU A CA  
283 C C   . GLU A 42 ? 0.4175 0.3179 0.5108 0.0413  -0.0771 -0.0997 42 GLU A C   
284 O O   . GLU A 42 ? 0.5190 0.3714 0.6084 0.0261  -0.0834 -0.0736 42 GLU A O   
285 C CB  . GLU A 42 ? 0.4223 0.3553 0.5384 0.0913  -0.0964 -0.1483 42 GLU A CB  
286 C CG  . GLU A 42 ? 0.6098 0.6150 0.7347 0.1166  -0.0903 -0.1805 42 GLU A CG  
287 C CD  . GLU A 42 ? 0.8212 0.8193 0.9762 0.1500  -0.1195 -0.2289 42 GLU A CD  
288 O OE1 . GLU A 42 ? 0.8482 0.8466 1.0166 0.1661  -0.1317 -0.2339 42 GLU A OE1 
289 O OE2 . GLU A 42 ? 0.9028 0.9013 1.0660 0.1530  -0.1309 -0.2526 42 GLU A OE2 
290 N N   . GLY A 43 ? 0.4112 0.3305 0.5092 0.0379  -0.0765 -0.1166 43 GLY A N   
291 C CA  . GLY A 43 ? 0.4724 0.3579 0.5777 0.0157  -0.0831 -0.1072 43 GLY A CA  
292 C C   . GLY A 43 ? 0.4222 0.3320 0.5154 -0.0057 -0.0612 -0.0828 43 GLY A C   
293 O O   . GLY A 43 ? 0.4244 0.3278 0.5280 -0.0229 -0.0640 -0.0818 43 GLY A O   
294 N N   . VAL A 44 ? 0.3895 0.3282 0.4662 -0.0043 -0.0427 -0.0659 44 VAL A N   
295 C CA  . VAL A 44 ? 0.3137 0.2742 0.3843 -0.0193 -0.0271 -0.0482 44 VAL A CA  
296 C C   . VAL A 44 ? 0.3532 0.3494 0.4265 -0.0152 -0.0280 -0.0648 44 VAL A C   
297 O O   . VAL A 44 ? 0.4107 0.4316 0.4796 0.0001  -0.0323 -0.0839 44 VAL A O   
298 C CB  . VAL A 44 ? 0.3052 0.2809 0.3614 -0.0178 -0.0132 -0.0291 44 VAL A CB  
299 C CG1 . VAL A 44 ? 0.4710 0.4169 0.5206 -0.0205 -0.0140 -0.0144 44 VAL A CG1 
300 C CG2 . VAL A 44 ? 0.3829 0.3943 0.4309 -0.0045 -0.0100 -0.0353 44 VAL A CG2 
301 N N   . LYS A 45 ? 0.3175 0.3226 0.3987 -0.0284 -0.0248 -0.0590 45 LYS A N   
302 C CA  . LYS A 45 ? 0.2942 0.3331 0.3779 -0.0248 -0.0293 -0.0723 45 LYS A CA  
303 C C   . LYS A 45 ? 0.3192 0.3777 0.4032 -0.0294 -0.0217 -0.0563 45 LYS A C   
304 O O   . LYS A 45 ? 0.2870 0.3347 0.3737 -0.0367 -0.0128 -0.0416 45 LYS A O   
305 C CB  . LYS A 45 ? 0.3914 0.4209 0.4964 -0.0333 -0.0426 -0.0919 45 LYS A CB  
306 C CG  . LYS A 45 ? 0.5430 0.5554 0.6676 -0.0571 -0.0397 -0.0791 45 LYS A CG  
307 C CD  . LYS A 45 ? 0.7383 0.7215 0.8852 -0.0711 -0.0565 -0.0925 45 LYS A CD  
308 C CE  . LYS A 45 ? 0.8107 0.7851 0.9756 -0.1026 -0.0516 -0.0733 45 LYS A CE  
309 N NZ  . LYS A 45 ? 0.8493 0.7864 1.0020 -0.1138 -0.0476 -0.0477 45 LYS A NZ  
310 N N   . VAL A 46 ? 0.2633 0.3512 0.3441 -0.0234 -0.0283 -0.0612 46 VAL A N   
311 C CA  . VAL A 46 ? 0.2511 0.3539 0.3372 -0.0228 -0.0293 -0.0497 46 VAL A CA  
312 C C   . VAL A 46 ? 0.2563 0.3594 0.3696 -0.0341 -0.0249 -0.0537 46 VAL A C   
313 O O   . VAL A 46 ? 0.2759 0.3817 0.4069 -0.0449 -0.0281 -0.0669 46 VAL A O   
314 C CB  . VAL A 46 ? 0.2491 0.3808 0.3281 -0.0153 -0.0436 -0.0543 46 VAL A CB  
315 C CG1 . VAL A 46 ? 0.2705 0.4121 0.3642 -0.0118 -0.0519 -0.0471 46 VAL A CG1 
316 C CG2 . VAL A 46 ? 0.2977 0.4422 0.3450 -0.0092 -0.0446 -0.0434 46 VAL A CG2 
317 N N   . GLY A 47 ? 0.2112 0.3160 0.3297 -0.0331 -0.0179 -0.0440 47 GLY A N   
318 C CA  . GLY A 47 ? 0.2432 0.3650 0.3863 -0.0438 -0.0099 -0.0496 47 GLY A CA  
319 C C   . GLY A 47 ? 0.2402 0.3458 0.3765 -0.0583 0.0047  -0.0398 47 GLY A C   
320 O O   . GLY A 47 ? 0.2224 0.3521 0.3724 -0.0682 0.0151  -0.0410 47 GLY A O   
321 N N   . ASP A 48 ? 0.2338 0.3053 0.3497 -0.0596 0.0046  -0.0309 48 ASP A N   
322 C CA  . ASP A 48 ? 0.2589 0.3107 0.3632 -0.0703 0.0138  -0.0173 48 ASP A CA  
323 C C   . ASP A 48 ? 0.2413 0.3018 0.3358 -0.0601 0.0211  -0.0120 48 ASP A C   
324 O O   . ASP A 48 ? 0.2234 0.2930 0.3201 -0.0442 0.0157  -0.0164 48 ASP A O   
325 C CB  . ASP A 48 ? 0.2552 0.2680 0.3440 -0.0674 0.0065  -0.0127 48 ASP A CB  
326 C CG  . ASP A 48 ? 0.3341 0.3276 0.4355 -0.0793 -0.0047 -0.0200 48 ASP A CG  
327 O OD1 . ASP A 48 ? 0.3532 0.3205 0.4493 -0.0689 -0.0163 -0.0274 48 ASP A OD1 
328 O OD2 . ASP A 48 ? 0.3562 0.3636 0.4763 -0.0985 -0.0037 -0.0210 48 ASP A OD2 
329 N N   . VAL A 49 ? 0.2170 0.2736 0.3006 -0.0705 0.0304  -0.0018 49 VAL A N   
330 C CA  . VAL A 49 ? 0.1955 0.2596 0.2685 -0.0610 0.0356  -0.0007 49 VAL A CA  
331 C C   . VAL A 49 ? 0.2338 0.2651 0.2824 -0.0622 0.0344  0.0141  49 VAL A C   
332 O O   . VAL A 49 ? 0.2735 0.2853 0.3132 -0.0770 0.0337  0.0264  49 VAL A O   
333 C CB  . VAL A 49 ? 0.2012 0.3091 0.2831 -0.0705 0.0481  -0.0081 49 VAL A CB  
334 C CG1 . VAL A 49 ? 0.2083 0.3253 0.2788 -0.0582 0.0509  -0.0137 49 VAL A CG1 
335 C CG2 . VAL A 49 ? 0.1946 0.3413 0.3080 -0.0654 0.0466  -0.0276 49 VAL A CG2 
336 N N   . VAL A 50 ? 0.2396 0.2628 0.2803 -0.0473 0.0306  0.0138  50 VAL A N   
337 C CA  . VAL A 50 ? 0.2534 0.2536 0.2748 -0.0459 0.0281  0.0246  50 VAL A CA  
338 C C   . VAL A 50 ? 0.2524 0.2676 0.2651 -0.0426 0.0321  0.0215  50 VAL A C   
339 O O   . VAL A 50 ? 0.2630 0.2997 0.2889 -0.0345 0.0325  0.0072  50 VAL A O   
340 C CB  . VAL A 50 ? 0.2648 0.2500 0.2867 -0.0333 0.0196  0.0248  50 VAL A CB  
341 C CG1 . VAL A 50 ? 0.2996 0.2768 0.3277 -0.0338 0.0148  0.0211  50 VAL A CG1 
342 C CG2 . VAL A 50 ? 0.2683 0.2660 0.2995 -0.0245 0.0161  0.0203  50 VAL A CG2 
343 N N   . GLU A 51 ? 0.2633 0.2664 0.2552 -0.0467 0.0312  0.0323  51 GLU A N   
344 C CA  . GLU A 51 ? 0.2754 0.2932 0.2547 -0.0422 0.0323  0.0270  51 GLU A CA  
345 C C   . GLU A 51 ? 0.2936 0.2886 0.2683 -0.0314 0.0210  0.0304  51 GLU A C   
346 O O   . GLU A 51 ? 0.3148 0.2868 0.2863 -0.0309 0.0146  0.0411  51 GLU A O   
347 C CB  . GLU A 51 ? 0.3203 0.3533 0.2743 -0.0588 0.0400  0.0387  51 GLU A CB  
348 C CG  . GLU A 51 ? 0.3263 0.3840 0.2625 -0.0534 0.0410  0.0292  51 GLU A CG  
349 C CD  . GLU A 51 ? 0.4705 0.5472 0.3722 -0.0734 0.0478  0.0473  51 GLU A CD  
350 O OE1 . GLU A 51 ? 0.4746 0.5374 0.3682 -0.0942 0.0494  0.0715  51 GLU A OE1 
351 O OE2 . GLU A 51 ? 0.4656 0.5705 0.3469 -0.0697 0.0490  0.0383  51 GLU A OE2 
352 N N   . VAL A 52 ? 0.2789 0.2830 0.2583 -0.0217 0.0162  0.0177  52 VAL A N   
353 C CA  . VAL A 52 ? 0.2890 0.2804 0.2659 -0.0151 0.0051  0.0193  52 VAL A CA  
354 C C   . VAL A 52 ? 0.3025 0.3055 0.2547 -0.0160 0.0044  0.0171  52 VAL A C   
355 O O   . VAL A 52 ? 0.3070 0.3350 0.2567 -0.0133 0.0077  0.0000  52 VAL A O   
356 C CB  . VAL A 52 ? 0.2445 0.2339 0.2446 -0.0080 -0.0046 0.0085  52 VAL A CB  
357 C CG1 . VAL A 52 ? 0.2984 0.2802 0.3006 -0.0061 -0.0159 0.0112  52 VAL A CG1 
358 C CG2 . VAL A 52 ? 0.2658 0.2498 0.2832 -0.0098 -0.0044 0.0146  52 VAL A CG2 
359 N N   . LYS A 53 ? 0.3010 0.2897 0.2346 -0.0182 -0.0017 0.0323  53 LYS A N   
360 C CA  . LYS A 53 ? 0.3174 0.3174 0.2187 -0.0222 -0.0040 0.0372  53 LYS A CA  
361 C C   . LYS A 53 ? 0.3491 0.3350 0.2457 -0.0134 -0.0210 0.0407  53 LYS A C   
362 O O   . LYS A 53 ? 0.3658 0.3309 0.2770 -0.0083 -0.0291 0.0483  53 LYS A O   
363 C CB  . LYS A 53 ? 0.3973 0.3918 0.2738 -0.0392 0.0015  0.0611  53 LYS A CB  
364 C CG  . LYS A 53 ? 0.6312 0.6499 0.4672 -0.0503 0.0028  0.0711  53 LYS A CG  
365 C CD  . LYS A 53 ? 0.8105 0.8199 0.6248 -0.0748 0.0065  0.1024  53 LYS A CD  
366 C CE  . LYS A 53 ? 1.0222 1.0590 0.7884 -0.0917 0.0068  0.1213  53 LYS A CE  
367 N NZ  . LYS A 53 ? 1.0904 1.1900 0.8471 -0.1098 0.0310  0.1140  53 LYS A NZ  
368 N N   . LYS A 54 ? 0.3401 0.3446 0.2183 -0.0100 -0.0273 0.0311  54 LYS A N   
369 C CA  . LYS A 54 ? 0.3403 0.3368 0.2150 -0.0013 -0.0462 0.0324  54 LYS A CA  
370 C C   . LYS A 54 ? 0.4571 0.4324 0.3054 -0.0049 -0.0560 0.0599  54 LYS A C   
371 O O   . LYS A 54 ? 0.4968 0.4740 0.3141 -0.0187 -0.0492 0.0772  54 LYS A O   
372 C CB  . LYS A 54 ? 0.3637 0.3875 0.2226 0.0034  -0.0529 0.0123  54 LYS A CB  
373 C CG  . LYS A 54 ? 0.4066 0.4281 0.2680 0.0126  -0.0745 0.0078  54 LYS A CG  
374 C CD  . LYS A 54 ? 0.5182 0.5673 0.3690 0.0183  -0.0832 -0.0193 54 LYS A CD  
375 C CE  . LYS A 54 ? 0.8405 0.9018 0.6520 0.0210  -0.0991 -0.0123 54 LYS A CE  
376 N NZ  . LYS A 54 ? 1.0714 1.1079 0.8926 0.0255  -0.1154 0.0080  54 LYS A NZ  
377 N N   . VAL A 55 ? 0.4134 0.3705 0.2763 0.0064  -0.0735 0.0637  55 VAL A N   
378 C CA  . VAL A 55 ? 0.4500 0.3774 0.2931 0.0079  -0.0918 0.0881  55 VAL A CA  
379 C C   . VAL A 55 ? 0.5291 0.4618 0.3584 0.0192  -0.1154 0.0879  55 VAL A C   
380 O O   . VAL A 55 ? 0.4875 0.4477 0.3264 0.0244  -0.1160 0.0670  55 VAL A O   
381 C CB  . VAL A 55 ? 0.5989 0.5002 0.4745 0.0169  -0.0972 0.0889  55 VAL A CB  
382 C CG1 . VAL A 55 ? 0.5294 0.4247 0.4136 0.0050  -0.0775 0.0904  55 VAL A CG1 
383 C CG2 . VAL A 55 ? 0.5741 0.4953 0.4909 0.0330  -0.1011 0.0664  55 VAL A CG2 
384 O OXT . VAL A 55 ? 0.6376 0.5430 0.4481 0.0225  -0.1369 0.1094  55 VAL A OXT 
# 
